data_7EI4
#
_entry.id   7EI4
#
_cell.length_a   59.139
_cell.length_b   115.077
_cell.length_c   125.789
_cell.angle_alpha   90.000
_cell.angle_beta   91.080
_cell.angle_gamma   90.000
#
_symmetry.space_group_name_H-M   'P 1 21 1'
#
loop_
_entity.id
_entity.type
_entity.pdbx_description
1 polymer 'Acetyl-CoA C-acyltransferase'
2 non-polymer '(6S,7R,9E)-6,7-bis(oxidanyl)hexadeca-9,15-dien-11,13-diynoic acid'
3 water water
#
_entity_poly.entity_id   1
_entity_poly.type   'polypeptide(L)'
_entity_poly.pdbx_seq_one_letter_code
;MVKDEIVISSALRTPIGAFSGTLKDTPAAALGAHVVKTLLERTGLAPERVDEVVMGNVLQAGNGMNVARQVAVNGGLPVA
VPAHTVNRVCGSGAQAVVTAYAQIRSGLSNLVIAGGVENMDQAPYLMPSLRHGARMGHTQALDALLRDGLNDAFSDQHSG
WHTEDLVAKYEVSREAQDRFAATSQQRFAAAQAAGWFEGEIVPVTITTRKGETVFAKDEANRPDTTEAGLAKLRPAFRKD
GTITAGNAPGLNAGAAAMIVSSHATATELGLQPQLVIRGIGVAAVEPGLFGFGPVPAIKLALAQAQWQVQDVDRFEVNEA
FAAVGLVVRDELGIAPERFNVDGGAIAHGHPIGATGAILLTKVAHALRRTSERRAVVSLCIGGGQGIALALERVKLAAAL
EHHHHHH
;
_entity_poly.pdbx_strand_id   A,B,C,D
#
# COMPACT_ATOMS: atom_id res chain seq x y z
N LYS A 3 18.05 48.31 -20.94
CA LYS A 3 18.34 47.28 -22.00
C LYS A 3 18.96 46.00 -21.38
N ASP A 4 19.76 46.16 -20.31
CA ASP A 4 20.19 45.07 -19.37
C ASP A 4 19.11 44.83 -18.30
N GLU A 5 18.01 45.60 -18.33
CA GLU A 5 16.82 45.29 -17.50
C GLU A 5 16.30 43.90 -17.92
N ILE A 6 15.83 43.16 -16.93
CA ILE A 6 15.32 41.77 -17.10
C ILE A 6 13.81 41.81 -17.27
N VAL A 7 13.31 41.21 -18.35
CA VAL A 7 11.89 41.28 -18.71
C VAL A 7 11.29 39.89 -18.82
N ILE A 8 9.98 39.85 -18.58
CA ILE A 8 9.09 38.68 -18.77
C ILE A 8 8.32 38.89 -20.08
N SER A 9 8.37 37.89 -20.96
CA SER A 9 7.63 37.85 -22.24
C SER A 9 6.78 36.57 -22.32
N SER A 10 5.66 36.65 -23.06
CA SER A 10 4.82 35.49 -23.45
C SER A 10 4.41 34.64 -22.23
N ALA A 11 4.03 35.26 -21.13
CA ALA A 11 3.49 34.54 -19.95
C ALA A 11 2.16 33.88 -20.37
N LEU A 12 2.04 32.58 -20.13
CA LEU A 12 0.83 31.81 -20.46
C LEU A 12 0.58 30.77 -19.39
N ARG A 13 -0.67 30.33 -19.26
CA ARG A 13 -1.05 29.31 -18.25
C ARG A 13 -2.14 28.41 -18.78
N THR A 14 -2.25 27.23 -18.21
CA THR A 14 -3.45 26.37 -18.40
C THR A 14 -4.57 27.02 -17.61
N PRO A 15 -5.85 26.62 -17.86
CA PRO A 15 -6.89 26.88 -16.90
C PRO A 15 -6.54 26.03 -15.67
N ILE A 16 -7.11 26.36 -14.54
CA ILE A 16 -6.83 25.66 -13.27
C ILE A 16 -7.92 24.63 -13.01
N GLY A 17 -7.51 23.40 -12.76
CA GLY A 17 -8.40 22.27 -12.46
C GLY A 17 -8.82 22.24 -11.01
N ALA A 18 -10.04 21.79 -10.76
CA ALA A 18 -10.58 21.51 -9.42
C ALA A 18 -10.02 20.18 -8.92
N PHE A 19 -10.04 20.01 -7.60
CA PHE A 19 -9.71 18.70 -6.99
C PHE A 19 -10.68 17.66 -7.56
N SER A 20 -10.14 16.55 -8.05
CA SER A 20 -10.89 15.40 -8.64
C SER A 20 -11.59 15.90 -9.91
N GLY A 21 -11.04 16.95 -10.53
CA GLY A 21 -11.64 17.65 -11.67
C GLY A 21 -11.06 17.24 -13.00
N THR A 22 -11.12 18.13 -13.97
CA THR A 22 -10.86 17.82 -15.40
C THR A 22 -9.41 17.37 -15.61
N LEU A 23 -8.47 17.88 -14.81
CA LEU A 23 -7.03 17.58 -15.02
C LEU A 23 -6.59 16.42 -14.14
N LYS A 24 -7.50 15.71 -13.47
CA LYS A 24 -7.09 14.70 -12.45
C LYS A 24 -6.19 13.62 -13.04
N ASP A 25 -6.26 13.33 -14.34
CA ASP A 25 -5.46 12.25 -14.98
C ASP A 25 -4.31 12.80 -15.80
N THR A 26 -4.02 14.10 -15.71
CA THR A 26 -2.99 14.75 -16.55
C THR A 26 -1.82 15.17 -15.67
N PRO A 27 -0.65 14.49 -15.76
CA PRO A 27 0.50 14.83 -14.93
C PRO A 27 0.90 16.31 -15.02
N ALA A 28 1.38 16.84 -13.90
CA ALA A 28 1.90 18.22 -13.81
C ALA A 28 2.89 18.49 -14.94
N ALA A 29 3.78 17.54 -15.23
CA ALA A 29 4.81 17.73 -16.28
C ALA A 29 4.14 17.88 -17.66
N ALA A 30 3.03 17.18 -17.91
CA ALA A 30 2.31 17.26 -19.19
C ALA A 30 1.63 18.64 -19.30
N LEU A 31 1.11 19.18 -18.20
CA LEU A 31 0.52 20.54 -18.20
C LEU A 31 1.60 21.55 -18.56
N GLY A 32 2.78 21.45 -17.95
CA GLY A 32 3.89 22.36 -18.29
C GLY A 32 4.31 22.22 -19.74
N ALA A 33 4.45 20.99 -20.22
CA ALA A 33 4.87 20.72 -21.62
C ALA A 33 3.89 21.40 -22.59
N HIS A 34 2.60 21.34 -22.28
CA HIS A 34 1.54 21.92 -23.15
C HIS A 34 1.72 23.44 -23.23
N VAL A 35 2.01 24.08 -22.10
CA VAL A 35 2.23 25.54 -22.06
C VAL A 35 3.49 25.87 -22.88
N VAL A 36 4.58 25.12 -22.68
CA VAL A 36 5.85 25.39 -23.38
C VAL A 36 5.65 25.25 -24.89
N LYS A 37 4.95 24.20 -25.33
CA LYS A 37 4.70 23.98 -26.78
C LYS A 37 3.97 25.20 -27.36
N THR A 38 2.95 25.69 -26.66
CA THR A 38 2.14 26.83 -27.13
C THR A 38 2.99 28.10 -27.13
N LEU A 39 3.75 28.33 -26.07
CA LEU A 39 4.66 29.50 -25.94
C LEU A 39 5.59 29.54 -27.16
N LEU A 40 6.16 28.41 -27.55
CA LEU A 40 7.12 28.35 -28.67
C LEU A 40 6.39 28.67 -29.98
N GLU A 41 5.19 28.14 -30.18
CA GLU A 41 4.50 28.36 -31.47
C GLU A 41 4.04 29.82 -31.57
N ARG A 42 3.55 30.43 -30.51
CA ARG A 42 3.05 31.84 -30.54
C ARG A 42 4.21 32.84 -30.69
N THR A 43 5.32 32.64 -29.99
CA THR A 43 6.49 33.55 -30.03
C THR A 43 7.28 33.39 -31.32
N GLY A 44 7.26 32.19 -31.92
CA GLY A 44 8.17 31.80 -33.00
C GLY A 44 9.62 31.75 -32.56
N LEU A 45 9.89 31.70 -31.26
CA LEU A 45 11.26 31.67 -30.72
C LEU A 45 11.99 30.43 -31.26
N ALA A 46 13.20 30.59 -31.81
CA ALA A 46 14.06 29.45 -32.22
C ALA A 46 14.36 28.64 -30.95
N PRO A 47 13.95 27.36 -30.88
CA PRO A 47 14.14 26.56 -29.66
C PRO A 47 15.59 26.52 -29.18
N GLU A 48 16.56 26.65 -30.10
CA GLU A 48 18.01 26.61 -29.80
C GLU A 48 18.45 27.85 -29.00
N ARG A 49 17.62 28.92 -28.97
CA ARG A 49 17.95 30.15 -28.19
C ARG A 49 17.50 29.98 -26.72
N VAL A 50 16.86 28.87 -26.35
CA VAL A 50 16.51 28.62 -24.93
C VAL A 50 17.74 28.01 -24.23
N ASP A 51 18.26 28.71 -23.23
CA ASP A 51 19.50 28.29 -22.53
C ASP A 51 19.16 27.31 -21.40
N GLU A 52 17.96 27.39 -20.85
CA GLU A 52 17.56 26.57 -19.69
C GLU A 52 16.06 26.64 -19.50
N VAL A 53 15.48 25.57 -18.99
CA VAL A 53 14.10 25.54 -18.45
C VAL A 53 14.18 25.35 -16.94
N VAL A 54 13.57 26.26 -16.19
CA VAL A 54 13.46 26.16 -14.72
C VAL A 54 11.99 26.06 -14.37
N MET A 55 11.61 25.00 -13.64
CA MET A 55 10.20 24.83 -13.23
C MET A 55 10.10 24.63 -11.73
N GLY A 56 9.17 25.34 -11.11
CA GLY A 56 8.76 25.04 -9.74
C GLY A 56 7.86 23.81 -9.71
N ASN A 57 8.02 22.99 -8.68
CA ASN A 57 7.13 21.83 -8.44
C ASN A 57 7.36 21.42 -6.98
N VAL A 58 6.31 21.34 -6.19
CA VAL A 58 6.44 21.06 -4.73
C VAL A 58 6.23 19.57 -4.47
N LEU A 59 5.20 18.99 -5.05
CA LEU A 59 4.89 17.55 -4.82
C LEU A 59 5.58 16.77 -5.94
N GLN A 60 6.90 16.61 -5.83
CA GLN A 60 7.73 15.94 -6.86
C GLN A 60 7.53 14.43 -6.78
N ALA A 61 7.00 13.91 -5.66
CA ALA A 61 6.84 12.47 -5.42
C ALA A 61 6.07 11.82 -6.59
N GLY A 62 6.68 10.82 -7.23
CA GLY A 62 6.01 10.04 -8.28
C GLY A 62 5.94 10.75 -9.62
N ASN A 63 6.52 11.96 -9.76
CA ASN A 63 6.45 12.69 -11.04
C ASN A 63 7.58 12.22 -11.98
N GLY A 64 8.46 11.33 -11.51
CA GLY A 64 9.60 10.88 -12.32
C GLY A 64 10.76 11.84 -12.24
N MET A 65 11.89 11.42 -12.81
CA MET A 65 13.16 12.13 -12.67
C MET A 65 13.02 13.57 -13.20
N ASN A 66 13.27 14.57 -12.36
CA ASN A 66 13.47 15.99 -12.74
C ASN A 66 12.32 16.52 -13.62
N VAL A 67 11.22 16.93 -12.98
CA VAL A 67 10.00 17.43 -13.67
C VAL A 67 10.36 18.46 -14.73
N ALA A 68 11.27 19.40 -14.43
CA ALA A 68 11.60 20.50 -15.37
C ALA A 68 12.11 19.92 -16.70
N ARG A 69 12.90 18.85 -16.66
CA ARG A 69 13.47 18.23 -17.87
C ARG A 69 12.33 17.59 -18.68
N GLN A 70 11.35 16.99 -18.01
CA GLN A 70 10.18 16.39 -18.70
C GLN A 70 9.38 17.51 -19.36
N VAL A 71 9.17 18.63 -18.65
CA VAL A 71 8.45 19.80 -19.22
C VAL A 71 9.17 20.26 -20.50
N ALA A 72 10.49 20.38 -20.45
CA ALA A 72 11.30 20.89 -21.57
C ALA A 72 11.21 19.93 -22.76
N VAL A 73 11.54 18.65 -22.55
CA VAL A 73 11.64 17.67 -23.66
C VAL A 73 10.23 17.39 -24.21
N ASN A 74 9.26 17.17 -23.34
CA ASN A 74 7.87 16.87 -23.80
C ASN A 74 7.23 18.14 -24.40
N GLY A 75 7.76 19.32 -24.06
CA GLY A 75 7.32 20.61 -24.63
C GLY A 75 7.89 20.84 -26.02
N GLY A 76 8.74 19.94 -26.50
CA GLY A 76 9.31 20.01 -27.86
C GLY A 76 10.63 20.77 -27.92
N LEU A 77 11.26 21.09 -26.78
CA LEU A 77 12.60 21.73 -26.81
C LEU A 77 13.62 20.66 -27.14
N PRO A 78 14.71 21.03 -27.85
CA PRO A 78 15.79 20.10 -28.15
C PRO A 78 16.38 19.50 -26.86
N VAL A 79 16.87 18.26 -26.95
CA VAL A 79 17.49 17.57 -25.79
C VAL A 79 18.75 18.34 -25.33
N ALA A 80 19.30 19.24 -26.16
CA ALA A 80 20.47 20.07 -25.80
C ALA A 80 20.11 21.14 -24.76
N VAL A 81 18.84 21.37 -24.45
CA VAL A 81 18.43 22.43 -23.48
C VAL A 81 18.41 21.83 -22.08
N PRO A 82 19.28 22.30 -21.16
CA PRO A 82 19.29 21.85 -19.78
C PRO A 82 18.04 22.32 -19.01
N ALA A 83 17.75 21.68 -17.88
CA ALA A 83 16.52 21.96 -17.11
C ALA A 83 16.71 21.50 -15.67
N HIS A 84 16.17 22.25 -14.72
CA HIS A 84 16.16 21.82 -13.31
C HIS A 84 14.91 22.31 -12.60
N THR A 85 14.59 21.63 -11.50
CA THR A 85 13.34 21.82 -10.75
C THR A 85 13.66 22.52 -9.43
N VAL A 86 12.91 23.56 -9.09
CA VAL A 86 13.10 24.30 -7.82
C VAL A 86 11.88 24.11 -6.93
N ASN A 87 12.12 24.15 -5.63
CA ASN A 87 11.10 23.98 -4.58
C ASN A 87 11.35 25.02 -3.51
N ARG A 88 10.53 26.07 -3.51
CA ARG A 88 10.36 26.99 -2.36
C ARG A 88 8.86 27.03 -2.03
N VAL A 89 8.28 25.84 -1.89
CA VAL A 89 6.86 25.55 -1.57
C VAL A 89 5.97 26.48 -2.40
N CYS A 90 5.04 27.20 -1.78
CA CYS A 90 4.06 28.00 -2.56
C CYS A 90 4.74 29.09 -3.37
N GLY A 91 5.97 29.45 -3.03
CA GLY A 91 6.73 30.44 -3.82
C GLY A 91 7.37 29.86 -5.07
N SER A 92 7.30 28.55 -5.30
CA SER A 92 8.15 27.83 -6.28
C SER A 92 8.01 28.41 -7.70
N GLY A 93 6.78 28.72 -8.12
CA GLY A 93 6.55 29.19 -9.50
C GLY A 93 7.10 30.59 -9.72
N ALA A 94 7.12 31.42 -8.68
CA ALA A 94 7.79 32.75 -8.71
C ALA A 94 9.30 32.54 -8.55
N GLN A 95 9.71 31.58 -7.71
CA GLN A 95 11.16 31.30 -7.54
C GLN A 95 11.78 30.97 -8.89
N ALA A 96 11.10 30.20 -9.74
CA ALA A 96 11.68 29.82 -11.05
C ALA A 96 12.11 31.07 -11.83
N VAL A 97 11.30 32.13 -11.75
CA VAL A 97 11.56 33.40 -12.45
C VAL A 97 12.74 34.13 -11.77
N VAL A 98 12.82 34.11 -10.45
CA VAL A 98 13.96 34.71 -9.70
C VAL A 98 15.24 33.93 -10.07
N THR A 99 15.17 32.60 -10.10
CA THR A 99 16.31 31.74 -10.51
C THR A 99 16.78 32.17 -11.91
N ALA A 100 15.85 32.32 -12.85
CA ALA A 100 16.13 32.78 -14.23
C ALA A 100 16.84 34.15 -14.21
N TYR A 101 16.29 35.10 -13.46
CA TYR A 101 16.87 36.46 -13.29
C TYR A 101 18.32 36.32 -12.83
N ALA A 102 18.58 35.50 -11.81
CA ALA A 102 19.94 35.34 -11.26
C ALA A 102 20.87 34.73 -12.32
N GLN A 103 20.40 33.74 -13.09
CA GLN A 103 21.23 33.09 -14.13
C GLN A 103 21.57 34.10 -15.23
N ILE A 104 20.63 34.98 -15.57
CA ILE A 104 20.89 35.97 -16.65
C ILE A 104 21.83 37.05 -16.14
N ARG A 105 21.56 37.61 -14.96
CA ARG A 105 22.38 38.72 -14.40
C ARG A 105 23.81 38.22 -14.13
N SER A 106 23.99 36.94 -13.80
CA SER A 106 25.32 36.38 -13.46
C SER A 106 26.07 35.90 -14.72
N GLY A 107 25.43 35.93 -15.89
CA GLY A 107 26.06 35.55 -17.17
C GLY A 107 26.00 34.05 -17.45
N LEU A 108 25.31 33.26 -16.64
CA LEU A 108 25.19 31.79 -16.88
C LEU A 108 24.23 31.52 -18.04
N SER A 109 23.25 32.40 -18.24
CA SER A 109 22.17 32.22 -19.25
C SER A 109 21.90 33.56 -19.94
N ASN A 110 21.37 33.52 -21.17
CA ASN A 110 20.80 34.70 -21.86
C ASN A 110 19.27 34.63 -21.91
N LEU A 111 18.69 33.45 -22.02
CA LEU A 111 17.21 33.34 -22.14
C LEU A 111 16.77 32.06 -21.45
N VAL A 112 15.79 32.17 -20.55
CA VAL A 112 15.30 31.05 -19.73
C VAL A 112 13.79 30.95 -19.91
N ILE A 113 13.26 29.74 -20.07
CA ILE A 113 11.80 29.52 -19.89
C ILE A 113 11.60 29.10 -18.44
N ALA A 114 10.83 29.88 -17.69
CA ALA A 114 10.62 29.70 -16.26
C ALA A 114 9.13 29.59 -15.97
N GLY A 115 8.78 28.75 -15.01
CA GLY A 115 7.39 28.69 -14.56
C GLY A 115 7.23 27.66 -13.48
N GLY A 116 6.02 27.11 -13.40
CA GLY A 116 5.75 26.08 -12.39
C GLY A 116 4.60 25.19 -12.80
N VAL A 117 4.53 24.03 -12.19
CA VAL A 117 3.53 22.99 -12.50
C VAL A 117 3.11 22.36 -11.19
N GLU A 118 1.86 21.94 -11.08
CA GLU A 118 1.41 21.15 -9.93
C GLU A 118 0.13 20.41 -10.31
N ASN A 119 -0.04 19.21 -9.78
CA ASN A 119 -1.32 18.49 -9.90
C ASN A 119 -1.54 17.74 -8.59
N MET A 120 -2.41 18.26 -7.73
CA MET A 120 -2.53 17.70 -6.35
C MET A 120 -3.25 16.34 -6.40
N ASP A 121 -4.20 16.11 -7.31
CA ASP A 121 -4.79 14.76 -7.50
C ASP A 121 -3.70 13.73 -7.80
N GLN A 122 -2.74 14.11 -8.63
CA GLN A 122 -1.68 13.20 -9.13
C GLN A 122 -0.62 12.99 -8.03
N ALA A 123 -0.63 13.71 -6.93
CA ALA A 123 0.28 13.42 -5.80
C ALA A 123 -0.06 12.03 -5.27
N PRO A 124 0.94 11.12 -5.16
CA PRO A 124 0.67 9.77 -4.68
C PRO A 124 0.56 9.72 -3.16
N TYR A 125 0.14 8.56 -2.66
CA TYR A 125 0.32 8.17 -1.24
C TYR A 125 1.73 7.59 -1.09
N LEU A 126 2.27 7.74 0.11
CA LEU A 126 3.62 7.28 0.50
C LEU A 126 3.50 6.16 1.53
N MET A 127 4.32 5.13 1.43
CA MET A 127 4.37 4.02 2.41
C MET A 127 5.79 3.97 2.98
N PRO A 128 6.06 4.74 4.05
CA PRO A 128 7.41 4.78 4.65
C PRO A 128 7.88 3.42 5.18
N SER A 129 6.96 2.54 5.58
CA SER A 129 7.32 1.25 6.21
C SER A 129 7.45 0.12 5.17
N LEU A 130 7.16 0.36 3.88
CA LEU A 130 7.16 -0.73 2.89
C LEU A 130 8.59 -1.18 2.55
N ARG A 131 9.60 -0.31 2.60
CA ARG A 131 10.95 -0.77 2.17
C ARG A 131 11.46 -1.85 3.13
N HIS A 132 11.46 -1.55 4.43
CA HIS A 132 12.11 -2.44 5.44
C HIS A 132 11.08 -3.07 6.37
N GLY A 133 9.79 -2.78 6.20
CA GLY A 133 8.71 -3.58 6.81
C GLY A 133 8.07 -2.87 7.98
N ALA A 134 6.80 -3.17 8.24
CA ALA A 134 6.04 -2.66 9.40
C ALA A 134 6.16 -3.66 10.57
N ARG A 135 6.55 -4.90 10.26
CA ARG A 135 6.83 -6.02 11.20
C ARG A 135 5.56 -6.58 11.85
N MET A 136 4.86 -5.78 12.64
CA MET A 136 3.59 -6.21 13.31
C MET A 136 2.83 -4.95 13.71
N GLY A 137 1.53 -4.96 13.51
CA GLY A 137 0.65 -3.84 13.87
C GLY A 137 0.38 -2.95 12.68
N HIS A 138 -0.71 -2.22 12.77
CA HIS A 138 -1.17 -1.34 11.65
C HIS A 138 -0.11 -0.29 11.35
N THR A 139 -0.06 0.17 10.10
CA THR A 139 0.92 1.18 9.65
C THR A 139 0.21 2.22 8.78
N GLN A 140 0.79 3.39 8.61
CA GLN A 140 0.13 4.52 7.92
C GLN A 140 0.64 4.60 6.47
N ALA A 141 -0.26 4.90 5.54
CA ALA A 141 0.06 5.39 4.19
C ALA A 141 -0.20 6.90 4.22
N LEU A 142 0.81 7.71 3.92
CA LEU A 142 0.68 9.17 4.04
C LEU A 142 0.23 9.76 2.70
N ASP A 143 -0.67 10.73 2.76
CA ASP A 143 -1.03 11.54 1.58
C ASP A 143 0.15 12.50 1.34
N ALA A 144 0.85 12.36 0.22
CA ALA A 144 2.03 13.21 -0.06
C ALA A 144 1.61 14.69 -0.10
N LEU A 145 0.38 15.04 -0.51
CA LEU A 145 0.08 16.48 -0.61
C LEU A 145 0.12 17.09 0.81
N LEU A 146 -0.18 16.32 1.86
CA LEU A 146 -0.04 16.79 3.26
C LEU A 146 1.43 16.69 3.70
N ARG A 147 2.06 15.54 3.51
CA ARG A 147 3.41 15.31 4.06
C ARG A 147 4.43 16.28 3.43
N ASP A 148 4.38 16.49 2.12
CA ASP A 148 5.44 17.23 1.39
C ASP A 148 4.95 18.63 0.96
N GLY A 149 3.65 18.95 1.11
CA GLY A 149 3.08 20.18 0.53
C GLY A 149 2.45 21.11 1.56
N LEU A 150 1.53 20.62 2.40
CA LEU A 150 0.64 21.51 3.19
C LEU A 150 0.92 21.42 4.69
N ASN A 151 1.49 20.32 5.18
CA ASN A 151 1.85 20.22 6.61
C ASN A 151 3.22 20.86 6.83
N ASP A 152 3.37 21.62 7.90
CA ASP A 152 4.67 22.17 8.33
C ASP A 152 5.63 21.01 8.64
N ALA A 153 6.87 21.11 8.20
CA ALA A 153 7.90 20.06 8.35
C ALA A 153 8.33 19.94 9.82
N PHE A 154 8.15 20.99 10.62
CA PHE A 154 8.66 21.03 12.02
C PHE A 154 7.58 20.51 12.98
N SER A 155 6.32 20.88 12.77
CA SER A 155 5.19 20.57 13.68
C SER A 155 4.35 19.39 13.18
N ASP A 156 4.37 19.10 11.87
CA ASP A 156 3.45 18.17 11.18
C ASP A 156 1.99 18.67 11.25
N GLN A 157 1.76 19.94 11.62
CA GLN A 157 0.41 20.54 11.61
C GLN A 157 0.14 21.14 10.23
N HIS A 158 -1.12 21.14 9.83
CA HIS A 158 -1.55 21.78 8.55
C HIS A 158 -1.19 23.27 8.57
N SER A 159 -0.79 23.82 7.42
CA SER A 159 -0.61 25.28 7.21
C SER A 159 -1.83 26.03 7.76
N GLY A 160 -3.04 25.49 7.58
CA GLY A 160 -4.29 26.13 8.05
C GLY A 160 -4.38 26.16 9.56
N TRP A 161 -3.87 25.12 10.23
CA TRP A 161 -3.77 25.07 11.72
C TRP A 161 -2.86 26.19 12.20
N HIS A 162 -1.69 26.34 11.60
CA HIS A 162 -0.71 27.40 11.97
C HIS A 162 -1.31 28.78 11.68
N THR A 163 -2.08 28.92 10.60
CA THR A 163 -2.62 30.24 10.21
C THR A 163 -3.64 30.73 11.26
N GLU A 164 -4.21 29.84 12.08
CA GLU A 164 -5.10 30.28 13.19
C GLU A 164 -4.31 31.15 14.19
N ASP A 165 -3.00 30.93 14.32
CA ASP A 165 -2.14 31.75 15.23
C ASP A 165 -1.91 33.14 14.60
N LEU A 166 -1.82 33.20 13.27
CA LEU A 166 -1.71 34.47 12.53
C LEU A 166 -3.02 35.23 12.69
N VAL A 167 -4.15 34.52 12.58
CA VAL A 167 -5.51 35.10 12.78
C VAL A 167 -5.58 35.76 14.16
N ALA A 168 -5.15 35.05 15.21
CA ALA A 168 -5.19 35.56 16.60
C ALA A 168 -4.29 36.80 16.72
N LYS A 169 -3.05 36.71 16.24
CA LYS A 169 -2.06 37.81 16.41
C LYS A 169 -2.55 39.10 15.71
N TYR A 170 -3.12 38.99 14.53
CA TYR A 170 -3.51 40.14 13.66
C TYR A 170 -5.01 40.43 13.78
N GLU A 171 -5.69 39.77 14.73
CA GLU A 171 -7.10 40.04 15.10
C GLU A 171 -7.97 40.00 13.85
N VAL A 172 -7.84 38.93 13.06
CA VAL A 172 -8.61 38.77 11.79
C VAL A 172 -9.90 38.02 12.10
N SER A 173 -11.03 38.71 12.09
CA SER A 173 -12.35 38.09 12.41
C SER A 173 -12.73 37.05 11.35
N ARG A 174 -13.50 36.05 11.77
CA ARG A 174 -14.19 35.10 10.85
C ARG A 174 -14.98 35.89 9.80
N GLU A 175 -15.71 36.92 10.23
CA GLU A 175 -16.58 37.73 9.31
C GLU A 175 -15.70 38.37 8.24
N ALA A 176 -14.55 38.94 8.61
CA ALA A 176 -13.62 39.60 7.66
C ALA A 176 -13.09 38.55 6.67
N GLN A 177 -12.76 37.35 7.16
CA GLN A 177 -12.24 36.28 6.28
C GLN A 177 -13.33 35.89 5.24
N ASP A 178 -14.59 35.73 5.68
CA ASP A 178 -15.70 35.32 4.79
C ASP A 178 -16.01 36.45 3.80
N ARG A 179 -15.93 37.71 4.22
CA ARG A 179 -16.12 38.86 3.29
C ARG A 179 -15.06 38.84 2.19
N PHE A 180 -13.81 38.62 2.59
CA PHE A 180 -12.67 38.57 1.66
C PHE A 180 -12.89 37.44 0.65
N ALA A 181 -13.32 36.28 1.14
CA ALA A 181 -13.57 35.07 0.32
C ALA A 181 -14.72 35.33 -0.66
N ALA A 182 -15.83 35.89 -0.20
CA ALA A 182 -17.00 36.17 -1.06
C ALA A 182 -16.58 37.18 -2.15
N THR A 183 -15.76 38.18 -1.78
CA THR A 183 -15.30 39.21 -2.73
C THR A 183 -14.34 38.58 -3.76
N SER A 184 -13.48 37.66 -3.34
CA SER A 184 -12.59 36.94 -4.27
C SER A 184 -13.43 36.18 -5.32
N GLN A 185 -14.48 35.48 -4.87
CA GLN A 185 -15.37 34.71 -5.79
C GLN A 185 -16.04 35.68 -6.76
N GLN A 186 -16.57 36.79 -6.24
CA GLN A 186 -17.36 37.75 -7.06
C GLN A 186 -16.43 38.38 -8.11
N ARG A 187 -15.23 38.82 -7.68
CA ARG A 187 -14.28 39.50 -8.58
C ARG A 187 -13.82 38.54 -9.66
N PHE A 188 -13.48 37.30 -9.26
CA PHE A 188 -13.00 36.31 -10.23
C PHE A 188 -14.12 35.99 -11.24
N ALA A 189 -15.34 35.74 -10.77
CA ALA A 189 -16.47 35.36 -11.67
C ALA A 189 -16.71 36.48 -12.69
N ALA A 190 -16.68 37.74 -12.25
CA ALA A 190 -16.94 38.91 -13.12
C ALA A 190 -15.82 39.02 -14.16
N ALA A 191 -14.57 38.92 -13.73
CA ALA A 191 -13.41 38.98 -14.63
C ALA A 191 -13.49 37.84 -15.65
N GLN A 192 -13.80 36.64 -15.19
CA GLN A 192 -13.90 35.45 -16.07
C GLN A 192 -15.00 35.70 -17.13
N ALA A 193 -16.17 36.17 -16.70
CA ALA A 193 -17.33 36.38 -17.59
C ALA A 193 -17.01 37.48 -18.62
N ALA A 194 -16.20 38.46 -18.24
CA ALA A 194 -15.79 39.59 -19.12
C ALA A 194 -14.74 39.12 -20.15
N GLY A 195 -14.23 37.89 -20.03
CA GLY A 195 -13.23 37.34 -20.97
C GLY A 195 -11.81 37.75 -20.63
N TRP A 196 -11.59 38.27 -19.43
CA TRP A 196 -10.28 38.88 -19.04
C TRP A 196 -9.17 37.85 -18.89
N PHE A 197 -9.51 36.56 -18.76
CA PHE A 197 -8.50 35.48 -18.64
C PHE A 197 -8.33 34.73 -19.97
N GLU A 198 -9.11 35.06 -21.01
CA GLU A 198 -9.03 34.28 -22.27
C GLU A 198 -7.64 34.44 -22.90
N GLY A 199 -7.04 35.62 -22.86
CA GLY A 199 -5.76 35.87 -23.54
C GLY A 199 -4.60 35.09 -22.94
N GLU A 200 -4.61 34.85 -21.63
CA GLU A 200 -3.49 34.23 -20.91
C GLU A 200 -3.63 32.70 -20.89
N ILE A 201 -4.81 32.17 -21.18
CA ILE A 201 -5.09 30.71 -21.01
C ILE A 201 -4.79 29.96 -22.30
N VAL A 202 -4.08 28.84 -22.18
CA VAL A 202 -3.88 27.86 -23.29
C VAL A 202 -4.78 26.66 -23.00
N PRO A 203 -5.84 26.47 -23.79
CA PRO A 203 -6.73 25.33 -23.56
C PRO A 203 -5.98 23.99 -23.67
N VAL A 204 -6.41 23.00 -22.91
CA VAL A 204 -5.82 21.62 -22.92
C VAL A 204 -6.89 20.67 -23.42
N THR A 205 -6.58 19.84 -24.42
CA THR A 205 -7.48 18.78 -24.91
C THR A 205 -7.24 17.51 -24.07
N ILE A 206 -8.29 17.04 -23.40
CA ILE A 206 -8.26 15.83 -22.52
C ILE A 206 -8.94 14.70 -23.28
N THR A 207 -8.24 13.58 -23.50
CA THR A 207 -8.80 12.36 -24.12
C THR A 207 -9.34 11.45 -23.01
N THR A 208 -10.64 11.16 -23.10
CA THR A 208 -11.44 10.36 -22.14
C THR A 208 -11.96 9.09 -22.83
N GLY A 211 -14.04 9.80 -26.13
CA GLY A 211 -14.23 11.21 -26.49
C GLY A 211 -13.10 12.11 -26.03
N GLU A 212 -13.05 13.30 -26.61
CA GLU A 212 -12.13 14.40 -26.23
C GLU A 212 -12.94 15.54 -25.63
N THR A 213 -12.35 16.23 -24.66
CA THR A 213 -12.89 17.44 -23.99
C THR A 213 -11.86 18.55 -24.17
N VAL A 214 -12.26 19.75 -24.59
CA VAL A 214 -11.36 20.93 -24.56
C VAL A 214 -11.59 21.64 -23.23
N PHE A 215 -10.57 21.62 -22.36
CA PHE A 215 -10.58 22.34 -21.08
C PHE A 215 -9.99 23.73 -21.31
N ALA A 216 -10.84 24.75 -21.30
CA ALA A 216 -10.47 26.12 -21.76
C ALA A 216 -10.75 27.16 -20.67
N LYS A 217 -11.46 26.82 -19.61
CA LYS A 217 -11.94 27.78 -18.59
C LYS A 217 -11.63 27.26 -17.20
N ASP A 218 -11.16 28.14 -16.32
CA ASP A 218 -10.95 27.85 -14.88
C ASP A 218 -12.26 27.28 -14.31
N GLU A 219 -12.21 26.15 -13.60
CA GLU A 219 -13.42 25.40 -13.19
C GLU A 219 -13.58 25.36 -11.67
N ALA A 220 -12.62 25.84 -10.87
CA ALA A 220 -12.61 25.61 -9.41
C ALA A 220 -13.42 26.66 -8.66
N ASN A 221 -13.85 27.72 -9.33
CA ASN A 221 -14.51 28.87 -8.66
C ASN A 221 -15.98 28.56 -8.38
N ARG A 222 -16.55 29.27 -7.41
CA ARG A 222 -17.96 29.10 -6.99
C ARG A 222 -18.65 30.45 -7.05
N PRO A 223 -19.16 30.86 -8.23
CA PRO A 223 -19.76 32.20 -8.36
C PRO A 223 -20.98 32.47 -7.48
N ASP A 224 -21.66 31.43 -7.00
CA ASP A 224 -22.89 31.56 -6.19
C ASP A 224 -22.55 31.71 -4.71
N THR A 225 -21.28 31.79 -4.34
CA THR A 225 -20.81 31.99 -2.95
C THR A 225 -21.47 33.23 -2.34
N THR A 226 -22.02 33.09 -1.13
CA THR A 226 -22.54 34.23 -0.32
C THR A 226 -21.89 34.25 1.05
N GLU A 227 -21.83 35.42 1.66
CA GLU A 227 -21.33 35.55 3.05
C GLU A 227 -22.20 34.73 3.99
N ALA A 228 -23.51 34.65 3.76
CA ALA A 228 -24.43 33.87 4.62
C ALA A 228 -24.07 32.39 4.55
N GLY A 229 -23.81 31.88 3.34
CA GLY A 229 -23.40 30.48 3.16
C GLY A 229 -22.06 30.21 3.81
N LEU A 230 -21.10 31.12 3.66
CA LEU A 230 -19.73 30.96 4.25
C LEU A 230 -19.85 30.93 5.78
N ALA A 231 -20.75 31.69 6.38
CA ALA A 231 -20.89 31.81 7.84
C ALA A 231 -21.35 30.46 8.42
N LYS A 232 -21.96 29.59 7.61
CA LYS A 232 -22.52 28.30 8.08
C LYS A 232 -21.43 27.22 8.15
N LEU A 233 -20.27 27.43 7.52
CA LEU A 233 -19.25 26.37 7.38
C LEU A 233 -18.54 26.15 8.73
N ARG A 234 -18.14 24.89 8.94
CA ARG A 234 -17.42 24.49 10.17
C ARG A 234 -15.94 24.81 9.96
N PRO A 235 -15.23 25.20 11.04
CA PRO A 235 -13.79 25.37 10.98
C PRO A 235 -13.12 24.07 10.54
N ALA A 236 -12.13 24.16 9.66
CA ALA A 236 -11.52 22.99 8.97
C ALA A 236 -10.29 22.48 9.73
N PHE A 237 -9.61 23.33 10.52
CA PHE A 237 -8.25 23.01 11.02
C PHE A 237 -8.17 22.98 12.55
N ARG A 238 -9.01 23.71 13.25
CA ARG A 238 -9.13 23.70 14.74
C ARG A 238 -10.60 23.82 15.11
N LYS A 239 -11.02 23.15 16.19
CA LYS A 239 -12.47 23.00 16.52
C LYS A 239 -13.08 24.40 16.77
N ASP A 240 -12.34 25.36 17.32
CA ASP A 240 -12.84 26.73 17.62
C ASP A 240 -12.20 27.72 16.65
N GLY A 241 -11.84 27.28 15.44
CA GLY A 241 -11.10 28.07 14.45
C GLY A 241 -11.99 29.03 13.66
N THR A 242 -11.38 29.75 12.74
CA THR A 242 -12.03 30.72 11.82
C THR A 242 -11.85 30.27 10.37
N ILE A 243 -10.84 29.46 10.09
CA ILE A 243 -10.52 29.05 8.68
C ILE A 243 -11.39 27.84 8.33
N THR A 244 -12.03 27.91 7.16
CA THR A 244 -12.99 26.91 6.64
C THR A 244 -12.62 26.53 5.22
N ALA A 245 -13.28 25.52 4.65
CA ALA A 245 -13.13 25.14 3.23
C ALA A 245 -13.58 26.30 2.33
N GLY A 246 -14.37 27.24 2.85
CA GLY A 246 -14.91 28.36 2.05
C GLY A 246 -14.04 29.60 2.02
N ASN A 247 -13.18 29.81 3.02
CA ASN A 247 -12.28 31.00 3.05
C ASN A 247 -10.83 30.53 2.87
N ALA A 248 -10.65 29.35 2.28
CA ALA A 248 -9.37 28.77 1.82
C ALA A 248 -9.56 28.26 0.39
N PRO A 249 -8.47 28.19 -0.38
CA PRO A 249 -8.51 27.63 -1.73
C PRO A 249 -8.62 26.10 -1.69
N GLY A 250 -8.70 25.49 -2.87
CA GLY A 250 -8.80 24.04 -3.02
C GLY A 250 -7.45 23.37 -3.23
N LEU A 251 -7.50 22.14 -3.73
CA LEU A 251 -6.34 21.27 -4.04
C LEU A 251 -6.28 21.12 -5.57
N ASN A 252 -5.59 22.05 -6.22
CA ASN A 252 -5.80 22.33 -7.66
C ASN A 252 -4.63 21.87 -8.52
N ALA A 253 -4.83 21.96 -9.84
CA ALA A 253 -3.86 21.53 -10.85
C ALA A 253 -3.72 22.63 -11.89
N GLY A 254 -2.50 22.85 -12.36
CA GLY A 254 -2.26 23.79 -13.45
C GLY A 254 -0.80 23.98 -13.72
N ALA A 255 -0.51 24.80 -14.71
CA ALA A 255 0.87 25.14 -15.09
C ALA A 255 0.89 26.54 -15.67
N ALA A 256 2.05 27.19 -15.56
CA ALA A 256 2.29 28.47 -16.25
C ALA A 256 3.75 28.57 -16.57
N ALA A 257 4.09 29.33 -17.60
CA ALA A 257 5.48 29.51 -18.05
C ALA A 257 5.59 30.83 -18.77
N MET A 258 6.82 31.33 -18.81
CA MET A 258 7.11 32.62 -19.46
C MET A 258 8.58 32.64 -19.85
N ILE A 259 8.93 33.56 -20.75
CA ILE A 259 10.33 33.78 -21.17
C ILE A 259 10.89 34.87 -20.25
N VAL A 260 12.09 34.63 -19.73
CA VAL A 260 12.89 35.62 -18.97
C VAL A 260 14.17 35.87 -19.76
N SER A 261 14.49 37.13 -20.00
CA SER A 261 15.66 37.55 -20.79
C SER A 261 15.93 39.02 -20.50
N SER A 262 17.09 39.52 -20.94
CA SER A 262 17.29 40.99 -20.99
C SER A 262 16.26 41.58 -21.95
N HIS A 263 15.96 42.85 -21.79
CA HIS A 263 15.10 43.60 -22.75
C HIS A 263 15.75 43.52 -24.14
N ALA A 264 17.07 43.71 -24.23
CA ALA A 264 17.79 43.71 -25.54
C ALA A 264 17.61 42.35 -26.22
N THR A 265 17.75 41.25 -25.47
CA THR A 265 17.59 39.88 -26.01
C THR A 265 16.16 39.71 -26.54
N ALA A 266 15.17 40.15 -25.78
CA ALA A 266 13.74 40.02 -26.17
C ALA A 266 13.53 40.76 -27.51
N THR A 267 14.00 42.00 -27.62
CA THR A 267 13.88 42.82 -28.85
C THR A 267 14.58 42.10 -30.00
N GLU A 268 15.82 41.65 -29.79
CA GLU A 268 16.66 40.94 -30.81
C GLU A 268 15.85 39.77 -31.39
N LEU A 269 15.13 39.02 -30.55
CA LEU A 269 14.47 37.75 -30.96
C LEU A 269 12.99 37.96 -31.30
N GLY A 270 12.55 39.21 -31.41
CA GLY A 270 11.17 39.56 -31.86
C GLY A 270 10.12 39.19 -30.83
N LEU A 271 10.50 39.15 -29.55
CA LEU A 271 9.53 38.91 -28.45
C LEU A 271 8.93 40.26 -28.05
N GLN A 272 7.73 40.23 -27.48
CA GLN A 272 7.01 41.43 -26.96
C GLN A 272 7.06 41.36 -25.44
N PRO A 273 7.99 42.09 -24.79
CA PRO A 273 8.05 42.10 -23.33
C PRO A 273 6.72 42.60 -22.71
N GLN A 274 6.35 41.98 -21.60
CA GLN A 274 5.11 42.32 -20.85
C GLN A 274 5.47 43.11 -19.60
N LEU A 275 6.48 42.67 -18.85
CA LEU A 275 6.84 43.26 -17.55
C LEU A 275 8.35 43.37 -17.46
N VAL A 276 8.81 44.42 -16.79
CA VAL A 276 10.22 44.55 -16.32
C VAL A 276 10.24 44.16 -14.85
N ILE A 277 11.20 43.33 -14.46
CA ILE A 277 11.44 43.02 -13.04
C ILE A 277 12.21 44.20 -12.44
N ARG A 278 11.57 45.00 -11.61
CA ARG A 278 12.16 46.20 -10.98
C ARG A 278 12.69 45.89 -9.58
N GLY A 279 12.18 44.84 -8.94
CA GLY A 279 12.64 44.48 -7.59
C GLY A 279 12.28 43.05 -7.25
N ILE A 280 13.13 42.42 -6.45
CA ILE A 280 12.94 41.04 -5.96
C ILE A 280 13.15 41.05 -4.46
N GLY A 281 12.25 40.40 -3.73
CA GLY A 281 12.40 40.20 -2.29
C GLY A 281 12.16 38.75 -1.94
N VAL A 282 13.08 38.18 -1.16
CA VAL A 282 12.91 36.84 -0.56
C VAL A 282 13.21 36.99 0.92
N ALA A 283 12.24 36.65 1.76
CA ALA A 283 12.35 36.82 3.23
C ALA A 283 11.89 35.54 3.93
N ALA A 284 12.22 35.42 5.20
CA ALA A 284 11.81 34.29 6.03
C ALA A 284 11.45 34.80 7.42
N VAL A 285 10.53 34.07 8.05
CA VAL A 285 9.89 34.43 9.35
C VAL A 285 9.70 33.12 10.11
N GLU A 286 9.12 33.20 11.31
CA GLU A 286 8.74 32.00 12.10
C GLU A 286 7.90 31.08 11.23
N PRO A 287 8.22 29.78 11.10
CA PRO A 287 7.37 28.84 10.36
C PRO A 287 5.88 28.97 10.69
N GLY A 288 5.55 29.13 11.98
CA GLY A 288 4.16 29.20 12.45
C GLY A 288 3.44 30.45 11.98
N LEU A 289 4.16 31.51 11.60
CA LEU A 289 3.55 32.79 11.13
C LEU A 289 3.89 33.00 9.65
N PHE A 290 3.97 31.94 8.85
CA PHE A 290 4.43 32.02 7.44
C PHE A 290 3.55 32.98 6.63
N GLY A 291 2.28 33.15 7.01
CA GLY A 291 1.34 34.05 6.30
C GLY A 291 1.83 35.49 6.28
N PHE A 292 2.72 35.86 7.21
CA PHE A 292 3.28 37.23 7.31
C PHE A 292 4.43 37.40 6.33
N GLY A 293 5.01 36.30 5.84
CA GLY A 293 6.20 36.30 4.97
C GLY A 293 6.16 37.37 3.86
N PRO A 294 5.03 37.57 3.15
CA PRO A 294 5.00 38.54 2.06
C PRO A 294 5.35 39.97 2.51
N VAL A 295 5.12 40.30 3.77
CA VAL A 295 5.32 41.71 4.23
C VAL A 295 6.79 42.08 4.10
N PRO A 296 7.76 41.39 4.78
CA PRO A 296 9.16 41.71 4.57
C PRO A 296 9.63 41.51 3.12
N ALA A 297 9.08 40.53 2.40
CA ALA A 297 9.48 40.25 1.01
C ALA A 297 9.06 41.45 0.14
N ILE A 298 7.84 41.93 0.31
CA ILE A 298 7.33 43.08 -0.50
C ILE A 298 8.20 44.31 -0.19
N LYS A 299 8.53 44.54 1.07
CA LYS A 299 9.37 45.71 1.47
C LYS A 299 10.72 45.63 0.75
N LEU A 300 11.32 44.45 0.65
CA LEU A 300 12.62 44.26 -0.03
C LEU A 300 12.46 44.59 -1.53
N ALA A 301 11.40 44.08 -2.16
CA ALA A 301 11.18 44.27 -3.62
C ALA A 301 10.93 45.75 -3.91
N LEU A 302 10.12 46.41 -3.08
CA LEU A 302 9.80 47.86 -3.24
C LEU A 302 11.06 48.68 -3.03
N ALA A 303 11.93 48.31 -2.08
CA ALA A 303 13.19 49.03 -1.83
C ALA A 303 14.09 48.94 -3.05
N GLN A 304 14.20 47.76 -3.68
CA GLN A 304 15.04 47.59 -4.90
C GLN A 304 14.44 48.46 -6.03
N ALA A 305 13.11 48.50 -6.16
CA ALA A 305 12.42 49.25 -7.23
C ALA A 305 12.41 50.76 -6.94
N GLN A 306 12.72 51.16 -5.69
CA GLN A 306 12.58 52.55 -5.18
C GLN A 306 11.13 53.00 -5.38
N TRP A 307 10.19 52.14 -5.00
CA TRP A 307 8.73 52.44 -5.00
C TRP A 307 8.21 52.47 -3.56
N GLN A 308 7.17 53.26 -3.34
CA GLN A 308 6.34 53.25 -2.12
C GLN A 308 5.10 52.39 -2.41
N VAL A 309 4.47 51.86 -1.37
CA VAL A 309 3.20 51.10 -1.50
C VAL A 309 2.18 51.90 -2.33
N GLN A 310 2.05 53.21 -2.08
CA GLN A 310 1.02 54.06 -2.72
C GLN A 310 1.32 54.24 -4.23
N ASP A 311 2.55 53.92 -4.68
CA ASP A 311 2.95 54.02 -6.12
C ASP A 311 2.43 52.83 -6.92
N VAL A 312 1.98 51.76 -6.25
CA VAL A 312 1.66 50.47 -6.92
C VAL A 312 0.19 50.44 -7.33
N ASP A 313 -0.07 50.16 -8.60
CA ASP A 313 -1.45 50.09 -9.16
C ASP A 313 -2.20 48.86 -8.64
N ARG A 314 -1.54 47.70 -8.59
CA ARG A 314 -2.20 46.48 -8.05
C ARG A 314 -1.19 45.59 -7.35
N PHE A 315 -1.64 45.02 -6.23
CA PHE A 315 -0.97 43.93 -5.51
C PHE A 315 -1.71 42.64 -5.86
N GLU A 316 -0.94 41.61 -6.23
CA GLU A 316 -1.43 40.24 -6.50
C GLU A 316 -0.72 39.35 -5.49
N VAL A 317 -1.42 39.07 -4.39
CA VAL A 317 -0.86 38.35 -3.21
C VAL A 317 -1.64 37.05 -3.06
N ASN A 318 -0.94 35.93 -3.01
CA ASN A 318 -1.64 34.63 -3.06
C ASN A 318 -2.61 34.49 -1.87
N GLU A 319 -3.82 34.02 -2.15
CA GLU A 319 -4.87 33.77 -1.13
C GLU A 319 -4.70 32.34 -0.61
N ALA A 320 -3.56 32.02 0.00
CA ALA A 320 -3.34 30.70 0.62
C ALA A 320 -4.47 30.46 1.63
N PHE A 321 -4.85 31.54 2.34
CA PHE A 321 -6.07 31.64 3.17
C PHE A 321 -6.55 33.09 3.06
N ALA A 322 -7.85 33.33 3.17
CA ALA A 322 -8.37 34.71 3.25
C ALA A 322 -7.58 35.46 4.32
N ALA A 323 -7.31 34.82 5.46
CA ALA A 323 -6.62 35.45 6.61
C ALA A 323 -5.27 36.02 6.17
N VAL A 324 -4.53 35.32 5.31
CA VAL A 324 -3.19 35.79 4.87
C VAL A 324 -3.35 37.03 3.98
N GLY A 325 -4.30 37.01 3.05
CA GLY A 325 -4.58 38.20 2.23
C GLY A 325 -4.87 39.41 3.08
N LEU A 326 -5.75 39.26 4.08
CA LEU A 326 -6.14 40.38 4.95
C LEU A 326 -4.94 40.89 5.75
N VAL A 327 -4.11 40.00 6.29
CA VAL A 327 -2.95 40.43 7.13
C VAL A 327 -2.02 41.26 6.26
N VAL A 328 -1.69 40.77 5.07
CA VAL A 328 -0.69 41.43 4.19
C VAL A 328 -1.27 42.77 3.73
N ARG A 329 -2.50 42.77 3.23
CA ARG A 329 -3.18 43.99 2.76
C ARG A 329 -3.18 45.05 3.86
N ASP A 330 -3.62 44.71 5.06
CA ASP A 330 -3.87 45.68 6.14
C ASP A 330 -2.54 46.11 6.76
N GLU A 331 -1.54 45.22 6.85
CA GLU A 331 -0.23 45.57 7.43
C GLU A 331 0.44 46.63 6.54
N LEU A 332 0.29 46.51 5.22
CA LEU A 332 0.95 47.43 4.26
C LEU A 332 0.04 48.61 3.91
N GLY A 333 -1.19 48.64 4.41
CA GLY A 333 -2.12 49.78 4.20
C GLY A 333 -2.57 49.87 2.75
N ILE A 334 -2.72 48.74 2.07
CA ILE A 334 -3.12 48.70 0.64
C ILE A 334 -4.64 48.88 0.54
N ALA A 335 -5.08 49.70 -0.40
CA ALA A 335 -6.50 49.94 -0.69
C ALA A 335 -7.13 48.60 -1.08
N PRO A 336 -8.27 48.20 -0.48
CA PRO A 336 -8.97 46.98 -0.89
C PRO A 336 -9.25 46.88 -2.40
N GLU A 337 -9.46 48.02 -3.08
CA GLU A 337 -9.74 48.01 -4.55
C GLU A 337 -8.47 47.69 -5.35
N ARG A 338 -7.28 47.76 -4.74
CA ARG A 338 -6.00 47.50 -5.44
C ARG A 338 -5.36 46.18 -4.99
N PHE A 339 -6.09 45.37 -4.22
CA PHE A 339 -5.59 44.09 -3.67
C PHE A 339 -6.37 42.93 -4.30
N ASN A 340 -5.71 42.06 -5.06
CA ASN A 340 -6.33 40.90 -5.78
C ASN A 340 -7.58 41.38 -6.54
N VAL A 341 -7.31 42.24 -7.50
CA VAL A 341 -8.33 43.06 -8.20
C VAL A 341 -9.31 42.14 -8.95
N ASP A 342 -8.80 41.08 -9.55
CA ASP A 342 -9.58 40.14 -10.40
C ASP A 342 -9.81 38.83 -9.64
N GLY A 343 -9.77 38.87 -8.31
CA GLY A 343 -9.94 37.70 -7.45
C GLY A 343 -8.65 36.91 -7.34
N GLY A 344 -8.67 35.88 -6.51
CA GLY A 344 -7.47 35.09 -6.25
C GLY A 344 -7.76 33.63 -6.00
N ALA A 345 -6.82 32.95 -5.37
CA ALA A 345 -6.80 31.47 -5.29
C ALA A 345 -8.06 30.94 -4.59
N ILE A 346 -8.68 31.68 -3.66
CA ILE A 346 -9.94 31.16 -3.03
C ILE A 346 -10.91 30.80 -4.16
N ALA A 347 -10.99 31.63 -5.19
CA ALA A 347 -11.85 31.40 -6.37
C ALA A 347 -11.16 30.43 -7.35
N HIS A 348 -9.99 30.78 -7.90
CA HIS A 348 -9.43 30.07 -9.09
C HIS A 348 -8.64 28.82 -8.71
N GLY A 349 -8.20 28.71 -7.46
CA GLY A 349 -7.41 27.56 -7.00
C GLY A 349 -5.94 27.89 -6.80
N HIS A 350 -5.26 27.00 -6.07
CA HIS A 350 -3.87 27.13 -5.59
C HIS A 350 -3.08 25.87 -5.97
N PRO A 351 -2.71 25.68 -7.26
CA PRO A 351 -1.88 24.54 -7.67
C PRO A 351 -0.43 24.85 -7.26
N ILE A 352 -0.06 24.44 -6.04
CA ILE A 352 1.08 24.99 -5.23
C ILE A 352 2.24 25.49 -6.10
N GLY A 353 2.97 24.59 -6.74
CA GLY A 353 4.22 24.93 -7.45
C GLY A 353 4.01 25.81 -8.68
N ALA A 354 2.79 25.88 -9.21
CA ALA A 354 2.46 26.70 -10.40
C ALA A 354 1.98 28.09 -9.97
N THR A 355 1.43 28.23 -8.76
CA THR A 355 0.67 29.46 -8.38
C THR A 355 1.51 30.72 -8.62
N GLY A 356 2.78 30.76 -8.21
CA GLY A 356 3.60 31.97 -8.38
C GLY A 356 3.72 32.37 -9.85
N ALA A 357 3.87 31.37 -10.74
CA ALA A 357 3.97 31.59 -12.19
C ALA A 357 2.60 32.05 -12.72
N ILE A 358 1.52 31.49 -12.18
CA ILE A 358 0.14 31.91 -12.54
C ILE A 358 -0.06 33.38 -12.15
N LEU A 359 0.38 33.79 -10.96
CA LEU A 359 0.13 35.19 -10.52
C LEU A 359 0.93 36.16 -11.39
N LEU A 360 2.16 35.80 -11.77
CA LEU A 360 2.96 36.65 -12.69
C LEU A 360 2.24 36.74 -14.04
N THR A 361 1.69 35.62 -14.51
CA THR A 361 0.95 35.57 -15.79
C THR A 361 -0.27 36.50 -15.70
N LYS A 362 -1.05 36.40 -14.63
CA LYS A 362 -2.28 37.22 -14.47
C LYS A 362 -1.89 38.69 -14.54
N VAL A 363 -0.85 39.08 -13.83
CA VAL A 363 -0.44 40.52 -13.75
C VAL A 363 0.06 40.97 -15.12
N ALA A 364 0.83 40.15 -15.83
CA ALA A 364 1.34 40.51 -17.18
C ALA A 364 0.17 40.93 -18.07
N HIS A 365 -0.91 40.13 -18.03
CA HIS A 365 -2.08 40.34 -18.94
C HIS A 365 -2.98 41.44 -18.40
N ALA A 366 -3.14 41.56 -17.09
CA ALA A 366 -4.02 42.58 -16.48
C ALA A 366 -3.43 43.98 -16.72
N LEU A 367 -2.11 44.16 -16.57
CA LEU A 367 -1.51 45.50 -16.80
C LEU A 367 -1.68 45.88 -18.28
N ARG A 368 -1.54 44.92 -19.20
CA ARG A 368 -1.71 45.20 -20.65
C ARG A 368 -3.15 45.70 -20.89
N ARG A 369 -4.13 45.04 -20.28
CA ARG A 369 -5.57 45.36 -20.49
C ARG A 369 -5.90 46.73 -19.90
N THR A 370 -5.42 47.01 -18.70
CA THR A 370 -5.82 48.20 -17.90
C THR A 370 -4.92 49.41 -18.15
N SER A 371 -3.73 49.22 -18.73
CA SER A 371 -2.66 50.24 -18.86
C SER A 371 -2.14 50.67 -17.49
N GLU A 372 -2.44 49.94 -16.42
CA GLU A 372 -1.76 50.13 -15.11
C GLU A 372 -0.25 49.96 -15.35
N ARG A 373 0.58 50.67 -14.59
CA ARG A 373 2.04 50.72 -14.83
C ARG A 373 2.81 49.79 -13.89
N ARG A 374 2.38 49.70 -12.62
CA ARG A 374 3.21 49.10 -11.54
C ARG A 374 2.41 48.05 -10.78
N ALA A 375 3.01 46.90 -10.55
CA ALA A 375 2.38 45.81 -9.79
C ALA A 375 3.39 45.16 -8.87
N VAL A 376 2.88 44.52 -7.84
CA VAL A 376 3.68 43.59 -6.99
C VAL A 376 2.95 42.24 -6.98
N VAL A 377 3.71 41.18 -7.26
CA VAL A 377 3.26 39.78 -7.05
C VAL A 377 3.98 39.26 -5.80
N SER A 378 3.25 38.66 -4.87
CA SER A 378 3.89 38.10 -3.66
C SER A 378 3.15 36.86 -3.21
N LEU A 379 3.89 35.90 -2.66
CA LEU A 379 3.29 34.66 -2.09
C LEU A 379 3.92 34.39 -0.74
N CYS A 380 3.10 33.99 0.23
CA CYS A 380 3.55 33.39 1.49
C CYS A 380 3.98 31.97 1.19
N ILE A 381 4.83 31.43 2.06
CA ILE A 381 5.52 30.14 1.79
C ILE A 381 5.53 29.31 3.07
N GLY A 382 4.97 28.12 2.99
CA GLY A 382 5.01 27.17 4.10
C GLY A 382 6.44 27.01 4.58
N GLY A 383 6.62 26.86 5.89
CA GLY A 383 7.95 26.85 6.51
C GLY A 383 8.40 28.23 6.92
N GLY A 384 7.63 29.27 6.59
CA GLY A 384 7.93 30.65 7.04
C GLY A 384 8.77 31.43 6.05
N GLN A 385 8.32 31.55 4.80
CA GLN A 385 9.06 32.39 3.83
C GLN A 385 8.07 33.27 3.07
N GLY A 386 8.62 34.19 2.29
CA GLY A 386 7.85 35.06 1.41
C GLY A 386 8.66 35.41 0.21
N ILE A 387 8.02 35.54 -0.94
CA ILE A 387 8.70 35.98 -2.19
C ILE A 387 7.84 37.11 -2.79
N ALA A 388 8.49 38.10 -3.37
CA ALA A 388 7.81 39.25 -4.00
C ALA A 388 8.63 39.72 -5.20
N LEU A 389 7.91 40.12 -6.25
CA LEU A 389 8.52 40.80 -7.41
C LEU A 389 7.75 42.09 -7.63
N ALA A 390 8.50 43.19 -7.75
CA ALA A 390 8.00 44.49 -8.21
C ALA A 390 8.15 44.52 -9.73
N LEU A 391 7.06 44.82 -10.43
CA LEU A 391 6.92 44.59 -11.88
C LEU A 391 6.36 45.85 -12.55
N GLU A 392 6.95 46.25 -13.66
CA GLU A 392 6.49 47.44 -14.41
C GLU A 392 6.07 47.02 -15.81
N ARG A 393 4.92 47.53 -16.26
CA ARG A 393 4.43 47.26 -17.63
C ARG A 393 5.46 47.81 -18.62
N VAL A 394 5.76 47.04 -19.68
CA VAL A 394 6.57 47.50 -20.84
C VAL A 394 5.62 48.07 -21.89
N LYS A 395 5.83 49.31 -22.31
CA LYS A 395 4.96 50.00 -23.32
C LYS A 395 5.27 49.37 -24.69
N LEU A 396 4.26 49.30 -25.57
CA LEU A 396 4.50 48.92 -26.99
C LEU A 396 4.53 50.22 -27.79
N ASP B 4 35.81 40.23 -6.66
CA ASP B 4 34.53 39.64 -7.14
C ASP B 4 34.70 38.15 -7.43
N GLU B 5 35.87 37.55 -7.16
CA GLU B 5 36.06 36.08 -7.19
C GLU B 5 35.06 35.42 -6.24
N ILE B 6 34.39 34.36 -6.68
CA ILE B 6 33.45 33.59 -5.82
C ILE B 6 34.19 32.37 -5.30
N VAL B 7 34.20 32.21 -3.97
CA VAL B 7 35.01 31.16 -3.32
C VAL B 7 34.13 30.24 -2.46
N ILE B 8 34.63 29.02 -2.31
CA ILE B 8 34.08 27.96 -1.41
C ILE B 8 34.94 27.92 -0.16
N SER B 9 34.31 28.01 1.02
CA SER B 9 34.95 27.89 2.35
C SER B 9 34.27 26.79 3.18
N SER B 10 35.02 26.16 4.08
CA SER B 10 34.50 25.24 5.11
C SER B 10 33.65 24.11 4.50
N ALA B 11 34.07 23.54 3.38
CA ALA B 11 33.38 22.36 2.80
C ALA B 11 33.52 21.18 3.77
N LEU B 12 32.39 20.57 4.12
CA LEU B 12 32.35 19.43 5.07
C LEU B 12 31.30 18.42 4.61
N ARG B 13 31.48 17.16 5.01
CA ARG B 13 30.52 16.10 4.65
C ARG B 13 30.39 15.10 5.80
N THR B 14 29.27 14.40 5.82
CA THR B 14 29.15 13.19 6.66
C THR B 14 29.99 12.11 6.00
N PRO B 15 30.28 11.00 6.73
CA PRO B 15 30.73 9.79 6.06
C PRO B 15 29.52 9.31 5.26
N ILE B 16 29.75 8.46 4.28
CA ILE B 16 28.68 7.97 3.38
C ILE B 16 28.21 6.60 3.88
N GLY B 17 26.90 6.46 4.06
CA GLY B 17 26.27 5.22 4.53
C GLY B 17 26.02 4.25 3.39
N ALA B 18 26.12 2.97 3.69
CA ALA B 18 25.79 1.86 2.77
C ALA B 18 24.27 1.71 2.73
N PHE B 19 23.78 1.10 1.66
CA PHE B 19 22.35 0.73 1.58
C PHE B 19 22.04 -0.21 2.76
N SER B 20 20.98 0.10 3.51
CA SER B 20 20.52 -0.67 4.68
C SER B 20 21.61 -0.62 5.77
N GLY B 21 22.43 0.43 5.73
CA GLY B 21 23.60 0.60 6.60
C GLY B 21 23.34 1.53 7.77
N THR B 22 24.39 2.18 8.27
CA THR B 22 24.37 2.89 9.57
C THR B 22 23.38 4.06 9.54
N LEU B 23 23.18 4.70 8.38
CA LEU B 23 22.33 5.91 8.30
C LEU B 23 20.90 5.55 7.88
N LYS B 24 20.54 4.27 7.84
CA LYS B 24 19.24 3.87 7.25
C LYS B 24 18.04 4.51 7.96
N ASP B 25 18.16 4.91 9.22
CA ASP B 25 17.03 5.49 10.00
C ASP B 25 17.17 7.01 10.16
N THR B 26 18.13 7.64 9.48
CA THR B 26 18.46 9.07 9.68
C THR B 26 18.06 9.86 8.43
N PRO B 27 16.99 10.68 8.50
CA PRO B 27 16.55 11.43 7.33
C PRO B 27 17.66 12.29 6.71
N ALA B 28 17.61 12.41 5.38
CA ALA B 28 18.54 13.23 4.60
C ALA B 28 18.61 14.63 5.21
N ALA B 29 17.48 15.23 5.58
CA ALA B 29 17.49 16.61 6.11
C ALA B 29 18.23 16.66 7.45
N ALA B 30 18.19 15.59 8.25
CA ALA B 30 18.91 15.54 9.54
C ALA B 30 20.42 15.46 9.29
N LEU B 31 20.84 14.72 8.27
CA LEU B 31 22.28 14.65 7.90
C LEU B 31 22.76 16.06 7.50
N GLY B 32 22.00 16.77 6.67
CA GLY B 32 22.36 18.15 6.27
C GLY B 32 22.42 19.07 7.47
N ALA B 33 21.41 19.01 8.34
CA ALA B 33 21.35 19.88 9.55
C ALA B 33 22.61 19.66 10.39
N HIS B 34 23.06 18.42 10.51
CA HIS B 34 24.23 18.05 11.34
C HIS B 34 25.49 18.71 10.75
N VAL B 35 25.63 18.66 9.43
CA VAL B 35 26.81 19.27 8.75
C VAL B 35 26.75 20.80 8.95
N VAL B 36 25.58 21.40 8.78
CA VAL B 36 25.44 22.89 8.90
C VAL B 36 25.79 23.29 10.33
N LYS B 37 25.28 22.58 11.34
CA LYS B 37 25.55 22.89 12.76
C LYS B 37 27.07 22.86 12.98
N THR B 38 27.76 21.85 12.47
CA THR B 38 29.22 21.70 12.66
C THR B 38 29.97 22.83 11.92
N LEU B 39 29.57 23.10 10.68
CA LEU B 39 30.14 24.20 9.86
C LEU B 39 30.08 25.51 10.64
N LEU B 40 28.95 25.81 11.28
CA LEU B 40 28.77 27.08 12.04
C LEU B 40 29.68 27.07 13.27
N GLU B 41 29.78 25.96 13.99
CA GLU B 41 30.61 25.88 15.23
C GLU B 41 32.08 26.08 14.87
N ARG B 42 32.56 25.42 13.81
CA ARG B 42 34.00 25.46 13.44
C ARG B 42 34.41 26.83 12.89
N THR B 43 33.57 27.44 12.04
CA THR B 43 33.89 28.73 11.38
C THR B 43 33.69 29.89 12.36
N GLY B 44 32.80 29.73 13.35
CA GLY B 44 32.30 30.84 14.19
C GLY B 44 31.53 31.87 13.39
N LEU B 45 31.06 31.52 12.19
CA LEU B 45 30.29 32.46 11.33
C LEU B 45 29.04 32.93 12.08
N ALA B 46 28.80 34.24 12.14
CA ALA B 46 27.56 34.80 12.72
C ALA B 46 26.40 34.27 11.87
N PRO B 47 25.46 33.49 12.46
CA PRO B 47 24.37 32.90 11.69
C PRO B 47 23.56 33.92 10.88
N GLU B 48 23.49 35.16 11.38
CA GLU B 48 22.71 36.27 10.76
C GLU B 48 23.36 36.71 9.44
N ARG B 49 24.63 36.35 9.19
CA ARG B 49 25.33 36.72 7.92
C ARG B 49 25.00 35.68 6.83
N VAL B 50 24.23 34.62 7.13
CA VAL B 50 23.81 33.65 6.08
C VAL B 50 22.56 34.21 5.37
N ASP B 51 22.66 34.45 4.07
CA ASP B 51 21.57 35.10 3.31
C ASP B 51 20.59 34.05 2.78
N GLU B 52 21.06 32.82 2.59
CA GLU B 52 20.23 31.74 2.01
C GLU B 52 20.90 30.39 2.25
N VAL B 53 20.08 29.36 2.39
CA VAL B 53 20.54 27.96 2.32
C VAL B 53 19.95 27.32 1.06
N VAL B 54 20.81 26.78 0.20
CA VAL B 54 20.37 26.04 -1.01
C VAL B 54 20.84 24.60 -0.87
N MET B 55 19.92 23.64 -0.96
CA MET B 55 20.30 22.20 -0.86
C MET B 55 19.77 21.45 -2.07
N GLY B 56 20.61 20.60 -2.65
CA GLY B 56 20.19 19.57 -3.60
C GLY B 56 19.51 18.42 -2.86
N ASN B 57 18.48 17.86 -3.46
CA ASN B 57 17.81 16.64 -2.93
C ASN B 57 16.95 16.11 -4.09
N VAL B 58 17.16 14.87 -4.48
CA VAL B 58 16.48 14.29 -5.67
C VAL B 58 15.23 13.53 -5.24
N LEU B 59 15.34 12.70 -4.21
CA LEU B 59 14.21 11.89 -3.72
C LEU B 59 13.52 12.68 -2.61
N GLN B 60 12.77 13.71 -2.99
CA GLN B 60 12.10 14.61 -2.03
C GLN B 60 10.87 13.92 -1.41
N ALA B 61 10.37 12.86 -2.03
CA ALA B 61 9.16 12.14 -1.58
C ALA B 61 9.29 11.77 -0.09
N GLY B 62 8.34 12.23 0.71
CA GLY B 62 8.25 11.86 2.14
C GLY B 62 9.24 12.58 3.02
N ASN B 63 10.04 13.50 2.49
CA ASN B 63 11.04 14.23 3.30
C ASN B 63 10.39 15.43 4.01
N GLY B 64 9.13 15.71 3.71
CA GLY B 64 8.44 16.87 4.31
C GLY B 64 8.72 18.15 3.54
N MET B 65 8.02 19.20 3.88
CA MET B 65 8.01 20.47 3.14
C MET B 65 9.44 21.03 3.06
N ASN B 66 9.95 21.21 1.83
CA ASN B 66 11.18 21.98 1.51
C ASN B 66 12.38 21.54 2.36
N VAL B 67 13.04 20.48 1.93
CA VAL B 67 14.20 19.88 2.65
C VAL B 67 15.22 20.97 3.03
N ALA B 68 15.52 21.90 2.14
CA ALA B 68 16.55 22.94 2.41
C ALA B 68 16.19 23.74 3.66
N ARG B 69 14.92 24.07 3.84
CA ARG B 69 14.46 24.86 5.01
C ARG B 69 14.63 24.03 6.29
N GLN B 70 14.38 22.73 6.21
CA GLN B 70 14.59 21.82 7.37
C GLN B 70 16.08 21.79 7.71
N VAL B 71 16.94 21.66 6.71
CA VAL B 71 18.41 21.67 6.90
C VAL B 71 18.81 22.96 7.61
N ALA B 72 18.30 24.10 7.15
CA ALA B 72 18.67 25.43 7.67
C ALA B 72 18.21 25.55 9.14
N VAL B 73 16.92 25.35 9.40
CA VAL B 73 16.34 25.60 10.74
C VAL B 73 16.86 24.54 11.72
N ASN B 74 16.87 23.26 11.33
CA ASN B 74 17.37 22.21 12.24
C ASN B 74 18.89 22.30 12.39
N GLY B 75 19.58 22.96 11.46
CA GLY B 75 21.02 23.24 11.55
C GLY B 75 21.33 24.40 12.50
N GLY B 76 20.31 25.06 13.04
CA GLY B 76 20.46 26.11 14.05
C GLY B 76 20.55 27.51 13.45
N LEU B 77 20.23 27.66 12.16
CA LEU B 77 20.18 29.01 11.55
C LEU B 77 18.90 29.71 12.02
N PRO B 78 18.95 31.05 12.16
CA PRO B 78 17.76 31.83 12.50
C PRO B 78 16.63 31.62 11.49
N VAL B 79 15.38 31.71 11.94
CA VAL B 79 14.20 31.53 11.06
C VAL B 79 14.19 32.61 9.98
N ALA B 80 14.94 33.71 10.14
CA ALA B 80 15.01 34.80 9.13
C ALA B 80 15.81 34.37 7.89
N VAL B 81 16.49 33.23 7.91
CA VAL B 81 17.32 32.79 6.74
C VAL B 81 16.43 32.01 5.78
N PRO B 82 16.20 32.50 4.54
CA PRO B 82 15.42 31.75 3.55
C PRO B 82 16.18 30.52 3.03
N ALA B 83 15.48 29.60 2.39
CA ALA B 83 16.06 28.31 1.95
C ALA B 83 15.20 27.72 0.86
N HIS B 84 15.84 27.10 -0.13
CA HIS B 84 15.07 26.37 -1.17
C HIS B 84 15.87 25.17 -1.66
N THR B 85 15.13 24.21 -2.21
CA THR B 85 15.65 22.90 -2.61
C THR B 85 15.75 22.85 -4.14
N VAL B 86 16.87 22.39 -4.66
CA VAL B 86 17.08 22.26 -6.12
C VAL B 86 17.21 20.79 -6.50
N ASN B 87 16.81 20.48 -7.72
CA ASN B 87 16.84 19.11 -8.27
C ASN B 87 17.33 19.18 -9.70
N ARG B 88 18.61 18.83 -9.93
CA ARG B 88 19.14 18.49 -11.27
C ARG B 88 19.77 17.10 -11.15
N VAL B 89 18.98 16.18 -10.62
CA VAL B 89 19.28 14.74 -10.39
C VAL B 89 20.69 14.62 -9.81
N CYS B 90 21.56 13.80 -10.40
CA CYS B 90 22.89 13.53 -9.80
C CYS B 90 23.73 14.80 -9.72
N GLY B 91 23.40 15.82 -10.50
CA GLY B 91 24.11 17.11 -10.44
C GLY B 91 23.66 18.00 -9.29
N SER B 92 22.64 17.61 -8.51
CA SER B 92 21.90 18.53 -7.60
C SER B 92 22.84 19.17 -6.56
N GLY B 93 23.78 18.40 -6.01
CA GLY B 93 24.64 18.91 -4.94
C GLY B 93 25.63 19.94 -5.47
N ALA B 94 26.06 19.79 -6.72
CA ALA B 94 26.90 20.79 -7.42
C ALA B 94 26.00 21.94 -7.89
N GLN B 95 24.77 21.65 -8.33
CA GLN B 95 23.84 22.72 -8.76
C GLN B 95 23.64 23.70 -7.59
N ALA B 96 23.51 23.22 -6.36
CA ALA B 96 23.27 24.13 -5.21
C ALA B 96 24.37 25.21 -5.16
N VAL B 97 25.62 24.81 -5.45
CA VAL B 97 26.78 25.75 -5.45
C VAL B 97 26.69 26.71 -6.65
N VAL B 98 26.30 26.22 -7.81
CA VAL B 98 26.08 27.07 -9.02
C VAL B 98 24.96 28.08 -8.72
N THR B 99 23.86 27.61 -8.12
CA THR B 99 22.73 28.48 -7.69
C THR B 99 23.26 29.60 -6.78
N ALA B 100 24.06 29.24 -5.78
CA ALA B 100 24.69 30.19 -4.84
C ALA B 100 25.53 31.23 -5.62
N TYR B 101 26.38 30.75 -6.53
CA TYR B 101 27.23 31.60 -7.40
C TYR B 101 26.34 32.61 -8.12
N ALA B 102 25.26 32.14 -8.75
CA ALA B 102 24.35 33.01 -9.52
C ALA B 102 23.72 34.06 -8.59
N GLN B 103 23.29 33.66 -7.38
CA GLN B 103 22.64 34.59 -6.43
C GLN B 103 23.64 35.66 -5.99
N ILE B 104 24.90 35.28 -5.79
CA ILE B 104 25.93 36.27 -5.32
C ILE B 104 26.29 37.20 -6.49
N ARG B 105 26.58 36.66 -7.67
CA ARG B 105 26.99 37.48 -8.85
C ARG B 105 25.86 38.43 -9.26
N SER B 106 24.60 38.05 -9.06
CA SER B 106 23.41 38.84 -9.47
C SER B 106 23.01 39.86 -8.39
N GLY B 107 23.64 39.82 -7.21
CA GLY B 107 23.39 40.76 -6.10
C GLY B 107 22.20 40.35 -5.23
N LEU B 108 21.63 39.16 -5.42
CA LEU B 108 20.49 38.69 -4.57
C LEU B 108 21.00 38.27 -3.19
N SER B 109 22.25 37.81 -3.10
CA SER B 109 22.84 37.24 -1.86
C SER B 109 24.30 37.70 -1.73
N ASN B 110 24.82 37.74 -0.51
CA ASN B 110 26.27 37.94 -0.25
C ASN B 110 26.93 36.66 0.24
N LEU B 111 26.21 35.83 1.00
CA LEU B 111 26.80 34.59 1.55
C LEU B 111 25.71 33.52 1.58
N VAL B 112 26.02 32.35 1.02
CA VAL B 112 25.06 31.23 0.89
C VAL B 112 25.70 29.98 1.49
N ILE B 113 24.94 29.21 2.27
CA ILE B 113 25.35 27.83 2.60
C ILE B 113 24.69 26.91 1.57
N ALA B 114 25.51 26.19 0.81
CA ALA B 114 25.07 25.36 -0.33
C ALA B 114 25.57 23.93 -0.13
N GLY B 115 24.76 22.97 -0.56
CA GLY B 115 25.20 21.57 -0.55
C GLY B 115 24.10 20.65 -1.00
N GLY B 116 24.13 19.43 -0.52
CA GLY B 116 23.11 18.45 -0.89
C GLY B 116 22.98 17.35 0.14
N VAL B 117 21.87 16.67 0.10
CA VAL B 117 21.51 15.60 1.06
C VAL B 117 20.81 14.49 0.28
N GLU B 118 21.00 13.25 0.70
CA GLU B 118 20.21 12.14 0.14
C GLU B 118 20.26 10.97 1.11
N ASN B 119 19.17 10.22 1.20
CA ASN B 119 19.16 8.94 1.94
C ASN B 119 18.26 7.98 1.18
N MET B 120 18.84 7.03 0.47
CA MET B 120 18.06 6.18 -0.45
C MET B 120 17.24 5.15 0.34
N ASP B 121 17.69 4.67 1.50
CA ASP B 121 16.84 3.80 2.36
C ASP B 121 15.58 4.55 2.76
N GLN B 122 15.71 5.83 3.05
CA GLN B 122 14.60 6.67 3.57
C GLN B 122 13.64 7.05 2.45
N ALA B 123 13.95 6.78 1.19
CA ALA B 123 13.00 7.02 0.09
C ALA B 123 11.83 6.08 0.30
N PRO B 124 10.58 6.58 0.32
CA PRO B 124 9.42 5.74 0.53
C PRO B 124 9.02 4.98 -0.74
N TYR B 125 8.11 4.03 -0.58
CA TYR B 125 7.34 3.49 -1.71
C TYR B 125 6.15 4.43 -2.00
N LEU B 126 5.72 4.44 -3.26
CA LEU B 126 4.65 5.31 -3.77
C LEU B 126 3.47 4.41 -4.18
N MET B 127 2.26 4.85 -3.89
CA MET B 127 1.03 4.17 -4.35
C MET B 127 0.21 5.15 -5.19
N PRO B 128 0.48 5.19 -6.51
CA PRO B 128 -0.23 6.10 -7.41
C PRO B 128 -1.74 5.86 -7.45
N SER B 129 -2.20 4.63 -7.19
CA SER B 129 -3.65 4.30 -7.34
C SER B 129 -4.39 4.47 -6.00
N LEU B 130 -3.73 4.82 -4.90
CA LEU B 130 -4.40 4.84 -3.57
C LEU B 130 -5.34 6.05 -3.46
N ARG B 131 -5.07 7.18 -4.10
CA ARG B 131 -5.94 8.36 -3.88
C ARG B 131 -7.34 8.08 -4.42
N HIS B 132 -7.44 7.66 -5.67
CA HIS B 132 -8.76 7.54 -6.36
C HIS B 132 -9.09 6.07 -6.67
N GLY B 133 -8.21 5.13 -6.32
CA GLY B 133 -8.56 3.70 -6.32
C GLY B 133 -7.97 2.94 -7.48
N ALA B 134 -7.70 1.65 -7.26
CA ALA B 134 -7.24 0.69 -8.30
C ALA B 134 -8.44 0.04 -8.97
N ARG B 135 -9.61 0.08 -8.33
CA ARG B 135 -10.94 -0.42 -8.80
C ARG B 135 -11.00 -1.95 -8.84
N MET B 136 -10.20 -2.60 -9.68
CA MET B 136 -10.17 -4.07 -9.78
C MET B 136 -8.85 -4.47 -10.42
N GLY B 137 -8.23 -5.53 -9.91
CA GLY B 137 -6.98 -6.04 -10.48
C GLY B 137 -5.79 -5.52 -9.71
N HIS B 138 -4.70 -6.26 -9.77
CA HIS B 138 -3.47 -5.94 -9.00
C HIS B 138 -2.94 -4.57 -9.42
N THR B 139 -2.28 -3.88 -8.49
CA THR B 139 -1.71 -2.53 -8.74
C THR B 139 -0.28 -2.50 -8.20
N GLN B 140 0.53 -1.56 -8.66
CA GLN B 140 1.96 -1.51 -8.28
C GLN B 140 2.16 -0.47 -7.16
N ALA B 141 3.02 -0.79 -6.21
CA ALA B 141 3.65 0.18 -5.28
C ALA B 141 5.06 0.40 -5.82
N LEU B 142 5.39 1.63 -6.17
CA LEU B 142 6.66 1.96 -6.86
C LEU B 142 7.70 2.30 -5.81
N ASP B 143 8.92 1.83 -6.03
CA ASP B 143 10.08 2.26 -5.24
C ASP B 143 10.43 3.68 -5.71
N ALA B 144 10.29 4.70 -4.87
CA ALA B 144 10.57 6.09 -5.26
C ALA B 144 12.03 6.22 -5.73
N LEU B 145 12.98 5.44 -5.20
CA LEU B 145 14.37 5.68 -5.62
C LEU B 145 14.50 5.34 -7.12
N LEU B 146 13.69 4.41 -7.65
CA LEU B 146 13.67 4.10 -9.10
C LEU B 146 12.81 5.13 -9.82
N ARG B 147 11.59 5.36 -9.36
CA ARG B 147 10.63 6.21 -10.10
C ARG B 147 11.15 7.65 -10.23
N ASP B 148 11.70 8.22 -9.15
CA ASP B 148 12.06 9.66 -9.11
C ASP B 148 13.58 9.88 -9.21
N GLY B 149 14.39 8.82 -9.14
CA GLY B 149 15.86 8.96 -8.99
C GLY B 149 16.65 8.30 -10.11
N LEU B 150 16.45 7.00 -10.36
CA LEU B 150 17.38 6.19 -11.18
C LEU B 150 16.78 5.77 -12.52
N ASN B 151 15.45 5.70 -12.64
CA ASN B 151 14.83 5.34 -13.94
C ASN B 151 14.68 6.61 -14.78
N ASP B 152 14.99 6.51 -16.07
CA ASP B 152 14.76 7.61 -17.04
C ASP B 152 13.26 7.93 -17.08
N ALA B 153 12.91 9.22 -17.08
CA ALA B 153 11.52 9.66 -17.04
C ALA B 153 10.82 9.38 -18.37
N PHE B 154 11.55 9.21 -19.47
CA PHE B 154 10.96 9.05 -20.81
C PHE B 154 10.75 7.56 -21.11
N SER B 155 11.71 6.70 -20.76
CA SER B 155 11.68 5.26 -21.09
C SER B 155 11.19 4.39 -19.93
N ASP B 156 11.31 4.87 -18.67
CA ASP B 156 11.12 4.10 -17.42
C ASP B 156 12.17 2.99 -17.30
N GLN B 157 13.25 3.03 -18.09
CA GLN B 157 14.37 2.06 -17.96
C GLN B 157 15.38 2.61 -16.95
N HIS B 158 16.06 1.73 -16.23
CA HIS B 158 17.13 2.12 -15.30
C HIS B 158 18.24 2.89 -16.05
N SER B 159 18.84 3.89 -15.40
CA SER B 159 20.07 4.58 -15.87
C SER B 159 21.12 3.54 -16.31
N GLY B 160 21.24 2.41 -15.60
CA GLY B 160 22.21 1.35 -15.91
C GLY B 160 21.87 0.63 -17.20
N TRP B 161 20.59 0.46 -17.48
CA TRP B 161 20.10 -0.11 -18.76
C TRP B 161 20.50 0.82 -19.90
N HIS B 162 20.26 2.11 -19.77
CA HIS B 162 20.62 3.13 -20.79
C HIS B 162 22.14 3.18 -20.97
N THR B 163 22.91 3.04 -19.89
CA THR B 163 24.38 3.15 -19.95
C THR B 163 24.94 1.96 -20.73
N GLU B 164 24.22 0.84 -20.87
CA GLU B 164 24.69 -0.27 -21.73
C GLU B 164 24.76 0.20 -23.19
N ASP B 165 23.97 1.20 -23.60
CA ASP B 165 24.05 1.77 -24.98
C ASP B 165 25.30 2.65 -25.09
N LEU B 166 25.70 3.33 -24.02
CA LEU B 166 26.97 4.09 -23.97
C LEU B 166 28.14 3.09 -24.05
N VAL B 167 28.05 1.99 -23.33
CA VAL B 167 29.05 0.90 -23.34
C VAL B 167 29.21 0.39 -24.77
N ALA B 168 28.10 0.10 -25.45
CA ALA B 168 28.09 -0.43 -26.84
C ALA B 168 28.73 0.60 -27.77
N LYS B 169 28.31 1.86 -27.69
CA LYS B 169 28.78 2.93 -28.61
C LYS B 169 30.30 3.11 -28.50
N TYR B 170 30.84 3.13 -27.27
CA TYR B 170 32.26 3.46 -27.01
C TYR B 170 33.09 2.17 -26.84
N GLU B 171 32.48 1.00 -27.07
CA GLU B 171 33.12 -0.33 -27.00
C GLU B 171 33.90 -0.44 -25.70
N VAL B 172 33.21 -0.19 -24.58
CA VAL B 172 33.81 -0.22 -23.23
C VAL B 172 33.72 -1.67 -22.74
N SER B 173 34.84 -2.38 -22.72
CA SER B 173 34.86 -3.82 -22.40
C SER B 173 34.48 -4.02 -20.93
N ARG B 174 33.87 -5.16 -20.63
CA ARG B 174 33.64 -5.61 -19.24
C ARG B 174 34.96 -5.55 -18.46
N GLU B 175 36.04 -6.03 -19.07
CA GLU B 175 37.39 -6.11 -18.42
C GLU B 175 37.83 -4.68 -18.02
N ALA B 176 37.68 -3.70 -18.90
CA ALA B 176 38.06 -2.29 -18.63
C ALA B 176 37.19 -1.73 -17.50
N GLN B 177 35.89 -2.03 -17.50
CA GLN B 177 34.98 -1.53 -16.44
C GLN B 177 35.41 -2.11 -15.09
N ASP B 178 35.73 -3.41 -15.04
CA ASP B 178 36.11 -4.09 -13.77
C ASP B 178 37.47 -3.57 -13.31
N ARG B 179 38.39 -3.28 -14.22
CA ARG B 179 39.71 -2.71 -13.84
C ARG B 179 39.50 -1.33 -13.22
N PHE B 180 38.64 -0.50 -13.84
CA PHE B 180 38.35 0.86 -13.34
C PHE B 180 37.75 0.76 -11.93
N ALA B 181 36.82 -0.17 -11.74
CA ALA B 181 36.12 -0.39 -10.45
C ALA B 181 37.11 -0.87 -9.39
N ALA B 182 37.95 -1.85 -9.71
CA ALA B 182 38.96 -2.36 -8.75
C ALA B 182 39.92 -1.21 -8.38
N THR B 183 40.32 -0.39 -9.34
CA THR B 183 41.23 0.76 -9.12
C THR B 183 40.55 1.81 -8.21
N SER B 184 39.26 2.07 -8.42
CA SER B 184 38.49 3.00 -7.55
C SER B 184 38.54 2.48 -6.10
N GLN B 185 38.29 1.19 -5.90
CA GLN B 185 38.28 0.58 -4.55
C GLN B 185 39.68 0.70 -3.94
N GLN B 186 40.72 0.38 -4.72
CA GLN B 186 42.12 0.34 -4.23
C GLN B 186 42.54 1.76 -3.84
N ARG B 187 42.28 2.74 -4.70
CA ARG B 187 42.68 4.14 -4.46
C ARG B 187 41.93 4.68 -3.23
N PHE B 188 40.63 4.42 -3.15
CA PHE B 188 39.83 4.91 -2.01
C PHE B 188 40.33 4.28 -0.72
N ALA B 189 40.56 2.97 -0.70
CA ALA B 189 40.98 2.25 0.54
C ALA B 189 42.31 2.83 1.01
N ALA B 190 43.26 3.07 0.11
CA ALA B 190 44.60 3.58 0.45
C ALA B 190 44.48 5.01 1.00
N ALA B 191 43.70 5.86 0.34
CA ALA B 191 43.46 7.26 0.78
C ALA B 191 42.81 7.25 2.17
N GLN B 192 41.80 6.39 2.35
CA GLN B 192 41.07 6.30 3.64
C GLN B 192 42.05 5.87 4.74
N ALA B 193 42.87 4.85 4.49
CA ALA B 193 43.81 4.30 5.50
C ALA B 193 44.88 5.35 5.85
N ALA B 194 45.25 6.20 4.88
CA ALA B 194 46.25 7.29 5.07
C ALA B 194 45.65 8.45 5.88
N GLY B 195 44.35 8.44 6.16
CA GLY B 195 43.67 9.50 6.94
C GLY B 195 43.28 10.70 6.07
N TRP B 196 43.31 10.55 4.75
CA TRP B 196 43.12 11.70 3.82
C TRP B 196 41.68 12.23 3.81
N PHE B 197 40.70 11.48 4.33
CA PHE B 197 39.30 11.95 4.41
C PHE B 197 38.94 12.44 5.82
N GLU B 198 39.84 12.33 6.79
CA GLU B 198 39.50 12.69 8.19
C GLU B 198 39.17 14.18 8.29
N GLY B 199 39.88 15.05 7.58
CA GLY B 199 39.68 16.51 7.71
C GLY B 199 38.31 16.95 7.24
N GLU B 200 37.75 16.31 6.22
CA GLU B 200 36.51 16.75 5.55
C GLU B 200 35.28 16.11 6.21
N ILE B 201 35.46 15.06 7.03
CA ILE B 201 34.30 14.27 7.55
C ILE B 201 33.84 14.83 8.90
N VAL B 202 32.53 15.03 9.06
CA VAL B 202 31.88 15.32 10.37
C VAL B 202 31.21 14.04 10.84
N PRO B 203 31.72 13.41 11.90
CA PRO B 203 31.10 12.19 12.41
C PRO B 203 29.67 12.45 12.88
N VAL B 204 28.85 11.42 12.81
CA VAL B 204 27.39 11.43 13.13
C VAL B 204 27.17 10.37 14.23
N THR B 205 26.57 10.68 15.37
CA THR B 205 26.24 9.65 16.41
C THR B 205 24.81 9.17 16.16
N ILE B 206 24.64 7.87 15.93
CA ILE B 206 23.31 7.23 15.70
C ILE B 206 22.90 6.48 16.98
N THR B 207 21.77 6.84 17.58
CA THR B 207 21.21 6.16 18.77
C THR B 207 20.28 5.04 18.29
N GLY B 211 21.85 1.38 22.59
CA GLY B 211 23.26 1.80 22.37
C GLY B 211 23.41 2.85 21.29
N GLU B 212 24.62 3.37 21.16
CA GLU B 212 25.01 4.39 20.14
C GLU B 212 26.04 3.77 19.19
N THR B 213 26.04 4.25 17.95
CA THR B 213 27.12 4.04 16.96
C THR B 213 27.68 5.41 16.63
N VAL B 214 28.99 5.58 16.77
CA VAL B 214 29.65 6.83 16.33
C VAL B 214 30.14 6.57 14.91
N PHE B 215 29.46 7.18 13.92
CA PHE B 215 29.69 6.90 12.50
C PHE B 215 30.68 7.94 11.99
N ALA B 216 31.93 7.53 11.78
CA ALA B 216 33.04 8.48 11.55
C ALA B 216 33.79 8.20 10.24
N LYS B 217 33.54 7.06 9.62
CA LYS B 217 34.31 6.56 8.46
C LYS B 217 33.32 6.06 7.42
N ASP B 218 33.60 6.37 6.15
CA ASP B 218 32.85 5.83 4.98
C ASP B 218 32.78 4.31 5.12
N GLU B 219 31.59 3.71 4.94
CA GLU B 219 31.40 2.28 5.22
C GLU B 219 31.05 1.47 3.96
N ALA B 220 30.82 2.11 2.81
CA ALA B 220 30.25 1.42 1.63
C ALA B 220 31.34 0.75 0.79
N ASN B 221 32.62 1.06 1.04
CA ASN B 221 33.73 0.62 0.17
C ASN B 221 34.12 -0.83 0.49
N ARG B 222 34.74 -1.49 -0.48
CA ARG B 222 35.15 -2.91 -0.39
C ARG B 222 36.63 -3.00 -0.75
N PRO B 223 37.54 -2.82 0.23
CA PRO B 223 38.98 -2.83 -0.07
C PRO B 223 39.53 -4.14 -0.67
N ASP B 224 38.83 -5.26 -0.45
CA ASP B 224 39.30 -6.59 -0.92
C ASP B 224 38.83 -6.85 -2.35
N THR B 225 38.21 -5.87 -3.01
CA THR B 225 37.80 -5.97 -4.43
C THR B 225 39.03 -6.26 -5.31
N THR B 226 38.90 -7.25 -6.19
CA THR B 226 39.92 -7.60 -7.21
C THR B 226 39.22 -7.71 -8.56
N GLU B 227 39.98 -7.52 -9.64
CA GLU B 227 39.49 -7.70 -11.02
C GLU B 227 38.96 -9.13 -11.20
N ALA B 228 39.64 -10.13 -10.60
CA ALA B 228 39.25 -11.55 -10.72
C ALA B 228 37.88 -11.77 -10.09
N GLY B 229 37.65 -11.20 -8.90
CA GLY B 229 36.36 -11.30 -8.20
C GLY B 229 35.27 -10.61 -8.99
N LEU B 230 35.55 -9.43 -9.55
CA LEU B 230 34.55 -8.65 -10.30
C LEU B 230 34.14 -9.41 -11.57
N ALA B 231 35.05 -10.16 -12.18
CA ALA B 231 34.77 -10.90 -13.43
C ALA B 231 33.66 -11.95 -13.20
N LYS B 232 33.44 -12.37 -11.95
CA LYS B 232 32.48 -13.46 -11.61
C LYS B 232 31.03 -12.93 -11.53
N LEU B 233 30.84 -11.61 -11.42
CA LEU B 233 29.50 -11.03 -11.16
C LEU B 233 28.62 -11.10 -12.41
N ARG B 234 27.31 -11.25 -12.20
CA ARG B 234 26.30 -11.28 -13.29
C ARG B 234 25.95 -9.84 -13.68
N PRO B 235 25.63 -9.58 -14.97
CA PRO B 235 25.13 -8.27 -15.38
C PRO B 235 23.85 -7.92 -14.62
N ALA B 236 23.71 -6.67 -14.19
CA ALA B 236 22.60 -6.19 -13.32
C ALA B 236 21.42 -5.65 -14.15
N PHE B 237 21.63 -5.17 -15.37
CA PHE B 237 20.60 -4.34 -16.08
C PHE B 237 20.16 -4.96 -17.40
N ARG B 238 21.01 -5.74 -18.08
CA ARG B 238 20.64 -6.46 -19.33
C ARG B 238 21.28 -7.85 -19.31
N LYS B 239 20.61 -8.83 -19.91
CA LYS B 239 20.98 -10.26 -19.87
C LYS B 239 22.43 -10.44 -20.37
N ASP B 240 22.80 -9.76 -21.46
CA ASP B 240 24.16 -9.90 -22.06
C ASP B 240 24.92 -8.58 -21.83
N GLY B 241 24.67 -7.95 -20.70
CA GLY B 241 25.25 -6.64 -20.34
C GLY B 241 26.66 -6.76 -19.77
N THR B 242 27.23 -5.63 -19.41
CA THR B 242 28.60 -5.49 -18.85
C THR B 242 28.54 -4.83 -17.47
N ILE B 243 27.48 -4.10 -17.16
CA ILE B 243 27.38 -3.34 -15.88
C ILE B 243 26.85 -4.29 -14.80
N THR B 244 27.52 -4.32 -13.65
CA THR B 244 27.24 -5.23 -12.52
C THR B 244 27.15 -4.41 -11.23
N ALA B 245 26.75 -5.04 -10.13
CA ALA B 245 26.75 -4.46 -8.78
C ALA B 245 28.17 -4.04 -8.38
N GLY B 246 29.20 -4.63 -9.02
CA GLY B 246 30.61 -4.38 -8.63
C GLY B 246 31.26 -3.25 -9.40
N ASN B 247 30.76 -2.88 -10.59
CA ASN B 247 31.35 -1.78 -11.40
C ASN B 247 30.37 -0.61 -11.47
N ALA B 248 29.43 -0.57 -10.51
CA ALA B 248 28.50 0.53 -10.27
C ALA B 248 28.50 0.82 -8.78
N PRO B 249 28.16 2.07 -8.38
CA PRO B 249 28.05 2.41 -6.96
C PRO B 249 26.79 1.82 -6.34
N GLY B 250 26.64 2.03 -5.05
CA GLY B 250 25.49 1.54 -4.28
C GLY B 250 24.35 2.56 -4.20
N LEU B 251 23.47 2.32 -3.25
CA LEU B 251 22.29 3.17 -2.94
C LEU B 251 22.52 3.81 -1.58
N ASN B 252 23.19 4.96 -1.58
CA ASN B 252 23.89 5.49 -0.40
C ASN B 252 23.19 6.69 0.23
N ALA B 253 23.71 7.08 1.40
CA ALA B 253 23.17 8.18 2.22
C ALA B 253 24.30 9.08 2.64
N GLY B 254 24.05 10.39 2.63
CA GLY B 254 25.04 11.33 3.14
C GLY B 254 24.62 12.75 2.90
N ALA B 255 25.44 13.67 3.37
CA ALA B 255 25.23 15.10 3.17
C ALA B 255 26.58 15.81 3.08
N ALA B 256 26.59 16.95 2.41
CA ALA B 256 27.76 17.84 2.40
C ALA B 256 27.24 19.27 2.26
N ALA B 257 28.00 20.22 2.77
CA ALA B 257 27.66 21.64 2.71
C ALA B 257 28.93 22.47 2.76
N MET B 258 28.83 23.69 2.26
CA MET B 258 29.97 24.62 2.22
C MET B 258 29.44 26.05 2.16
N ILE B 259 30.31 27.01 2.45
CA ILE B 259 29.98 28.44 2.35
C ILE B 259 30.42 28.91 0.97
N VAL B 260 29.56 29.64 0.29
CA VAL B 260 29.84 30.32 -1.00
C VAL B 260 29.68 31.82 -0.76
N SER B 261 30.68 32.59 -1.16
CA SER B 261 30.72 34.06 -0.95
C SER B 261 31.76 34.64 -1.90
N SER B 262 31.79 35.96 -2.02
CA SER B 262 32.96 36.63 -2.61
C SER B 262 34.18 36.32 -1.75
N HIS B 263 35.36 36.39 -2.34
CA HIS B 263 36.64 36.29 -1.60
C HIS B 263 36.67 37.37 -0.53
N ALA B 264 36.28 38.61 -0.86
CA ALA B 264 36.32 39.75 0.09
C ALA B 264 35.44 39.43 1.30
N THR B 265 34.23 38.91 1.07
CA THR B 265 33.27 38.58 2.16
C THR B 265 33.90 37.51 3.07
N ALA B 266 34.51 36.48 2.48
CA ALA B 266 35.13 35.37 3.24
C ALA B 266 36.24 35.95 4.15
N THR B 267 37.12 36.79 3.59
CA THR B 267 38.22 37.44 4.35
C THR B 267 37.61 38.29 5.48
N GLU B 268 36.63 39.13 5.16
CA GLU B 268 35.95 40.03 6.13
C GLU B 268 35.44 39.22 7.33
N LEU B 269 34.89 38.03 7.11
CA LEU B 269 34.22 37.24 8.19
C LEU B 269 35.17 36.19 8.79
N GLY B 270 36.46 36.24 8.46
CA GLY B 270 37.48 35.38 9.07
C GLY B 270 37.35 33.95 8.61
N LEU B 271 36.78 33.71 7.43
CA LEU B 271 36.72 32.36 6.82
C LEU B 271 38.04 32.09 6.09
N GLN B 272 38.34 30.81 5.87
CA GLN B 272 39.56 30.37 5.13
C GLN B 272 39.12 29.78 3.80
N PRO B 273 39.11 30.55 2.70
CA PRO B 273 38.69 30.03 1.41
C PRO B 273 39.54 28.83 0.98
N GLN B 274 38.88 27.84 0.36
CA GLN B 274 39.52 26.58 -0.11
C GLN B 274 39.67 26.63 -1.63
N LEU B 275 38.64 27.07 -2.34
CA LEU B 275 38.60 27.02 -3.83
C LEU B 275 38.00 28.31 -4.36
N VAL B 276 38.50 28.75 -5.51
CA VAL B 276 37.86 29.79 -6.34
C VAL B 276 37.13 29.10 -7.47
N ILE B 277 35.88 29.51 -7.73
CA ILE B 277 35.12 29.03 -8.91
C ILE B 277 35.63 29.81 -10.12
N ARG B 278 36.37 29.14 -11.02
CA ARG B 278 36.95 29.77 -12.23
C ARG B 278 36.06 29.53 -13.45
N GLY B 279 35.19 28.52 -13.42
CA GLY B 279 34.35 28.21 -14.58
C GLY B 279 33.22 27.29 -14.21
N ILE B 280 32.08 27.48 -14.86
CA ILE B 280 30.86 26.65 -14.66
C ILE B 280 30.37 26.22 -16.04
N GLY B 281 30.01 24.96 -16.16
CA GLY B 281 29.40 24.39 -17.37
C GLY B 281 28.17 23.58 -17.02
N VAL B 282 27.07 23.84 -17.72
CA VAL B 282 25.85 23.01 -17.66
C VAL B 282 25.46 22.70 -19.08
N ALA B 283 25.38 21.41 -19.42
CA ALA B 283 25.07 20.94 -20.78
C ALA B 283 24.00 19.85 -20.72
N ALA B 284 23.42 19.55 -21.86
CA ALA B 284 22.41 18.49 -21.98
C ALA B 284 22.60 17.75 -23.29
N VAL B 285 22.23 16.47 -23.28
CA VAL B 285 22.44 15.50 -24.39
C VAL B 285 21.19 14.61 -24.46
N GLU B 286 21.17 13.70 -25.41
CA GLU B 286 20.12 12.67 -25.53
C GLU B 286 20.03 11.89 -24.21
N PRO B 287 18.81 11.79 -23.60
CA PRO B 287 18.64 11.16 -22.30
C PRO B 287 19.34 9.81 -22.16
N GLY B 288 19.28 8.96 -23.18
CA GLY B 288 19.84 7.59 -23.12
C GLY B 288 21.36 7.58 -22.98
N LEU B 289 22.01 8.63 -23.50
CA LEU B 289 23.50 8.70 -23.43
C LEU B 289 23.93 9.81 -22.47
N PHE B 290 23.21 9.92 -21.35
CA PHE B 290 23.46 10.91 -20.27
C PHE B 290 24.90 10.77 -19.75
N GLY B 291 25.50 9.57 -19.81
CA GLY B 291 26.86 9.35 -19.29
C GLY B 291 27.89 10.23 -19.98
N PHE B 292 27.57 10.71 -21.18
CA PHE B 292 28.47 11.58 -21.97
C PHE B 292 28.36 13.04 -21.49
N GLY B 293 27.30 13.38 -20.77
CA GLY B 293 26.99 14.76 -20.34
C GLY B 293 28.20 15.54 -19.81
N PRO B 294 29.07 14.95 -18.97
CA PRO B 294 30.22 15.69 -18.43
C PRO B 294 31.15 16.26 -19.51
N VAL B 295 31.20 15.63 -20.69
CA VAL B 295 32.16 16.06 -21.74
C VAL B 295 31.83 17.49 -22.17
N PRO B 296 30.63 17.80 -22.72
CA PRO B 296 30.30 19.18 -23.07
C PRO B 296 30.33 20.13 -21.86
N ALA B 297 29.91 19.66 -20.68
CA ALA B 297 29.88 20.51 -19.47
C ALA B 297 31.32 20.90 -19.09
N ILE B 298 32.25 19.95 -19.10
CA ILE B 298 33.68 20.23 -18.75
C ILE B 298 34.24 21.23 -19.77
N LYS B 299 33.94 21.06 -21.06
CA LYS B 299 34.46 21.97 -22.11
C LYS B 299 33.97 23.40 -21.82
N LEU B 300 32.71 23.56 -21.41
CA LEU B 300 32.15 24.90 -21.09
C LEU B 300 32.90 25.50 -19.89
N ALA B 301 33.11 24.71 -18.83
CA ALA B 301 33.76 25.19 -17.59
C ALA B 301 35.21 25.58 -17.89
N LEU B 302 35.92 24.75 -18.65
CA LEU B 302 37.33 25.01 -19.04
C LEU B 302 37.41 26.28 -19.90
N ALA B 303 36.45 26.48 -20.81
CA ALA B 303 36.43 27.67 -21.69
C ALA B 303 36.26 28.92 -20.82
N GLN B 304 35.36 28.90 -19.81
CA GLN B 304 35.17 30.08 -18.90
C GLN B 304 36.48 30.32 -18.14
N ALA B 305 37.15 29.26 -17.68
CA ALA B 305 38.38 29.37 -16.87
C ALA B 305 39.60 29.72 -17.75
N GLN B 306 39.46 29.60 -19.07
CA GLN B 306 40.57 29.73 -20.06
C GLN B 306 41.66 28.73 -19.69
N TRP B 307 41.27 27.48 -19.42
CA TRP B 307 42.18 26.34 -19.14
C TRP B 307 42.07 25.31 -20.27
N GLN B 308 43.15 24.58 -20.49
CA GLN B 308 43.18 23.36 -21.34
C GLN B 308 43.07 22.15 -20.41
N VAL B 309 42.63 21.01 -20.94
CA VAL B 309 42.58 19.72 -20.19
C VAL B 309 43.94 19.46 -19.51
N GLN B 310 45.05 19.66 -20.24
CA GLN B 310 46.41 19.32 -19.76
C GLN B 310 46.82 20.25 -18.60
N ASP B 311 46.15 21.39 -18.40
CA ASP B 311 46.45 22.35 -17.31
C ASP B 311 45.87 21.86 -15.96
N VAL B 312 44.99 20.86 -15.98
CA VAL B 312 44.21 20.47 -14.77
C VAL B 312 44.97 19.39 -13.99
N ASP B 313 45.17 19.61 -12.69
CA ASP B 313 45.91 18.68 -11.80
C ASP B 313 45.06 17.43 -11.52
N ARG B 314 43.78 17.59 -11.27
CA ARG B 314 42.89 16.42 -11.06
C ARG B 314 41.49 16.72 -11.58
N PHE B 315 40.91 15.69 -12.20
CA PHE B 315 39.48 15.60 -12.54
C PHE B 315 38.80 14.71 -11.51
N GLU B 316 37.69 15.19 -10.97
CA GLU B 316 36.82 14.45 -10.02
C GLU B 316 35.46 14.33 -10.71
N VAL B 317 35.26 13.19 -11.37
CA VAL B 317 34.08 12.94 -12.24
C VAL B 317 33.30 11.80 -11.61
N ASN B 318 32.01 12.01 -11.38
CA ASN B 318 31.23 11.02 -10.62
C ASN B 318 31.25 9.65 -11.32
N GLU B 319 31.47 8.59 -10.54
CA GLU B 319 31.48 7.20 -11.04
C GLU B 319 30.06 6.64 -10.95
N ALA B 320 29.11 7.25 -11.65
CA ALA B 320 27.72 6.74 -11.71
C ALA B 320 27.76 5.29 -12.18
N PHE B 321 28.66 4.99 -13.12
CA PHE B 321 29.08 3.64 -13.56
C PHE B 321 30.55 3.72 -13.94
N ALA B 322 31.31 2.64 -13.77
CA ALA B 322 32.71 2.59 -14.28
C ALA B 322 32.71 3.04 -15.74
N ALA B 323 31.73 2.57 -16.52
CA ALA B 323 31.63 2.85 -17.98
C ALA B 323 31.62 4.37 -18.22
N VAL B 324 30.90 5.13 -17.40
CA VAL B 324 30.81 6.61 -17.56
C VAL B 324 32.18 7.26 -17.27
N GLY B 325 32.85 6.86 -16.21
CA GLY B 325 34.19 7.36 -15.90
C GLY B 325 35.13 7.14 -17.06
N LEU B 326 35.15 5.92 -17.61
CA LEU B 326 36.06 5.55 -18.73
C LEU B 326 35.73 6.40 -19.96
N VAL B 327 34.45 6.57 -20.30
CA VAL B 327 34.07 7.30 -21.53
C VAL B 327 34.52 8.76 -21.39
N VAL B 328 34.25 9.39 -20.25
CA VAL B 328 34.58 10.82 -20.04
C VAL B 328 36.11 10.99 -20.04
N ARG B 329 36.80 10.17 -19.25
CA ARG B 329 38.28 10.22 -19.16
C ARG B 329 38.89 10.11 -20.56
N ASP B 330 38.51 9.09 -21.32
CA ASP B 330 39.18 8.74 -22.59
C ASP B 330 38.75 9.74 -23.68
N GLU B 331 37.52 10.21 -23.67
CA GLU B 331 37.05 11.19 -24.69
C GLU B 331 37.86 12.50 -24.54
N LEU B 332 38.16 12.91 -23.31
CA LEU B 332 38.87 14.19 -23.05
C LEU B 332 40.39 13.98 -23.02
N GLY B 333 40.87 12.72 -23.10
CA GLY B 333 42.30 12.40 -23.14
C GLY B 333 42.97 12.71 -21.81
N ILE B 334 42.26 12.52 -20.70
CA ILE B 334 42.78 12.78 -19.33
C ILE B 334 43.67 11.61 -18.93
N ALA B 335 44.83 11.92 -18.34
CA ALA B 335 45.77 10.90 -17.82
C ALA B 335 45.05 10.11 -16.73
N PRO B 336 45.05 8.76 -16.78
CA PRO B 336 44.41 7.97 -15.73
C PRO B 336 44.88 8.31 -14.31
N GLU B 337 46.14 8.75 -14.14
CA GLU B 337 46.68 9.10 -12.80
C GLU B 337 46.07 10.43 -12.29
N ARG B 338 45.40 11.20 -13.15
CA ARG B 338 44.77 12.50 -12.78
C ARG B 338 43.25 12.40 -12.76
N PHE B 339 42.69 11.21 -12.90
CA PHE B 339 41.22 10.99 -12.97
C PHE B 339 40.77 10.21 -11.74
N ASN B 340 39.94 10.81 -10.89
CA ASN B 340 39.43 10.21 -9.61
C ASN B 340 40.61 9.62 -8.83
N VAL B 341 41.50 10.51 -8.43
CA VAL B 341 42.84 10.20 -7.89
C VAL B 341 42.70 9.38 -6.60
N ASP B 342 41.73 9.75 -5.76
CA ASP B 342 41.54 9.12 -4.42
C ASP B 342 40.34 8.18 -4.45
N GLY B 343 39.97 7.69 -5.64
CA GLY B 343 38.82 6.80 -5.82
C GLY B 343 37.53 7.59 -5.93
N GLY B 344 36.44 6.92 -6.24
CA GLY B 344 35.15 7.59 -6.45
C GLY B 344 33.98 6.76 -5.97
N ALA B 345 32.79 7.07 -6.49
CA ALA B 345 31.52 6.57 -5.95
C ALA B 345 31.45 5.03 -5.99
N ILE B 346 32.11 4.35 -6.92
CA ILE B 346 32.07 2.87 -6.91
C ILE B 346 32.51 2.39 -5.52
N ALA B 347 33.54 3.04 -4.96
CA ALA B 347 34.05 2.74 -3.61
C ALA B 347 33.17 3.40 -2.53
N HIS B 348 33.08 4.74 -2.51
CA HIS B 348 32.54 5.46 -1.34
C HIS B 348 31.01 5.59 -1.37
N GLY B 349 30.39 5.40 -2.54
CA GLY B 349 28.92 5.52 -2.67
C GLY B 349 28.48 6.79 -3.36
N HIS B 350 27.23 6.80 -3.81
CA HIS B 350 26.58 7.82 -4.66
C HIS B 350 25.25 8.23 -4.03
N PRO B 351 25.26 9.02 -2.93
CA PRO B 351 24.01 9.53 -2.33
C PRO B 351 23.49 10.68 -3.20
N ILE B 352 22.65 10.35 -4.19
CA ILE B 352 22.39 11.15 -5.43
C ILE B 352 22.53 12.66 -5.17
N GLY B 353 21.60 13.27 -4.44
CA GLY B 353 21.52 14.74 -4.30
C GLY B 353 22.69 15.34 -3.55
N ALA B 354 23.44 14.55 -2.79
CA ALA B 354 24.60 15.02 -2.01
C ALA B 354 25.89 14.89 -2.82
N THR B 355 25.95 13.98 -3.77
CA THR B 355 27.23 13.57 -4.42
C THR B 355 27.97 14.78 -4.98
N GLY B 356 27.32 15.70 -5.67
CA GLY B 356 28.03 16.84 -6.26
C GLY B 356 28.71 17.69 -5.19
N ALA B 357 28.03 17.87 -4.06
CA ALA B 357 28.57 18.65 -2.91
C ALA B 357 29.72 17.84 -2.28
N ILE B 358 29.59 16.52 -2.22
CA ILE B 358 30.66 15.62 -1.71
C ILE B 358 31.91 15.75 -2.60
N LEU B 359 31.74 15.77 -3.92
CA LEU B 359 32.91 15.81 -4.82
C LEU B 359 33.61 17.17 -4.67
N LEU B 360 32.86 18.25 -4.51
CA LEU B 360 33.45 19.59 -4.28
C LEU B 360 34.23 19.55 -2.96
N THR B 361 33.66 18.94 -1.93
CA THR B 361 34.29 18.82 -0.60
C THR B 361 35.60 18.05 -0.74
N LYS B 362 35.59 16.89 -1.43
CA LYS B 362 36.79 16.05 -1.60
C LYS B 362 37.90 16.90 -2.24
N VAL B 363 37.57 17.61 -3.31
CA VAL B 363 38.57 18.38 -4.08
C VAL B 363 39.11 19.52 -3.21
N ALA B 364 38.24 20.21 -2.45
CA ALA B 364 38.67 21.31 -1.56
C ALA B 364 39.80 20.82 -0.65
N HIS B 365 39.61 19.64 -0.06
CA HIS B 365 40.54 19.09 0.95
C HIS B 365 41.76 18.45 0.26
N ALA B 366 41.57 17.81 -0.88
CA ALA B 366 42.68 17.15 -1.61
C ALA B 366 43.67 18.21 -2.13
N LEU B 367 43.19 19.32 -2.69
CA LEU B 367 44.13 20.37 -3.21
C LEU B 367 44.90 20.95 -2.04
N ARG B 368 44.27 21.15 -0.87
CA ARG B 368 44.98 21.70 0.31
C ARG B 368 46.11 20.75 0.71
N ARG B 369 45.84 19.44 0.71
CA ARG B 369 46.84 18.42 1.15
C ARG B 369 47.99 18.34 0.14
N THR B 370 47.69 18.35 -1.16
CA THR B 370 48.66 18.06 -2.23
C THR B 370 49.36 19.32 -2.76
N SER B 371 48.80 20.50 -2.49
CA SER B 371 49.21 21.81 -3.09
C SER B 371 48.98 21.80 -4.61
N GLU B 372 48.21 20.86 -5.15
CA GLU B 372 47.72 20.95 -6.55
C GLU B 372 46.96 22.27 -6.69
N ARG B 373 46.97 22.88 -7.87
CA ARG B 373 46.41 24.24 -8.08
C ARG B 373 45.01 24.17 -8.71
N ARG B 374 44.78 23.27 -9.65
CA ARG B 374 43.61 23.31 -10.56
C ARG B 374 42.88 21.98 -10.59
N ALA B 375 41.56 22.02 -10.41
CA ALA B 375 40.71 20.81 -10.46
C ALA B 375 39.45 21.09 -11.25
N VAL B 376 38.85 20.03 -11.77
CA VAL B 376 37.49 20.05 -12.33
C VAL B 376 36.65 19.01 -11.61
N VAL B 377 35.49 19.42 -11.10
CA VAL B 377 34.44 18.51 -10.59
C VAL B 377 33.33 18.43 -11.65
N SER B 378 32.91 17.23 -12.02
CA SER B 378 31.82 17.08 -13.01
C SER B 378 30.99 15.85 -12.68
N LEU B 379 29.69 15.93 -12.96
CA LEU B 379 28.76 14.80 -12.78
C LEU B 379 27.88 14.66 -14.01
N CYS B 380 27.67 13.42 -14.43
CA CYS B 380 26.62 13.08 -15.41
C CYS B 380 25.28 13.14 -14.69
N ILE B 381 24.21 13.32 -15.44
CA ILE B 381 22.88 13.61 -14.87
C ILE B 381 21.84 12.81 -15.65
N GLY B 382 21.10 11.98 -14.95
CA GLY B 382 19.99 11.23 -15.53
C GLY B 382 19.07 12.19 -16.27
N GLY B 383 18.50 11.75 -17.39
CA GLY B 383 17.69 12.61 -18.25
C GLY B 383 18.56 13.28 -19.31
N GLY B 384 19.88 13.11 -19.25
CA GLY B 384 20.80 13.61 -20.30
C GLY B 384 21.32 14.99 -19.98
N GLN B 385 21.99 15.18 -18.83
CA GLN B 385 22.62 16.49 -18.54
C GLN B 385 24.03 16.24 -17.99
N GLY B 386 24.77 17.33 -17.84
CA GLY B 386 26.11 17.32 -17.24
C GLY B 386 26.35 18.65 -16.56
N ILE B 387 27.06 18.62 -15.45
CA ILE B 387 27.46 19.85 -14.71
C ILE B 387 28.96 19.74 -14.43
N ALA B 388 29.67 20.86 -14.52
CA ALA B 388 31.12 20.92 -14.26
C ALA B 388 31.46 22.25 -13.61
N LEU B 389 32.40 22.22 -12.67
CA LEU B 389 33.01 23.44 -12.10
C LEU B 389 34.52 23.31 -12.24
N ALA B 390 35.15 24.35 -12.79
CA ALA B 390 36.61 24.53 -12.80
C ALA B 390 36.97 25.30 -11.52
N LEU B 391 37.92 24.76 -10.75
CA LEU B 391 38.18 25.17 -9.35
C LEU B 391 39.68 25.37 -9.17
N GLU B 392 40.05 26.45 -8.48
CA GLU B 392 41.49 26.75 -8.23
C GLU B 392 41.70 26.84 -6.71
N ARG B 393 42.78 26.23 -6.23
CA ARG B 393 43.14 26.30 -4.79
C ARG B 393 43.39 27.77 -4.42
N VAL B 394 42.88 28.19 -3.27
CA VAL B 394 43.23 29.50 -2.63
C VAL B 394 44.32 29.23 -1.59
N LYS B 395 45.42 29.96 -1.64
CA LYS B 395 46.53 29.88 -0.63
C LYS B 395 46.08 30.58 0.64
N ASP C 4 -36.96 -37.75 10.71
CA ASP C 4 -35.49 -37.49 10.63
C ASP C 4 -35.09 -37.02 9.21
N GLU C 5 -36.05 -36.78 8.31
CA GLU C 5 -35.88 -35.97 7.09
C GLU C 5 -35.29 -34.61 7.48
N ILE C 6 -34.28 -34.11 6.77
CA ILE C 6 -33.66 -32.78 7.05
C ILE C 6 -34.29 -31.76 6.09
N VAL C 7 -34.83 -30.68 6.64
CA VAL C 7 -35.61 -29.70 5.84
C VAL C 7 -35.02 -28.29 6.00
N ILE C 8 -35.28 -27.49 4.96
CA ILE C 8 -34.96 -26.04 4.87
C ILE C 8 -36.25 -25.26 5.08
N SER C 9 -36.24 -24.31 6.01
CA SER C 9 -37.36 -23.39 6.33
C SER C 9 -36.89 -21.93 6.25
N SER C 10 -37.80 -21.02 5.88
CA SER C 10 -37.62 -19.55 5.95
C SER C 10 -36.35 -19.10 5.20
N ALA C 11 -36.08 -19.66 4.02
CA ALA C 11 -34.97 -19.20 3.16
C ALA C 11 -35.26 -17.76 2.73
N LEU C 12 -34.29 -16.87 2.95
CA LEU C 12 -34.43 -15.43 2.61
C LEU C 12 -33.09 -14.91 2.09
N ARG C 13 -33.13 -13.86 1.28
CA ARG C 13 -31.89 -13.27 0.73
C ARG C 13 -32.04 -11.76 0.62
N THR C 14 -30.92 -11.06 0.60
CA THR C 14 -30.89 -9.64 0.17
C THR C 14 -31.12 -9.62 -1.34
N PRO C 15 -31.45 -8.46 -1.91
CA PRO C 15 -31.26 -8.26 -3.35
C PRO C 15 -29.76 -8.31 -3.58
N ILE C 16 -29.35 -8.53 -4.81
CA ILE C 16 -27.91 -8.65 -5.16
C ILE C 16 -27.41 -7.32 -5.70
N GLY C 17 -26.32 -6.84 -5.13
CA GLY C 17 -25.69 -5.58 -5.53
C GLY C 17 -24.76 -5.76 -6.71
N ALA C 18 -24.69 -4.74 -7.57
CA ALA C 18 -23.74 -4.64 -8.69
C ALA C 18 -22.37 -4.25 -8.13
N PHE C 19 -21.34 -4.55 -8.89
CA PHE C 19 -19.99 -4.06 -8.56
C PHE C 19 -20.02 -2.53 -8.50
N SER C 20 -19.50 -1.96 -7.42
CA SER C 20 -19.44 -0.50 -7.18
C SER C 20 -20.88 0.04 -7.08
N GLY C 21 -21.82 -0.83 -6.70
CA GLY C 21 -23.25 -0.53 -6.65
C GLY C 21 -23.75 -0.21 -5.25
N THR C 22 -25.02 -0.49 -5.00
CA THR C 22 -25.75 0.03 -3.81
C THR C 22 -25.16 -0.53 -2.51
N LEU C 23 -24.61 -1.75 -2.54
CA LEU C 23 -24.10 -2.41 -1.31
C LEU C 23 -22.60 -2.20 -1.16
N LYS C 24 -21.99 -1.31 -1.94
CA LYS C 24 -20.49 -1.22 -1.95
C LYS C 24 -19.94 -0.86 -0.58
N ASP C 25 -20.70 -0.21 0.30
CA ASP C 25 -20.22 0.26 1.62
C ASP C 25 -20.77 -0.61 2.76
N THR C 26 -21.43 -1.73 2.44
CA THR C 26 -22.09 -2.58 3.46
C THR C 26 -21.33 -3.90 3.56
N PRO C 27 -20.56 -4.14 4.66
CA PRO C 27 -19.82 -5.38 4.80
C PRO C 27 -20.68 -6.64 4.64
N ALA C 28 -20.08 -7.68 4.07
CA ALA C 28 -20.71 -9.00 3.90
C ALA C 28 -21.34 -9.45 5.21
N ALA C 29 -20.65 -9.29 6.35
CA ALA C 29 -21.16 -9.76 7.65
C ALA C 29 -22.43 -8.97 8.02
N ALA C 30 -22.52 -7.69 7.66
CA ALA C 30 -23.70 -6.85 7.96
C ALA C 30 -24.88 -7.32 7.09
N LEU C 31 -24.62 -7.71 5.84
CA LEU C 31 -25.69 -8.26 4.95
C LEU C 31 -26.24 -9.54 5.59
N GLY C 32 -25.37 -10.44 6.02
CA GLY C 32 -25.80 -11.68 6.69
C GLY C 32 -26.57 -11.40 7.96
N ALA C 33 -26.07 -10.50 8.80
CA ALA C 33 -26.71 -10.14 10.10
C ALA C 33 -28.13 -9.67 9.82
N HIS C 34 -28.31 -8.86 8.77
CA HIS C 34 -29.64 -8.29 8.40
C HIS C 34 -30.59 -9.43 8.05
N VAL C 35 -30.12 -10.42 7.27
CA VAL C 35 -30.99 -11.55 6.85
C VAL C 35 -31.35 -12.36 8.08
N VAL C 36 -30.38 -12.63 8.95
CA VAL C 36 -30.62 -13.48 10.15
C VAL C 36 -31.62 -12.77 11.07
N LYS C 37 -31.41 -11.47 11.31
CA LYS C 37 -32.31 -10.67 12.19
C LYS C 37 -33.74 -10.77 11.63
N THR C 38 -33.89 -10.62 10.32
CA THR C 38 -35.21 -10.61 9.65
C THR C 38 -35.84 -12.02 9.76
N LEU C 39 -35.06 -13.06 9.48
CA LEU C 39 -35.51 -14.47 9.59
C LEU C 39 -36.07 -14.71 10.99
N LEU C 40 -35.38 -14.25 12.04
CA LEU C 40 -35.82 -14.49 13.43
C LEU C 40 -37.12 -13.73 13.70
N GLU C 41 -37.24 -12.49 13.23
CA GLU C 41 -38.42 -11.66 13.58
C GLU C 41 -39.64 -12.23 12.83
N ARG C 42 -39.49 -12.66 11.58
CA ARG C 42 -40.63 -13.16 10.77
C ARG C 42 -41.10 -14.54 11.26
N THR C 43 -40.18 -15.44 11.59
CA THR C 43 -40.52 -16.83 12.03
C THR C 43 -41.02 -16.82 13.47
N GLY C 44 -40.58 -15.85 14.28
CA GLY C 44 -40.77 -15.86 15.74
C GLY C 44 -40.04 -17.02 16.40
N LEU C 45 -39.06 -17.61 15.72
CA LEU C 45 -38.25 -18.73 16.28
C LEU C 45 -37.60 -18.28 17.59
N ALA C 46 -37.75 -19.05 18.67
CA ALA C 46 -37.06 -18.78 19.95
C ALA C 46 -35.56 -18.79 19.69
N PRO C 47 -34.84 -17.66 19.90
CA PRO C 47 -33.41 -17.60 19.59
C PRO C 47 -32.59 -18.68 20.30
N GLU C 48 -33.06 -19.14 21.47
CA GLU C 48 -32.36 -20.14 22.32
C GLU C 48 -32.41 -21.51 21.64
N ARG C 49 -33.30 -21.72 20.67
CA ARG C 49 -33.40 -23.01 19.94
C ARG C 49 -32.40 -23.04 18.77
N VAL C 50 -31.65 -21.96 18.52
CA VAL C 50 -30.60 -22.00 17.45
C VAL C 50 -29.32 -22.58 18.05
N ASP C 51 -28.87 -23.72 17.52
CA ASP C 51 -27.71 -24.43 18.09
C ASP C 51 -26.41 -23.92 17.48
N GLU C 52 -26.47 -23.38 16.26
CA GLU C 52 -25.26 -22.94 15.55
C GLU C 52 -25.64 -22.04 14.37
N VAL C 53 -24.76 -21.12 14.03
CA VAL C 53 -24.81 -20.37 12.75
C VAL C 53 -23.61 -20.78 11.91
N VAL C 54 -23.85 -21.27 10.70
CA VAL C 54 -22.77 -21.62 9.73
C VAL C 54 -22.91 -20.70 8.53
N MET C 55 -21.86 -19.96 8.18
CA MET C 55 -21.91 -19.06 7.01
C MET C 55 -20.75 -19.35 6.06
N GLY C 56 -21.06 -19.44 4.77
CA GLY C 56 -20.04 -19.42 3.71
C GLY C 56 -19.52 -18.00 3.50
N ASN C 57 -18.23 -17.87 3.26
CA ASN C 57 -17.60 -16.58 2.90
C ASN C 57 -16.25 -16.93 2.29
N VAL C 58 -15.98 -16.46 1.08
CA VAL C 58 -14.72 -16.82 0.36
C VAL C 58 -13.66 -15.75 0.60
N LEU C 59 -14.02 -14.48 0.46
CA LEU C 59 -13.06 -13.37 0.61
C LEU C 59 -13.13 -12.90 2.07
N GLN C 60 -12.54 -13.70 2.97
CA GLN C 60 -12.58 -13.42 4.43
C GLN C 60 -11.62 -12.27 4.77
N ALA C 61 -10.67 -11.95 3.89
CA ALA C 61 -9.65 -10.90 4.14
C ALA C 61 -10.32 -9.59 4.56
N GLY C 62 -9.94 -9.08 5.73
CA GLY C 62 -10.39 -7.77 6.23
C GLY C 62 -11.81 -7.79 6.78
N ASN C 63 -12.48 -8.95 6.83
CA ASN C 63 -13.87 -9.01 7.34
C ASN C 63 -13.88 -9.11 8.87
N GLY C 64 -12.71 -9.23 9.49
CA GLY C 64 -12.64 -9.35 10.96
C GLY C 64 -12.81 -10.79 11.40
N MET C 65 -12.60 -11.03 12.68
CA MET C 65 -12.55 -12.40 13.22
C MET C 65 -13.87 -13.14 12.97
N ASN C 66 -13.81 -14.27 12.24
CA ASN C 66 -14.93 -15.26 12.10
C ASN C 66 -16.24 -14.59 11.67
N VAL C 67 -16.40 -14.38 10.36
CA VAL C 67 -17.59 -13.71 9.77
C VAL C 67 -18.88 -14.33 10.33
N ALA C 68 -18.96 -15.65 10.45
CA ALA C 68 -20.21 -16.33 10.88
C ALA C 68 -20.61 -15.83 12.27
N ARG C 69 -19.65 -15.63 13.18
CA ARG C 69 -19.95 -15.18 14.56
C ARG C 69 -20.46 -13.73 14.53
N GLN C 70 -19.92 -12.91 13.64
CA GLN C 70 -20.40 -11.52 13.47
C GLN C 70 -21.85 -11.56 12.97
N VAL C 71 -22.12 -12.41 11.98
CA VAL C 71 -23.50 -12.57 11.43
C VAL C 71 -24.44 -12.95 12.58
N ALA C 72 -24.05 -13.90 13.43
CA ALA C 72 -24.89 -14.42 14.53
C ALA C 72 -25.15 -13.32 15.55
N VAL C 73 -24.09 -12.71 16.09
CA VAL C 73 -24.22 -11.72 17.20
C VAL C 73 -24.88 -10.44 16.67
N ASN C 74 -24.45 -9.94 15.51
CA ASN C 74 -25.03 -8.69 14.96
C ASN C 74 -26.44 -8.99 14.42
N GLY C 75 -26.79 -10.25 14.16
CA GLY C 75 -28.14 -10.67 13.78
C GLY C 75 -29.07 -10.74 15.00
N GLY C 76 -28.56 -10.50 16.20
CA GLY C 76 -29.36 -10.41 17.45
C GLY C 76 -29.47 -11.75 18.17
N LEU C 77 -28.73 -12.79 17.76
CA LEU C 77 -28.77 -14.08 18.47
C LEU C 77 -28.02 -13.93 19.79
N PRO C 78 -28.43 -14.69 20.82
CA PRO C 78 -27.72 -14.69 22.10
C PRO C 78 -26.25 -15.06 21.92
N VAL C 79 -25.37 -14.52 22.77
CA VAL C 79 -23.91 -14.83 22.70
C VAL C 79 -23.68 -16.32 22.93
N ALA C 80 -24.65 -17.06 23.49
CA ALA C 80 -24.53 -18.53 23.72
C ALA C 80 -24.58 -19.32 22.42
N VAL C 81 -24.91 -18.72 21.28
CA VAL C 81 -25.03 -19.46 19.99
C VAL C 81 -23.67 -19.49 19.31
N PRO C 82 -23.03 -20.67 19.15
CA PRO C 82 -21.75 -20.75 18.45
C PRO C 82 -21.90 -20.54 16.94
N ALA C 83 -20.79 -20.31 16.25
CA ALA C 83 -20.79 -19.97 14.82
C ALA C 83 -19.43 -20.24 14.21
N HIS C 84 -19.42 -20.73 12.97
CA HIS C 84 -18.14 -20.86 12.23
C HIS C 84 -18.36 -20.62 10.75
N THR C 85 -17.26 -20.28 10.08
CA THR C 85 -17.25 -19.83 8.68
C THR C 85 -16.65 -20.95 7.82
N VAL C 86 -17.31 -21.28 6.73
CA VAL C 86 -16.82 -22.33 5.78
C VAL C 86 -16.47 -21.70 4.45
N ASN C 87 -15.51 -22.31 3.76
CA ASN C 87 -14.99 -21.84 2.46
C ASN C 87 -14.79 -23.07 1.57
N ARG C 88 -15.69 -23.27 0.62
CA ARG C 88 -15.51 -24.17 -0.54
C ARG C 88 -15.78 -23.34 -1.80
N VAL C 89 -15.12 -22.17 -1.85
CA VAL C 89 -15.17 -21.16 -2.94
C VAL C 89 -16.63 -20.98 -3.37
N CYS C 90 -16.95 -21.09 -4.65
CA CYS C 90 -18.31 -20.76 -5.14
C CYS C 90 -19.37 -21.68 -4.52
N GLY C 91 -18.96 -22.83 -4.00
CA GLY C 91 -19.87 -23.76 -3.32
C GLY C 91 -20.19 -23.36 -1.90
N SER C 92 -19.55 -22.32 -1.34
CA SER C 92 -19.54 -22.05 0.13
C SER C 92 -20.94 -21.90 0.71
N GLY C 93 -21.84 -21.20 0.02
CA GLY C 93 -23.19 -20.92 0.55
C GLY C 93 -24.04 -22.17 0.59
N ALA C 94 -23.82 -23.09 -0.35
CA ALA C 94 -24.46 -24.42 -0.34
C ALA C 94 -23.73 -25.31 0.68
N GLN C 95 -22.41 -25.18 0.79
CA GLN C 95 -21.65 -25.98 1.78
C GLN C 95 -22.20 -25.71 3.18
N ALA C 96 -22.54 -24.47 3.52
CA ALA C 96 -23.04 -24.14 4.88
C ALA C 96 -24.26 -25.03 5.20
N VAL C 97 -25.12 -25.26 4.22
CA VAL C 97 -26.34 -26.10 4.40
C VAL C 97 -25.95 -27.58 4.53
N VAL C 98 -24.97 -28.04 3.75
CA VAL C 98 -24.45 -29.43 3.86
C VAL C 98 -23.83 -29.61 5.24
N THR C 99 -23.04 -28.65 5.70
CA THR C 99 -22.43 -28.65 7.05
C THR C 99 -23.53 -28.80 8.11
N ALA C 100 -24.59 -27.99 8.00
CA ALA C 100 -25.77 -28.03 8.91
C ALA C 100 -26.38 -29.45 8.90
N TYR C 101 -26.64 -29.98 7.71
CA TYR C 101 -27.18 -31.36 7.53
C TYR C 101 -26.31 -32.35 8.29
N ALA C 102 -24.98 -32.28 8.12
CA ALA C 102 -24.05 -33.23 8.77
C ALA C 102 -24.14 -33.07 10.29
N GLN C 103 -24.19 -31.85 10.79
CA GLN C 103 -24.25 -31.61 12.26
C GLN C 103 -25.57 -32.16 12.83
N ILE C 104 -26.67 -32.03 12.08
CA ILE C 104 -27.98 -32.51 12.59
C ILE C 104 -28.01 -34.04 12.54
N ARG C 105 -27.62 -34.63 11.41
CA ARG C 105 -27.69 -36.11 11.23
C ARG C 105 -26.74 -36.80 12.21
N SER C 106 -25.63 -36.15 12.60
CA SER C 106 -24.60 -36.74 13.49
C SER C 106 -24.93 -36.47 14.96
N GLY C 107 -25.98 -35.71 15.27
CA GLY C 107 -26.43 -35.42 16.64
C GLY C 107 -25.69 -34.26 17.31
N LEU C 108 -24.84 -33.53 16.59
CA LEU C 108 -24.12 -32.37 17.17
C LEU C 108 -25.07 -31.18 17.33
N SER C 109 -26.09 -31.07 16.47
CA SER C 109 -27.03 -29.93 16.42
C SER C 109 -28.45 -30.45 16.20
N ASN C 110 -29.44 -29.68 16.64
CA ASN C 110 -30.87 -29.92 16.29
C ASN C 110 -31.36 -28.86 15.28
N LEU C 111 -30.87 -27.62 15.37
CA LEU C 111 -31.34 -26.56 14.46
C LEU C 111 -30.17 -25.61 14.17
N VAL C 112 -29.94 -25.36 12.89
CA VAL C 112 -28.80 -24.53 12.43
C VAL C 112 -29.35 -23.42 11.53
N ILE C 113 -28.88 -22.20 11.70
CA ILE C 113 -29.08 -21.14 10.65
C ILE C 113 -27.86 -21.19 9.75
N ALA C 114 -28.07 -21.48 8.47
CA ALA C 114 -27.01 -21.68 7.48
C ALA C 114 -27.21 -20.72 6.32
N GLY C 115 -26.10 -20.24 5.76
CA GLY C 115 -26.17 -19.47 4.51
C GLY C 115 -24.81 -18.99 4.09
N GLY C 116 -24.79 -17.89 3.39
CA GLY C 116 -23.52 -17.33 2.89
C GLY C 116 -23.61 -15.85 2.66
N VAL C 117 -22.46 -15.20 2.65
CA VAL C 117 -22.34 -13.73 2.51
C VAL C 117 -21.13 -13.46 1.61
N GLU C 118 -21.20 -12.40 0.82
CA GLU C 118 -20.03 -11.93 0.05
C GLU C 118 -20.24 -10.48 -0.33
N ASN C 119 -19.17 -9.72 -0.35
CA ASN C 119 -19.19 -8.36 -0.91
C ASN C 119 -17.86 -8.12 -1.59
N MET C 120 -17.85 -8.17 -2.92
CA MET C 120 -16.56 -8.15 -3.67
C MET C 120 -15.96 -6.73 -3.65
N ASP C 121 -16.77 -5.67 -3.63
CA ASP C 121 -16.23 -4.29 -3.45
C ASP C 121 -15.45 -4.20 -2.13
N GLN C 122 -15.99 -4.82 -1.09
CA GLN C 122 -15.43 -4.73 0.28
C GLN C 122 -14.17 -5.59 0.43
N ALA C 123 -13.85 -6.45 -0.54
CA ALA C 123 -12.58 -7.21 -0.49
C ALA C 123 -11.44 -6.19 -0.56
N PRO C 124 -10.47 -6.25 0.37
CA PRO C 124 -9.37 -5.29 0.38
C PRO C 124 -8.29 -5.68 -0.64
N TYR C 125 -7.34 -4.78 -0.83
CA TYR C 125 -6.04 -5.10 -1.47
C TYR C 125 -5.10 -5.66 -0.40
N LEU C 126 -4.19 -6.50 -0.84
CA LEU C 126 -3.22 -7.23 0.02
C LEU C 126 -1.81 -6.73 -0.32
N MET C 127 -1.00 -6.53 0.70
CA MET C 127 0.42 -6.15 0.53
C MET C 127 1.30 -7.20 1.17
N PRO C 128 1.65 -8.28 0.42
CA PRO C 128 2.47 -9.36 0.96
C PRO C 128 3.86 -8.92 1.43
N SER C 129 4.41 -7.84 0.86
CA SER C 129 5.79 -7.41 1.17
C SER C 129 5.82 -6.37 2.30
N LEU C 130 4.68 -5.91 2.81
CA LEU C 130 4.68 -4.81 3.82
C LEU C 130 5.18 -5.30 5.19
N ARG C 131 4.98 -6.54 5.58
CA ARG C 131 5.38 -6.96 6.93
C ARG C 131 6.92 -6.89 7.05
N HIS C 132 7.64 -7.49 6.14
CA HIS C 132 9.12 -7.64 6.28
C HIS C 132 9.86 -6.85 5.21
N GLY C 133 9.14 -6.19 4.30
CA GLY C 133 9.74 -5.19 3.40
C GLY C 133 9.92 -5.69 1.99
N ALA C 134 9.88 -4.77 1.04
CA ALA C 134 10.13 -4.99 -0.39
C ALA C 134 11.62 -4.79 -0.70
N ARG C 135 12.33 -4.09 0.21
CA ARG C 135 13.80 -3.82 0.19
C ARG C 135 14.21 -2.86 -0.94
N MET C 136 14.03 -3.24 -2.21
CA MET C 136 14.35 -2.37 -3.36
C MET C 136 13.59 -2.90 -4.57
N GLY C 137 13.06 -2.00 -5.37
CA GLY C 137 12.32 -2.36 -6.58
C GLY C 137 10.83 -2.36 -6.32
N HIS C 138 10.06 -2.18 -7.37
CA HIS C 138 8.59 -2.10 -7.30
C HIS C 138 8.03 -3.41 -6.74
N THR C 139 6.89 -3.33 -6.07
CA THR C 139 6.24 -4.50 -5.44
C THR C 139 4.74 -4.47 -5.78
N GLN C 140 4.05 -5.59 -5.66
CA GLN C 140 2.63 -5.66 -6.06
C GLN C 140 1.72 -5.53 -4.83
N ALA C 141 0.62 -4.80 -4.98
CA ALA C 141 -0.55 -4.85 -4.09
C ALA C 141 -1.59 -5.68 -4.81
N LEU C 142 -1.99 -6.80 -4.23
CA LEU C 142 -2.88 -7.77 -4.92
C LEU C 142 -4.33 -7.45 -4.61
N ASP C 143 -5.18 -7.55 -5.61
CA ASP C 143 -6.64 -7.49 -5.41
C ASP C 143 -7.06 -8.82 -4.78
N ALA C 144 -7.52 -8.82 -3.52
CA ALA C 144 -7.92 -10.07 -2.83
C ALA C 144 -9.01 -10.79 -3.61
N LEU C 145 -9.90 -10.10 -4.34
CA LEU C 145 -10.99 -10.87 -5.00
C LEU C 145 -10.37 -11.78 -6.07
N LEU C 146 -9.24 -11.39 -6.68
CA LEU C 146 -8.51 -12.27 -7.62
C LEU C 146 -7.67 -13.29 -6.85
N ARG C 147 -6.87 -12.84 -5.89
CA ARG C 147 -5.88 -13.73 -5.23
C ARG C 147 -6.61 -14.84 -4.45
N ASP C 148 -7.68 -14.52 -3.74
CA ASP C 148 -8.33 -15.48 -2.81
C ASP C 148 -9.66 -16.01 -3.38
N GLY C 149 -10.16 -15.47 -4.49
CA GLY C 149 -11.53 -15.77 -4.98
C GLY C 149 -11.59 -16.33 -6.39
N LEU C 150 -11.02 -15.64 -7.38
CA LEU C 150 -11.28 -15.93 -8.81
C LEU C 150 -10.06 -16.53 -9.54
N ASN C 151 -8.85 -16.31 -9.04
CA ASN C 151 -7.65 -16.91 -9.69
C ASN C 151 -7.44 -18.30 -9.11
N ASP C 152 -7.12 -19.25 -9.98
CA ASP C 152 -6.74 -20.61 -9.56
C ASP C 152 -5.49 -20.53 -8.68
N ALA C 153 -5.47 -21.28 -7.58
CA ALA C 153 -4.36 -21.25 -6.61
C ALA C 153 -3.11 -21.91 -7.18
N PHE C 154 -3.26 -22.78 -8.20
CA PHE C 154 -2.12 -23.57 -8.74
C PHE C 154 -1.47 -22.81 -9.90
N SER C 155 -2.28 -22.19 -10.77
CA SER C 155 -1.79 -21.52 -12.01
C SER C 155 -1.68 -19.99 -11.84
N ASP C 156 -2.43 -19.40 -10.90
CA ASP C 156 -2.62 -17.92 -10.76
C ASP C 156 -3.36 -17.35 -11.98
N GLN C 157 -3.97 -18.19 -12.84
CA GLN C 157 -4.80 -17.72 -13.98
C GLN C 157 -6.25 -17.53 -13.50
N HIS C 158 -6.94 -16.59 -14.10
CA HIS C 158 -8.38 -16.33 -13.82
C HIS C 158 -9.19 -17.59 -14.13
N SER C 159 -10.22 -17.88 -13.32
CA SER C 159 -11.21 -18.94 -13.60
C SER C 159 -11.72 -18.83 -15.05
N GLY C 160 -11.89 -17.61 -15.57
CA GLY C 160 -12.38 -17.39 -16.96
C GLY C 160 -11.37 -17.84 -18.00
N TRP C 161 -10.08 -17.67 -17.70
CA TRP C 161 -8.97 -18.15 -18.56
C TRP C 161 -9.03 -19.68 -18.63
N HIS C 162 -9.16 -20.35 -17.49
CA HIS C 162 -9.25 -21.83 -17.41
C HIS C 162 -10.50 -22.32 -18.15
N THR C 163 -11.61 -21.58 -18.03
CA THR C 163 -12.90 -22.02 -18.62
C THR C 163 -12.80 -22.02 -20.16
N GLU C 164 -11.87 -21.26 -20.75
CA GLU C 164 -11.64 -21.33 -22.22
C GLU C 164 -11.19 -22.74 -22.62
N ASP C 165 -10.54 -23.50 -21.73
CA ASP C 165 -10.14 -24.90 -22.03
C ASP C 165 -11.36 -25.81 -21.96
N LEU C 166 -12.31 -25.52 -21.08
CA LEU C 166 -13.60 -26.27 -21.02
C LEU C 166 -14.37 -25.98 -22.32
N VAL C 167 -14.38 -24.71 -22.74
CA VAL C 167 -15.02 -24.28 -24.02
C VAL C 167 -14.42 -25.09 -25.18
N ALA C 168 -13.11 -25.17 -25.26
CA ALA C 168 -12.38 -25.88 -26.34
C ALA C 168 -12.74 -27.37 -26.29
N LYS C 169 -12.66 -27.99 -25.12
CA LYS C 169 -12.88 -29.45 -24.97
C LYS C 169 -14.30 -29.84 -25.41
N TYR C 170 -15.31 -29.06 -25.02
CA TYR C 170 -16.74 -29.39 -25.26
C TYR C 170 -17.28 -28.65 -26.49
N GLU C 171 -16.40 -27.96 -27.22
CA GLU C 171 -16.72 -27.23 -28.48
C GLU C 171 -17.94 -26.35 -28.27
N VAL C 172 -17.89 -25.50 -27.24
CA VAL C 172 -19.00 -24.59 -26.86
C VAL C 172 -18.81 -23.30 -27.65
N SER C 173 -19.64 -23.07 -28.67
CA SER C 173 -19.50 -21.92 -29.59
C SER C 173 -19.77 -20.63 -28.81
N ARG C 174 -19.12 -19.56 -29.25
CA ARG C 174 -19.40 -18.17 -28.81
C ARG C 174 -20.91 -17.91 -28.95
N GLU C 175 -21.50 -18.30 -30.09
CA GLU C 175 -22.93 -18.03 -30.40
C GLU C 175 -23.81 -18.72 -29.34
N ALA C 176 -23.52 -19.97 -28.97
CA ALA C 176 -24.28 -20.72 -27.95
C ALA C 176 -24.14 -20.03 -26.59
N GLN C 177 -22.93 -19.57 -26.24
CA GLN C 177 -22.69 -18.88 -24.95
C GLN C 177 -23.53 -17.60 -24.90
N ASP C 178 -23.55 -16.82 -25.98
CA ASP C 178 -24.27 -15.53 -26.03
C ASP C 178 -25.77 -15.77 -26.00
N ARG C 179 -26.26 -16.82 -26.66
CA ARG C 179 -27.69 -17.17 -26.62
C ARG C 179 -28.09 -17.51 -25.18
N PHE C 180 -27.27 -18.34 -24.51
CA PHE C 180 -27.53 -18.77 -23.12
C PHE C 180 -27.59 -17.53 -22.21
N ALA C 181 -26.65 -16.60 -22.40
CA ALA C 181 -26.52 -15.38 -21.57
C ALA C 181 -27.71 -14.47 -21.80
N ALA C 182 -28.08 -14.25 -23.06
CA ALA C 182 -29.24 -13.38 -23.40
C ALA C 182 -30.51 -14.00 -22.82
N THR C 183 -30.63 -15.32 -22.89
CA THR C 183 -31.81 -16.05 -22.37
C THR C 183 -31.85 -15.92 -20.84
N SER C 184 -30.71 -16.00 -20.16
CA SER C 184 -30.64 -15.79 -18.69
C SER C 184 -31.17 -14.39 -18.34
N GLN C 185 -30.72 -13.36 -19.07
CA GLN C 185 -31.17 -11.97 -18.85
C GLN C 185 -32.68 -11.87 -19.07
N GLN C 186 -33.17 -12.44 -20.16
CA GLN C 186 -34.60 -12.34 -20.57
C GLN C 186 -35.47 -13.04 -19.53
N ARG C 187 -35.07 -14.26 -19.11
CA ARG C 187 -35.85 -15.05 -18.14
C ARG C 187 -35.87 -14.33 -16.79
N PHE C 188 -34.72 -13.83 -16.35
CA PHE C 188 -34.62 -13.13 -15.06
C PHE C 188 -35.49 -11.86 -15.10
N ALA C 189 -35.41 -11.07 -16.17
CA ALA C 189 -36.16 -9.79 -16.28
C ALA C 189 -37.66 -10.07 -16.20
N ALA C 190 -38.14 -11.10 -16.91
CA ALA C 190 -39.58 -11.45 -16.94
C ALA C 190 -40.02 -11.92 -15.55
N ALA C 191 -39.24 -12.76 -14.90
CA ALA C 191 -39.53 -13.28 -13.54
C ALA C 191 -39.56 -12.09 -12.57
N GLN C 192 -38.59 -11.18 -12.67
CA GLN C 192 -38.50 -10.00 -11.78
C GLN C 192 -39.75 -9.13 -11.97
N ALA C 193 -40.15 -8.86 -13.21
CA ALA C 193 -41.31 -8.01 -13.54
C ALA C 193 -42.61 -8.66 -13.03
N ALA C 194 -42.68 -9.99 -13.03
CA ALA C 194 -43.84 -10.77 -12.54
C ALA C 194 -43.93 -10.75 -11.01
N GLY C 195 -42.89 -10.25 -10.31
CA GLY C 195 -42.86 -10.16 -8.84
C GLY C 195 -42.38 -11.44 -8.19
N TRP C 196 -41.79 -12.35 -8.96
CA TRP C 196 -41.43 -13.72 -8.49
C TRP C 196 -40.29 -13.71 -7.47
N PHE C 197 -39.51 -12.63 -7.35
CA PHE C 197 -38.42 -12.56 -6.36
C PHE C 197 -38.83 -11.72 -5.15
N GLU C 198 -40.01 -11.09 -5.14
CA GLU C 198 -40.37 -10.18 -4.03
C GLU C 198 -40.49 -10.97 -2.72
N GLY C 199 -41.04 -12.18 -2.74
CA GLY C 199 -41.27 -12.96 -1.52
C GLY C 199 -39.99 -13.38 -0.81
N GLU C 200 -38.93 -13.64 -1.56
CA GLU C 200 -37.67 -14.20 -1.01
C GLU C 200 -36.72 -13.07 -0.60
N ILE C 201 -36.96 -11.83 -1.04
CA ILE C 201 -36.00 -10.71 -0.84
C ILE C 201 -36.36 -9.98 0.46
N VAL C 202 -35.34 -9.72 1.28
CA VAL C 202 -35.44 -8.81 2.46
C VAL C 202 -34.76 -7.51 2.06
N PRO C 203 -35.53 -6.41 1.89
CA PRO C 203 -34.92 -5.15 1.53
C PRO C 203 -33.92 -4.70 2.59
N VAL C 204 -32.86 -4.01 2.13
CA VAL C 204 -31.80 -3.51 3.04
C VAL C 204 -31.84 -1.99 2.98
N THR C 205 -31.89 -1.37 4.15
CA THR C 205 -31.88 0.10 4.31
C THR C 205 -30.43 0.57 4.36
N ILE C 206 -30.06 1.44 3.42
CA ILE C 206 -28.69 2.00 3.28
C ILE C 206 -28.75 3.45 3.79
N THR C 207 -27.97 3.76 4.83
CA THR C 207 -27.89 5.13 5.41
C THR C 207 -26.69 5.81 4.77
N THR C 208 -26.93 6.96 4.14
CA THR C 208 -25.98 7.70 3.26
C THR C 208 -26.02 9.18 3.65
N GLU C 212 -31.59 7.94 4.18
CA GLU C 212 -31.58 6.47 3.98
C GLU C 212 -32.38 6.14 2.73
N THR C 213 -31.92 5.10 2.01
CA THR C 213 -32.59 4.54 0.82
C THR C 213 -32.83 3.03 1.05
N VAL C 214 -33.95 2.54 0.57
CA VAL C 214 -34.31 1.11 0.69
C VAL C 214 -33.91 0.42 -0.60
N PHE C 215 -32.97 -0.51 -0.52
CA PHE C 215 -32.53 -1.40 -1.63
C PHE C 215 -33.39 -2.68 -1.60
N ALA C 216 -34.30 -2.83 -2.55
CA ALA C 216 -35.31 -3.92 -2.53
C ALA C 216 -35.26 -4.75 -3.81
N LYS C 217 -34.55 -4.34 -4.85
CA LYS C 217 -34.60 -4.97 -6.20
C LYS C 217 -33.19 -5.32 -6.67
N ASP C 218 -33.01 -6.55 -7.18
CA ASP C 218 -31.73 -6.97 -7.82
C ASP C 218 -31.36 -5.91 -8.88
N GLU C 219 -30.12 -5.41 -8.89
CA GLU C 219 -29.75 -4.24 -9.71
C GLU C 219 -28.71 -4.59 -10.78
N ALA C 220 -28.17 -5.82 -10.78
CA ALA C 220 -27.01 -6.17 -11.65
C ALA C 220 -27.46 -6.60 -13.05
N ASN C 221 -28.75 -6.85 -13.25
CA ASN C 221 -29.26 -7.48 -14.50
C ASN C 221 -29.43 -6.41 -15.58
N ARG C 222 -29.43 -6.85 -16.84
CA ARG C 222 -29.55 -5.99 -18.04
C ARG C 222 -30.69 -6.54 -18.90
N PRO C 223 -31.94 -6.11 -18.63
CA PRO C 223 -33.10 -6.65 -19.32
C PRO C 223 -33.13 -6.51 -20.84
N ASP C 224 -32.41 -5.54 -21.41
CA ASP C 224 -32.43 -5.24 -22.86
C ASP C 224 -31.41 -6.11 -23.61
N THR C 225 -30.74 -7.02 -22.92
CA THR C 225 -29.66 -7.86 -23.53
C THR C 225 -30.23 -8.69 -24.68
N THR C 226 -29.54 -8.71 -25.82
CA THR C 226 -29.82 -9.62 -26.95
C THR C 226 -28.56 -10.37 -27.35
N GLU C 227 -28.73 -11.54 -27.97
CA GLU C 227 -27.58 -12.33 -28.47
C GLU C 227 -26.84 -11.51 -29.54
N ALA C 228 -27.54 -10.70 -30.35
CA ALA C 228 -26.91 -9.84 -31.38
C ALA C 228 -25.99 -8.81 -30.71
N GLY C 229 -26.47 -8.18 -29.63
CA GLY C 229 -25.66 -7.20 -28.86
C GLY C 229 -24.44 -7.88 -28.25
N LEU C 230 -24.61 -9.08 -27.69
CA LEU C 230 -23.51 -9.79 -27.00
C LEU C 230 -22.44 -10.19 -28.02
N ALA C 231 -22.81 -10.43 -29.29
CA ALA C 231 -21.86 -10.85 -30.34
C ALA C 231 -20.80 -9.76 -30.55
N LYS C 232 -21.06 -8.51 -30.16
CA LYS C 232 -20.14 -7.36 -30.41
C LYS C 232 -19.04 -7.28 -29.36
N LEU C 233 -19.18 -7.96 -28.23
CA LEU C 233 -18.24 -7.78 -27.07
C LEU C 233 -16.91 -8.49 -27.35
N ARG C 234 -15.83 -7.94 -26.79
CA ARG C 234 -14.46 -8.52 -26.95
C ARG C 234 -14.26 -9.61 -25.90
N PRO C 235 -13.47 -10.67 -26.20
CA PRO C 235 -13.11 -11.67 -25.21
C PRO C 235 -12.40 -11.02 -24.02
N ALA C 236 -12.73 -11.46 -22.81
CA ALA C 236 -12.23 -10.85 -21.54
C ALA C 236 -10.97 -11.55 -21.03
N PHE C 237 -10.71 -12.81 -21.36
CA PHE C 237 -9.69 -13.62 -20.65
C PHE C 237 -8.59 -14.15 -21.58
N ARG C 238 -8.87 -14.37 -22.87
CA ARG C 238 -7.85 -14.78 -23.86
C ARG C 238 -8.11 -14.06 -25.18
N LYS C 239 -7.04 -13.74 -25.93
CA LYS C 239 -7.11 -12.97 -27.20
C LYS C 239 -8.05 -13.67 -28.18
N ASP C 240 -8.03 -15.00 -28.24
CA ASP C 240 -8.84 -15.80 -29.20
C ASP C 240 -10.01 -16.46 -28.45
N GLY C 241 -10.47 -15.82 -27.38
CA GLY C 241 -11.44 -16.42 -26.46
C GLY C 241 -12.87 -16.25 -26.91
N THR C 242 -13.78 -16.84 -26.14
CA THR C 242 -15.24 -16.79 -26.34
C THR C 242 -15.92 -16.14 -25.15
N ILE C 243 -15.28 -16.13 -23.98
CA ILE C 243 -15.90 -15.61 -22.73
C ILE C 243 -15.70 -14.09 -22.68
N THR C 244 -16.78 -13.36 -22.41
CA THR C 244 -16.85 -11.88 -22.41
C THR C 244 -17.50 -11.40 -21.11
N ALA C 245 -17.50 -10.09 -20.88
CA ALA C 245 -18.21 -9.46 -19.75
C ALA C 245 -19.72 -9.73 -19.85
N GLY C 246 -20.23 -10.08 -21.05
CA GLY C 246 -21.67 -10.25 -21.28
C GLY C 246 -22.14 -11.69 -21.12
N ASN C 247 -21.27 -12.69 -21.21
CA ASN C 247 -21.67 -14.11 -21.04
C ASN C 247 -21.02 -14.67 -19.76
N ALA C 248 -20.63 -13.77 -18.86
CA ALA C 248 -20.14 -14.06 -17.50
C ALA C 248 -20.87 -13.14 -16.52
N PRO C 249 -21.03 -13.55 -15.25
CA PRO C 249 -21.62 -12.70 -14.22
C PRO C 249 -20.64 -11.61 -13.79
N GLY C 250 -21.10 -10.75 -12.89
CA GLY C 250 -20.31 -9.63 -12.36
C GLY C 250 -19.59 -9.97 -11.07
N LEU C 251 -19.19 -8.93 -10.36
CA LEU C 251 -18.49 -8.98 -9.05
C LEU C 251 -19.44 -8.44 -7.99
N ASN C 252 -20.27 -9.31 -7.44
CA ASN C 252 -21.52 -8.89 -6.77
C ASN C 252 -21.45 -9.02 -5.26
N ALA C 253 -22.48 -8.51 -4.60
CA ALA C 253 -22.60 -8.50 -3.13
C ALA C 253 -24.00 -9.01 -2.76
N GLY C 254 -24.07 -9.79 -1.69
CA GLY C 254 -25.37 -10.23 -1.17
C GLY C 254 -25.21 -11.22 -0.05
N ALA C 255 -26.35 -11.65 0.47
CA ALA C 255 -26.38 -12.65 1.57
C ALA C 255 -27.68 -13.43 1.47
N ALA C 256 -27.66 -14.66 1.95
CA ALA C 256 -28.87 -15.47 2.08
C ALA C 256 -28.69 -16.40 3.28
N ALA C 257 -29.80 -16.76 3.91
CA ALA C 257 -29.77 -17.63 5.09
C ALA C 257 -31.10 -18.37 5.20
N MET C 258 -31.06 -19.49 5.89
CA MET C 258 -32.24 -20.35 6.05
C MET C 258 -32.07 -21.21 7.29
N ILE C 259 -33.17 -21.78 7.78
CA ILE C 259 -33.14 -22.69 8.95
C ILE C 259 -33.03 -24.10 8.40
N VAL C 260 -32.13 -24.88 8.99
CA VAL C 260 -31.96 -26.33 8.68
C VAL C 260 -32.24 -27.08 9.98
N SER C 261 -33.12 -28.08 9.90
CA SER C 261 -33.56 -28.88 11.08
C SER C 261 -34.16 -30.18 10.58
N SER C 262 -34.44 -31.12 11.48
CA SER C 262 -35.32 -32.26 11.14
C SER C 262 -36.70 -31.69 10.83
N HIS C 263 -37.48 -32.44 10.05
CA HIS C 263 -38.90 -32.10 9.79
C HIS C 263 -39.64 -32.00 11.13
N ALA C 264 -39.41 -32.95 12.04
CA ALA C 264 -40.10 -32.99 13.36
C ALA C 264 -39.80 -31.72 14.14
N THR C 265 -38.53 -31.29 14.17
CA THR C 265 -38.09 -30.06 14.88
C THR C 265 -38.82 -28.85 14.28
N ALA C 266 -38.87 -28.76 12.95
CA ALA C 266 -39.52 -27.63 12.24
C ALA C 266 -40.99 -27.56 12.67
N THR C 267 -41.71 -28.68 12.62
CA THR C 267 -43.14 -28.78 13.00
C THR C 267 -43.29 -28.37 14.47
N GLU C 268 -42.47 -28.93 15.37
CA GLU C 268 -42.48 -28.64 16.82
C GLU C 268 -42.39 -27.13 17.06
N LEU C 269 -41.56 -26.42 16.30
CA LEU C 269 -41.26 -24.96 16.55
C LEU C 269 -42.12 -24.06 15.67
N GLY C 270 -43.13 -24.61 14.98
CA GLY C 270 -44.12 -23.84 14.21
C GLY C 270 -43.51 -23.24 12.95
N LEU C 271 -42.45 -23.85 12.41
CA LEU C 271 -41.87 -23.42 11.12
C LEU C 271 -42.63 -24.10 9.99
N GLN C 272 -42.58 -23.50 8.79
CA GLN C 272 -43.18 -24.06 7.56
C GLN C 272 -42.04 -24.50 6.65
N PRO C 273 -41.69 -25.79 6.65
CA PRO C 273 -40.63 -26.29 5.77
C PRO C 273 -40.94 -25.98 4.30
N GLN C 274 -39.89 -25.64 3.53
CA GLN C 274 -39.96 -25.34 2.08
C GLN C 274 -39.43 -26.53 1.28
N LEU C 275 -38.31 -27.12 1.71
CA LEU C 275 -37.62 -28.19 0.94
C LEU C 275 -37.14 -29.27 1.89
N VAL C 276 -37.17 -30.52 1.42
CA VAL C 276 -36.49 -31.64 2.10
C VAL C 276 -35.23 -31.97 1.31
N ILE C 277 -34.11 -32.14 2.01
CA ILE C 277 -32.83 -32.53 1.37
C ILE C 277 -32.91 -34.04 1.13
N ARG C 278 -33.00 -34.44 -0.14
CA ARG C 278 -33.10 -35.86 -0.56
C ARG C 278 -31.74 -36.42 -0.95
N GLY C 279 -30.78 -35.57 -1.31
CA GLY C 279 -29.47 -36.06 -1.75
C GLY C 279 -28.44 -34.96 -1.73
N ILE C 280 -27.20 -35.34 -1.42
CA ILE C 280 -26.04 -34.39 -1.38
C ILE C 280 -24.92 -35.03 -2.18
N GLY C 281 -24.28 -34.23 -3.05
CA GLY C 281 -23.10 -34.66 -3.79
C GLY C 281 -22.01 -33.63 -3.68
N VAL C 282 -20.80 -34.09 -3.36
CA VAL C 282 -19.58 -33.24 -3.38
C VAL C 282 -18.54 -34.01 -4.18
N ALA C 283 -18.04 -33.42 -5.26
CA ALA C 283 -17.05 -34.08 -6.14
C ALA C 283 -15.92 -33.12 -6.48
N ALA C 284 -14.86 -33.65 -7.04
CA ALA C 284 -13.69 -32.85 -7.45
C ALA C 284 -13.12 -33.43 -8.74
N VAL C 285 -12.54 -32.53 -9.53
CA VAL C 285 -12.03 -32.78 -10.91
C VAL C 285 -10.73 -31.99 -11.04
N GLU C 286 -10.09 -32.07 -12.21
CA GLU C 286 -8.90 -31.26 -12.54
C GLU C 286 -9.23 -29.79 -12.31
N PRO C 287 -8.42 -29.04 -11.54
CA PRO C 287 -8.62 -27.59 -11.37
C PRO C 287 -8.89 -26.85 -12.70
N GLY C 288 -8.15 -27.20 -13.75
CA GLY C 288 -8.26 -26.57 -15.07
C GLY C 288 -9.62 -26.79 -15.74
N LEU C 289 -10.35 -27.82 -15.35
CA LEU C 289 -11.69 -28.15 -15.92
C LEU C 289 -12.78 -28.02 -14.84
N PHE C 290 -12.66 -27.06 -13.92
CA PHE C 290 -13.53 -26.98 -12.72
C PHE C 290 -15.01 -26.87 -13.12
N GLY C 291 -15.29 -26.29 -14.29
CA GLY C 291 -16.67 -26.08 -14.77
C GLY C 291 -17.44 -27.38 -14.91
N PHE C 292 -16.72 -28.49 -15.03
CA PHE C 292 -17.34 -29.85 -15.17
C PHE C 292 -17.76 -30.39 -13.81
N GLY C 293 -17.24 -29.82 -12.71
CA GLY C 293 -17.48 -30.30 -11.33
C GLY C 293 -18.94 -30.66 -11.05
N PRO C 294 -19.94 -29.85 -11.45
CA PRO C 294 -21.34 -30.16 -11.12
C PRO C 294 -21.80 -31.51 -11.67
N VAL C 295 -21.20 -32.00 -12.75
CA VAL C 295 -21.67 -33.25 -13.39
C VAL C 295 -21.52 -34.41 -12.40
N PRO C 296 -20.31 -34.77 -11.91
CA PRO C 296 -20.19 -35.83 -10.91
C PRO C 296 -20.95 -35.53 -9.60
N ALA C 297 -21.00 -34.27 -9.18
CA ALA C 297 -21.69 -33.87 -7.93
C ALA C 297 -23.19 -34.15 -8.09
N ILE C 298 -23.78 -33.76 -9.21
CA ILE C 298 -25.23 -33.96 -9.45
C ILE C 298 -25.51 -35.47 -9.46
N LYS C 299 -24.65 -36.26 -10.12
CA LYS C 299 -24.85 -37.73 -10.20
C LYS C 299 -24.89 -38.31 -8.78
N LEU C 300 -24.00 -37.84 -7.89
CA LEU C 300 -23.96 -38.35 -6.50
C LEU C 300 -25.26 -37.97 -5.78
N ALA C 301 -25.73 -36.73 -5.92
CA ALA C 301 -26.95 -36.25 -5.22
C ALA C 301 -28.16 -37.04 -5.73
N LEU C 302 -28.27 -37.23 -7.04
CA LEU C 302 -29.39 -37.98 -7.66
C LEU C 302 -29.35 -39.43 -7.21
N ALA C 303 -28.16 -40.03 -7.09
CA ALA C 303 -28.01 -41.43 -6.64
C ALA C 303 -28.52 -41.55 -5.19
N GLN C 304 -28.19 -40.61 -4.31
CA GLN C 304 -28.67 -40.62 -2.89
C GLN C 304 -30.21 -40.49 -2.90
N ALA C 305 -30.76 -39.63 -3.76
CA ALA C 305 -32.22 -39.36 -3.81
C ALA C 305 -32.96 -40.49 -4.54
N GLN C 306 -32.22 -41.37 -5.24
CA GLN C 306 -32.78 -42.43 -6.13
C GLN C 306 -33.68 -41.75 -7.17
N TRP C 307 -33.20 -40.67 -7.78
CA TRP C 307 -33.87 -39.94 -8.89
C TRP C 307 -33.04 -40.10 -10.16
N GLN C 308 -33.74 -40.06 -11.30
CA GLN C 308 -33.14 -39.91 -12.65
C GLN C 308 -33.21 -38.43 -13.02
N VAL C 309 -32.34 -37.98 -13.93
CA VAL C 309 -32.36 -36.60 -14.47
C VAL C 309 -33.78 -36.23 -14.92
N GLN C 310 -34.47 -37.14 -15.63
CA GLN C 310 -35.81 -36.87 -16.23
C GLN C 310 -36.87 -36.69 -15.14
N ASP C 311 -36.61 -37.11 -13.90
CA ASP C 311 -37.55 -36.96 -12.74
C ASP C 311 -37.53 -35.53 -12.19
N VAL C 312 -36.54 -34.72 -12.55
CA VAL C 312 -36.30 -33.40 -11.90
C VAL C 312 -37.06 -32.31 -12.65
N ASP C 313 -37.87 -31.53 -11.92
CA ASP C 313 -38.68 -30.41 -12.48
C ASP C 313 -37.78 -29.24 -12.89
N ARG C 314 -36.79 -28.88 -12.07
CA ARG C 314 -35.85 -27.80 -12.44
C ARG C 314 -34.47 -28.08 -11.88
N PHE C 315 -33.48 -27.78 -12.70
CA PHE C 315 -32.05 -27.67 -12.31
C PHE C 315 -31.71 -26.20 -12.16
N GLU C 316 -31.10 -25.84 -11.02
CA GLU C 316 -30.58 -24.49 -10.72
C GLU C 316 -29.07 -24.65 -10.56
N VAL C 317 -28.34 -24.39 -11.65
CA VAL C 317 -26.88 -24.63 -11.75
C VAL C 317 -26.21 -23.27 -11.94
N ASN C 318 -25.25 -22.95 -11.10
CA ASN C 318 -24.68 -21.58 -11.11
C ASN C 318 -24.09 -21.24 -12.48
N GLU C 319 -24.41 -20.05 -12.98
CA GLU C 319 -23.88 -19.52 -14.26
C GLU C 319 -22.56 -18.79 -13.99
N ALA C 320 -21.55 -19.48 -13.47
CA ALA C 320 -20.21 -18.89 -13.25
C ALA C 320 -19.72 -18.36 -14.59
N PHE C 321 -20.01 -19.09 -15.66
CA PHE C 321 -19.89 -18.67 -17.08
C PHE C 321 -21.02 -19.30 -17.86
N ALA C 322 -21.51 -18.66 -18.92
CA ALA C 322 -22.51 -19.31 -19.80
C ALA C 322 -21.95 -20.69 -20.21
N ALA C 323 -20.67 -20.77 -20.52
CA ALA C 323 -20.01 -22.02 -21.01
C ALA C 323 -20.23 -23.14 -20.00
N VAL C 324 -20.12 -22.87 -18.70
CA VAL C 324 -20.29 -23.90 -17.64
C VAL C 324 -21.75 -24.39 -17.63
N GLY C 325 -22.72 -23.47 -17.69
CA GLY C 325 -24.14 -23.86 -17.73
C GLY C 325 -24.40 -24.78 -18.91
N LEU C 326 -23.90 -24.44 -20.09
CA LEU C 326 -24.14 -25.23 -21.33
C LEU C 326 -23.50 -26.63 -21.19
N VAL C 327 -22.28 -26.71 -20.68
CA VAL C 327 -21.57 -28.01 -20.59
C VAL C 327 -22.35 -28.91 -19.64
N VAL C 328 -22.74 -28.39 -18.48
CA VAL C 328 -23.44 -29.22 -17.45
C VAL C 328 -24.80 -29.65 -18.00
N ARG C 329 -25.58 -28.69 -18.51
CA ARG C 329 -26.92 -28.97 -19.08
C ARG C 329 -26.82 -30.08 -20.13
N ASP C 330 -25.92 -29.93 -21.10
CA ASP C 330 -25.89 -30.79 -22.31
C ASP C 330 -25.25 -32.14 -21.93
N GLU C 331 -24.28 -32.17 -21.02
CA GLU C 331 -23.63 -33.44 -20.60
C GLU C 331 -24.69 -34.32 -19.91
N LEU C 332 -25.59 -33.73 -19.12
CA LEU C 332 -26.62 -34.49 -18.36
C LEU C 332 -27.90 -34.67 -19.17
N GLY C 333 -28.01 -34.04 -20.34
CA GLY C 333 -29.17 -34.15 -21.23
C GLY C 333 -30.41 -33.50 -20.62
N ILE C 334 -30.23 -32.40 -19.90
CA ILE C 334 -31.35 -31.63 -19.26
C ILE C 334 -32.04 -30.78 -20.31
N ALA C 335 -33.37 -30.78 -20.30
CA ALA C 335 -34.20 -29.94 -21.20
C ALA C 335 -33.85 -28.47 -20.94
N PRO C 336 -33.52 -27.67 -21.98
CA PRO C 336 -33.23 -26.26 -21.79
C PRO C 336 -34.30 -25.48 -21.01
N GLU C 337 -35.57 -25.86 -21.13
CA GLU C 337 -36.71 -25.18 -20.45
C GLU C 337 -36.71 -25.53 -18.96
N ARG C 338 -35.96 -26.54 -18.51
CA ARG C 338 -35.89 -26.95 -17.08
C ARG C 338 -34.54 -26.60 -16.46
N PHE C 339 -33.71 -25.83 -17.16
CA PHE C 339 -32.35 -25.44 -16.70
C PHE C 339 -32.33 -23.93 -16.46
N ASN C 340 -32.10 -23.50 -15.22
CA ASN C 340 -32.09 -22.07 -14.79
C ASN C 340 -33.34 -21.36 -15.32
N VAL C 341 -34.49 -21.84 -14.86
CA VAL C 341 -35.82 -21.52 -15.43
C VAL C 341 -36.09 -20.01 -15.33
N ASP C 342 -35.70 -19.39 -14.21
CA ASP C 342 -35.99 -17.96 -13.92
C ASP C 342 -34.72 -17.11 -14.11
N GLY C 343 -33.77 -17.61 -14.91
CA GLY C 343 -32.49 -16.94 -15.13
C GLY C 343 -31.50 -17.26 -14.03
N GLY C 344 -30.25 -16.84 -14.21
CA GLY C 344 -29.17 -17.14 -13.25
C GLY C 344 -28.19 -16.01 -13.11
N ALA C 345 -27.00 -16.34 -12.62
CA ALA C 345 -26.00 -15.35 -12.15
C ALA C 345 -25.58 -14.40 -13.27
N ILE C 346 -25.60 -14.81 -14.54
CA ILE C 346 -25.24 -13.85 -15.63
C ILE C 346 -26.13 -12.60 -15.48
N ALA C 347 -27.41 -12.81 -15.16
CA ALA C 347 -28.37 -11.72 -14.93
C ALA C 347 -28.22 -11.15 -13.51
N HIS C 348 -28.44 -11.96 -12.47
CA HIS C 348 -28.64 -11.41 -11.09
C HIS C 348 -27.32 -11.19 -10.36
N GLY C 349 -26.23 -11.83 -10.79
CA GLY C 349 -24.92 -11.68 -10.13
C GLY C 349 -24.50 -12.90 -9.35
N HIS C 350 -23.20 -12.96 -9.04
CA HIS C 350 -22.50 -14.10 -8.41
C HIS C 350 -21.70 -13.61 -7.20
N PRO C 351 -22.37 -13.29 -6.06
CA PRO C 351 -21.67 -12.91 -4.84
C PRO C 351 -21.10 -14.18 -4.19
N ILE C 352 -19.87 -14.53 -4.55
CA ILE C 352 -19.28 -15.90 -4.47
C ILE C 352 -19.84 -16.70 -3.29
N GLY C 353 -19.50 -16.35 -2.05
CA GLY C 353 -19.82 -17.16 -0.87
C GLY C 353 -21.29 -17.22 -0.56
N ALA C 354 -22.11 -16.31 -1.09
CA ALA C 354 -23.57 -16.28 -0.86
C ALA C 354 -24.30 -17.07 -1.94
N THR C 355 -23.73 -17.23 -3.13
CA THR C 355 -24.47 -17.70 -4.32
C THR C 355 -25.16 -19.04 -4.03
N GLY C 356 -24.49 -20.01 -3.41
CA GLY C 356 -25.12 -21.31 -3.18
C GLY C 356 -26.36 -21.19 -2.30
N ALA C 357 -26.31 -20.32 -1.29
CA ALA C 357 -27.44 -20.07 -0.38
C ALA C 357 -28.54 -19.32 -1.15
N ILE C 358 -28.16 -18.42 -2.05
CA ILE C 358 -29.12 -17.70 -2.93
C ILE C 358 -29.84 -18.72 -3.82
N LEU C 359 -29.11 -19.66 -4.43
CA LEU C 359 -29.75 -20.61 -5.37
C LEU C 359 -30.73 -21.51 -4.59
N LEU C 360 -30.39 -21.92 -3.37
CA LEU C 360 -31.30 -22.71 -2.53
C LEU C 360 -32.54 -21.88 -2.21
N THR C 361 -32.35 -20.61 -1.91
CA THR C 361 -33.47 -19.68 -1.59
C THR C 361 -34.38 -19.57 -2.82
N LYS C 362 -33.81 -19.34 -4.01
CA LYS C 362 -34.62 -19.20 -5.23
C LYS C 362 -35.47 -20.44 -5.44
N VAL C 363 -34.87 -21.62 -5.31
CA VAL C 363 -35.57 -22.91 -5.55
C VAL C 363 -36.68 -23.09 -4.50
N ALA C 364 -36.42 -22.78 -3.24
CA ALA C 364 -37.41 -22.91 -2.15
C ALA C 364 -38.68 -22.16 -2.55
N HIS C 365 -38.52 -20.93 -3.05
CA HIS C 365 -39.65 -20.02 -3.35
C HIS C 365 -40.27 -20.40 -4.70
N ALA C 366 -39.47 -20.83 -5.68
CA ALA C 366 -39.98 -21.21 -7.02
C ALA C 366 -40.84 -22.48 -6.91
N LEU C 367 -40.43 -23.48 -6.13
CA LEU C 367 -41.23 -24.74 -6.02
C LEU C 367 -42.55 -24.40 -5.32
N ARG C 368 -42.54 -23.50 -4.33
CA ARG C 368 -43.79 -23.09 -3.63
C ARG C 368 -44.75 -22.47 -4.64
N ARG C 369 -44.24 -21.59 -5.50
CA ARG C 369 -45.06 -20.83 -6.47
C ARG C 369 -45.63 -21.78 -7.52
N THR C 370 -44.80 -22.70 -8.03
CA THR C 370 -45.13 -23.54 -9.21
C THR C 370 -45.78 -24.86 -8.82
N SER C 371 -45.66 -25.31 -7.58
CA SER C 371 -45.99 -26.69 -7.12
C SER C 371 -45.13 -27.75 -7.83
N GLU C 372 -44.03 -27.37 -8.46
CA GLU C 372 -43.02 -28.36 -8.91
C GLU C 372 -42.57 -29.15 -7.67
N ARG C 373 -42.19 -30.42 -7.83
CA ARG C 373 -41.91 -31.31 -6.67
C ARG C 373 -40.40 -31.44 -6.44
N ARG C 374 -39.60 -31.52 -7.50
CA ARG C 374 -38.19 -31.97 -7.40
C ARG C 374 -37.25 -30.99 -8.09
N ALA C 375 -36.17 -30.63 -7.39
CA ALA C 375 -35.17 -29.68 -7.94
C ALA C 375 -33.78 -30.16 -7.57
N VAL C 376 -32.81 -29.74 -8.36
CA VAL C 376 -31.36 -29.89 -8.02
C VAL C 376 -30.74 -28.50 -8.06
N VAL C 377 -30.02 -28.14 -7.00
CA VAL C 377 -29.13 -26.96 -6.95
C VAL C 377 -27.69 -27.47 -7.06
N SER C 378 -26.89 -26.90 -7.94
CA SER C 378 -25.48 -27.30 -8.09
C SER C 378 -24.63 -26.10 -8.45
N LEU C 379 -23.39 -26.09 -7.98
CA LEU C 379 -22.40 -25.03 -8.32
C LEU C 379 -21.07 -25.68 -8.66
N CYS C 380 -20.42 -25.19 -9.70
CA CYS C 380 -19.00 -25.46 -9.97
C CYS C 380 -18.18 -24.66 -8.97
N ILE C 381 -16.95 -25.11 -8.74
CA ILE C 381 -16.10 -24.58 -7.65
C ILE C 381 -14.68 -24.42 -8.20
N GLY C 382 -14.16 -23.21 -8.13
CA GLY C 382 -12.77 -22.93 -8.48
C GLY C 382 -11.87 -23.89 -7.75
N GLY C 383 -10.80 -24.33 -8.41
CA GLY C 383 -9.92 -25.37 -7.85
C GLY C 383 -10.35 -26.75 -8.26
N GLY C 384 -11.48 -26.88 -8.95
CA GLY C 384 -11.95 -28.16 -9.50
C GLY C 384 -12.85 -28.92 -8.54
N GLN C 385 -13.96 -28.32 -8.10
CA GLN C 385 -14.92 -29.07 -7.27
C GLN C 385 -16.34 -28.80 -7.78
N GLY C 386 -17.28 -29.54 -7.22
CA GLY C 386 -18.72 -29.37 -7.50
C GLY C 386 -19.51 -29.75 -6.28
N ILE C 387 -20.61 -29.05 -6.05
CA ILE C 387 -21.55 -29.38 -4.95
C ILE C 387 -22.96 -29.41 -5.54
N ALA C 388 -23.78 -30.34 -5.06
CA ALA C 388 -25.17 -30.50 -5.55
C ALA C 388 -26.06 -30.95 -4.40
N LEU C 389 -27.29 -30.44 -4.37
CA LEU C 389 -28.33 -30.91 -3.44
C LEU C 389 -29.56 -31.23 -4.27
N ALA C 390 -30.09 -32.43 -4.05
CA ALA C 390 -31.40 -32.88 -4.57
C ALA C 390 -32.44 -32.50 -3.52
N LEU C 391 -33.48 -31.78 -3.93
CA LEU C 391 -34.41 -31.07 -3.02
C LEU C 391 -35.85 -31.38 -3.44
N GLU C 392 -36.71 -31.61 -2.47
CA GLU C 392 -38.13 -31.94 -2.73
C GLU C 392 -39.00 -30.93 -2.00
N ARG C 393 -40.02 -30.43 -2.68
CA ARG C 393 -40.98 -29.48 -2.06
C ARG C 393 -41.68 -30.18 -0.88
N VAL C 394 -41.81 -29.46 0.23
CA VAL C 394 -42.69 -29.86 1.37
C VAL C 394 -43.99 -29.08 1.22
N LYS C 395 -45.13 -29.75 1.26
CA LYS C 395 -46.49 -29.11 1.26
C LYS C 395 -46.68 -28.20 2.48
N LEU C 396 -47.51 -27.17 2.35
CA LEU C 396 -48.00 -26.40 3.51
C LEU C 396 -48.77 -27.34 4.46
N ALA C 397 -48.48 -27.25 5.76
CA ALA C 397 -49.21 -27.96 6.83
C ALA C 397 -50.61 -27.36 6.94
N ASP D 4 -18.88 -48.36 14.84
CA ASP D 4 -19.24 -46.95 14.46
C ASP D 4 -18.55 -45.94 15.40
N GLU D 5 -17.65 -46.39 16.27
CA GLU D 5 -16.66 -45.50 16.96
C GLU D 5 -15.89 -44.71 15.90
N ILE D 6 -15.72 -43.40 16.10
CA ILE D 6 -14.93 -42.55 15.18
C ILE D 6 -13.54 -42.37 15.80
N VAL D 7 -12.52 -42.70 15.03
CA VAL D 7 -11.13 -42.73 15.56
C VAL D 7 -10.21 -41.82 14.74
N ILE D 8 -9.17 -41.37 15.42
CA ILE D 8 -8.03 -40.58 14.88
C ILE D 8 -6.84 -41.53 14.70
N SER D 9 -6.25 -41.55 13.51
CA SER D 9 -5.04 -42.33 13.14
C SER D 9 -3.96 -41.40 12.56
N SER D 10 -2.69 -41.75 12.75
CA SER D 10 -1.51 -41.12 12.09
C SER D 10 -1.50 -39.59 12.28
N ALA D 11 -1.80 -39.10 13.48
CA ALA D 11 -1.68 -37.65 13.80
C ALA D 11 -0.22 -37.25 13.69
N LEU D 12 0.07 -36.20 12.91
CA LEU D 12 1.45 -35.70 12.71
C LEU D 12 1.43 -34.18 12.65
N ARG D 13 2.56 -33.55 12.97
CA ARG D 13 2.66 -32.08 12.94
C ARG D 13 4.06 -31.68 12.50
N THR D 14 4.17 -30.47 11.95
CA THR D 14 5.48 -29.81 11.79
C THR D 14 5.96 -29.41 13.18
N PRO D 15 7.27 -29.08 13.32
CA PRO D 15 7.71 -28.33 14.48
C PRO D 15 7.05 -26.95 14.34
N ILE D 16 6.98 -26.21 15.42
CA ILE D 16 6.32 -24.87 15.42
C ILE D 16 7.38 -23.79 15.28
N GLY D 17 7.17 -22.90 14.30
CA GLY D 17 8.09 -21.79 14.01
C GLY D 17 7.82 -20.60 14.91
N ALA D 18 8.88 -19.86 15.26
CA ALA D 18 8.80 -18.58 15.97
C ALA D 18 8.39 -17.48 14.98
N PHE D 19 7.86 -16.39 15.51
CA PHE D 19 7.59 -15.19 14.70
C PHE D 19 8.93 -14.72 14.08
N SER D 20 8.93 -14.50 12.77
CA SER D 20 10.11 -14.07 11.99
C SER D 20 11.17 -15.16 12.07
N GLY D 21 10.75 -16.41 12.29
CA GLY D 21 11.62 -17.56 12.50
C GLY D 21 11.77 -18.41 11.24
N THR D 22 12.04 -19.70 11.44
CA THR D 22 12.52 -20.59 10.37
C THR D 22 11.44 -20.77 9.29
N LEU D 23 10.16 -20.70 9.64
CA LEU D 23 9.07 -20.96 8.66
C LEU D 23 8.55 -19.66 8.05
N LYS D 24 9.23 -18.53 8.27
CA LYS D 24 8.65 -17.21 7.88
C LYS D 24 8.39 -17.12 6.37
N ASP D 25 9.08 -17.90 5.53
CA ASP D 25 8.92 -17.83 4.05
C ASP D 25 8.13 -19.01 3.51
N THR D 26 7.54 -19.85 4.38
CA THR D 26 6.86 -21.09 3.95
C THR D 26 5.36 -20.93 4.17
N PRO D 27 4.54 -20.79 3.10
CA PRO D 27 3.10 -20.62 3.26
C PRO D 27 2.45 -21.72 4.11
N ALA D 28 1.43 -21.34 4.87
CA ALA D 28 0.62 -22.25 5.69
C ALA D 28 0.18 -23.45 4.85
N ALA D 29 -0.28 -23.23 3.63
CA ALA D 29 -0.79 -24.33 2.77
C ALA D 29 0.36 -25.29 2.43
N ALA D 30 1.59 -24.80 2.27
CA ALA D 30 2.77 -25.66 1.97
C ALA D 30 3.10 -26.50 3.22
N LEU D 31 2.97 -25.93 4.42
CA LEU D 31 3.20 -26.69 5.67
C LEU D 31 2.19 -27.83 5.75
N GLY D 32 0.91 -27.55 5.49
CA GLY D 32 -0.13 -28.59 5.50
C GLY D 32 0.13 -29.65 4.45
N ALA D 33 0.48 -29.24 3.22
CA ALA D 33 0.74 -30.18 2.10
C ALA D 33 1.85 -31.14 2.51
N HIS D 34 2.89 -30.63 3.18
CA HIS D 34 4.06 -31.44 3.60
C HIS D 34 3.59 -32.49 4.61
N VAL D 35 2.74 -32.11 5.56
CA VAL D 35 2.25 -33.08 6.58
C VAL D 35 1.39 -34.13 5.88
N VAL D 36 0.51 -33.73 4.98
CA VAL D 36 -0.40 -34.67 4.29
C VAL D 36 0.44 -35.64 3.44
N LYS D 37 1.40 -35.12 2.69
CA LYS D 37 2.26 -35.97 1.82
C LYS D 37 2.95 -37.02 2.70
N THR D 38 3.49 -36.61 3.84
CA THR D 38 4.22 -37.49 4.77
C THR D 38 3.28 -38.53 5.36
N LEU D 39 2.09 -38.11 5.80
CA LEU D 39 1.06 -39.01 6.38
C LEU D 39 0.74 -40.11 5.36
N LEU D 40 0.58 -39.76 4.09
CA LEU D 40 0.22 -40.75 3.05
C LEU D 40 1.38 -41.71 2.82
N GLU D 41 2.62 -41.21 2.80
CA GLU D 41 3.77 -42.09 2.47
C GLU D 41 4.01 -43.05 3.65
N ARG D 42 3.88 -42.59 4.89
CA ARG D 42 4.15 -43.42 6.09
C ARG D 42 3.05 -44.48 6.30
N THR D 43 1.79 -44.12 6.11
CA THR D 43 0.65 -45.05 6.34
C THR D 43 0.53 -46.03 5.17
N GLY D 44 0.95 -45.63 3.97
CA GLY D 44 0.65 -46.36 2.72
C GLY D 44 -0.83 -46.37 2.41
N LEU D 45 -1.62 -45.46 2.99
CA LEU D 45 -3.08 -45.36 2.72
C LEU D 45 -3.30 -45.15 1.22
N ALA D 46 -4.17 -45.94 0.58
CA ALA D 46 -4.55 -45.73 -0.83
C ALA D 46 -5.15 -44.33 -0.96
N PRO D 47 -4.53 -43.42 -1.74
CA PRO D 47 -5.02 -42.04 -1.85
C PRO D 47 -6.49 -41.95 -2.29
N GLU D 48 -6.96 -42.96 -3.02
CA GLU D 48 -8.32 -43.05 -3.60
C GLU D 48 -9.34 -43.24 -2.47
N ARG D 49 -8.91 -43.70 -1.29
CA ARG D 49 -9.81 -43.96 -0.14
C ARG D 49 -9.98 -42.67 0.68
N VAL D 50 -9.34 -41.56 0.31
CA VAL D 50 -9.56 -40.27 1.04
C VAL D 50 -10.79 -39.59 0.43
N ASP D 51 -11.82 -39.39 1.22
CA ASP D 51 -13.11 -38.84 0.71
C ASP D 51 -13.09 -37.31 0.74
N GLU D 52 -12.29 -36.72 1.63
CA GLU D 52 -12.28 -35.25 1.80
C GLU D 52 -11.05 -34.86 2.59
N VAL D 53 -10.54 -33.66 2.32
CA VAL D 53 -9.56 -32.97 3.19
C VAL D 53 -10.24 -31.74 3.80
N VAL D 54 -10.24 -31.64 5.12
CA VAL D 54 -10.80 -30.47 5.84
C VAL D 54 -9.64 -29.82 6.61
N MET D 55 -9.39 -28.54 6.40
CA MET D 55 -8.31 -27.83 7.10
C MET D 55 -8.85 -26.56 7.77
N GLY D 56 -8.46 -26.35 9.01
CA GLY D 56 -8.63 -25.06 9.70
C GLY D 56 -7.59 -24.07 9.21
N ASN D 57 -8.00 -22.82 9.03
CA ASN D 57 -7.06 -21.71 8.73
C ASN D 57 -7.82 -20.42 9.05
N VAL D 58 -7.24 -19.57 9.88
CA VAL D 58 -7.93 -18.33 10.37
C VAL D 58 -7.54 -17.15 9.49
N LEU D 59 -6.25 -16.98 9.21
CA LEU D 59 -5.75 -15.85 8.40
C LEU D 59 -5.68 -16.32 6.95
N GLN D 60 -6.84 -16.39 6.30
CA GLN D 60 -6.95 -16.91 4.92
C GLN D 60 -6.47 -15.84 3.93
N ALA D 61 -6.40 -14.58 4.35
CA ALA D 61 -6.02 -13.45 3.47
C ALA D 61 -4.71 -13.74 2.75
N GLY D 62 -4.73 -13.72 1.42
CA GLY D 62 -3.53 -13.84 0.57
C GLY D 62 -3.03 -15.27 0.46
N ASN D 63 -3.74 -16.25 1.02
CA ASN D 63 -3.29 -17.67 0.95
C ASN D 63 -3.73 -18.30 -0.37
N GLY D 64 -4.52 -17.59 -1.17
CA GLY D 64 -5.01 -18.15 -2.44
C GLY D 64 -6.29 -18.93 -2.23
N MET D 65 -6.92 -19.31 -3.33
CA MET D 65 -8.26 -19.93 -3.31
C MET D 65 -8.23 -21.21 -2.45
N ASN D 66 -9.06 -21.27 -1.40
CA ASN D 66 -9.39 -22.51 -0.63
C ASN D 66 -8.13 -23.25 -0.18
N VAL D 67 -7.55 -22.80 0.94
CA VAL D 67 -6.31 -23.38 1.51
C VAL D 67 -6.39 -24.91 1.57
N ALA D 68 -7.52 -25.48 2.00
CA ALA D 68 -7.64 -26.94 2.17
C ALA D 68 -7.39 -27.65 0.83
N ARG D 69 -7.86 -27.10 -0.28
CA ARG D 69 -7.69 -27.73 -1.62
C ARG D 69 -6.21 -27.67 -2.02
N GLN D 70 -5.52 -26.58 -1.68
CA GLN D 70 -4.06 -26.47 -1.94
C GLN D 70 -3.33 -27.55 -1.12
N VAL D 71 -3.70 -27.70 0.15
CA VAL D 71 -3.10 -28.72 1.04
C VAL D 71 -3.30 -30.10 0.41
N ALA D 72 -4.51 -30.40 -0.08
CA ALA D 72 -4.85 -31.71 -0.67
C ALA D 72 -4.03 -31.96 -1.94
N VAL D 73 -4.10 -31.05 -2.91
CA VAL D 73 -3.48 -31.26 -4.24
C VAL D 73 -1.95 -31.18 -4.10
N ASN D 74 -1.43 -30.20 -3.38
CA ASN D 74 0.04 -30.07 -3.22
C ASN D 74 0.55 -31.17 -2.29
N GLY D 75 -0.32 -31.79 -1.48
CA GLY D 75 0.04 -32.96 -0.65
C GLY D 75 0.09 -34.24 -1.47
N GLY D 76 -0.24 -34.19 -2.75
CA GLY D 76 -0.13 -35.34 -3.67
C GLY D 76 -1.39 -36.15 -3.79
N LEU D 77 -2.52 -35.71 -3.21
CA LEU D 77 -3.80 -36.44 -3.35
C LEU D 77 -4.33 -36.25 -4.76
N PRO D 78 -5.05 -37.26 -5.28
CA PRO D 78 -5.69 -37.15 -6.59
C PRO D 78 -6.64 -35.94 -6.64
N VAL D 79 -6.78 -35.34 -7.82
CA VAL D 79 -7.66 -34.15 -8.01
C VAL D 79 -9.11 -34.53 -7.70
N ALA D 80 -9.45 -35.82 -7.67
CA ALA D 80 -10.84 -36.30 -7.36
C ALA D 80 -11.16 -36.12 -5.88
N VAL D 81 -10.20 -35.76 -5.01
CA VAL D 81 -10.49 -35.61 -3.56
C VAL D 81 -10.94 -34.18 -3.29
N PRO D 82 -12.20 -33.97 -2.84
CA PRO D 82 -12.67 -32.64 -2.48
C PRO D 82 -12.04 -32.11 -1.18
N ALA D 83 -12.16 -30.81 -0.93
CA ALA D 83 -11.51 -30.16 0.21
C ALA D 83 -12.19 -28.84 0.52
N HIS D 84 -12.32 -28.51 1.80
CA HIS D 84 -12.81 -27.18 2.19
C HIS D 84 -12.15 -26.73 3.49
N THR D 85 -12.18 -25.41 3.69
CA THR D 85 -11.45 -24.72 4.77
C THR D 85 -12.46 -24.24 5.79
N VAL D 86 -12.18 -24.48 7.07
CA VAL D 86 -13.08 -24.05 8.18
C VAL D 86 -12.36 -23.02 9.03
N ASN D 87 -13.15 -22.15 9.64
CA ASN D 87 -12.66 -21.05 10.49
C ASN D 87 -13.58 -20.96 11.70
N ARG D 88 -13.12 -21.44 12.85
CA ARG D 88 -13.68 -21.12 14.19
C ARG D 88 -12.52 -20.61 15.04
N VAL D 89 -11.79 -19.63 14.49
CA VAL D 89 -10.63 -18.92 15.08
C VAL D 89 -9.71 -19.97 15.74
N CYS D 90 -9.35 -19.79 17.00
CA CYS D 90 -8.35 -20.66 17.67
C CYS D 90 -8.83 -22.10 17.73
N GLY D 91 -10.14 -22.33 17.60
CA GLY D 91 -10.71 -23.68 17.58
C GLY D 91 -10.58 -24.38 16.24
N SER D 92 -10.09 -23.70 15.19
CA SER D 92 -10.23 -24.15 13.78
C SER D 92 -9.62 -25.54 13.54
N GLY D 93 -8.46 -25.81 14.10
CA GLY D 93 -7.74 -27.08 13.87
C GLY D 93 -8.45 -28.26 14.52
N ALA D 94 -9.11 -28.01 15.65
CA ALA D 94 -9.99 -29.02 16.32
C ALA D 94 -11.32 -29.08 15.56
N GLN D 95 -11.82 -27.93 15.09
CA GLN D 95 -13.10 -27.93 14.32
C GLN D 95 -12.96 -28.85 13.12
N ALA D 96 -11.83 -28.84 12.41
CA ALA D 96 -11.66 -29.68 11.20
C ALA D 96 -11.97 -31.15 11.55
N VAL D 97 -11.55 -31.60 12.72
CA VAL D 97 -11.76 -33.00 13.19
C VAL D 97 -13.24 -33.20 13.54
N VAL D 98 -13.89 -32.23 14.17
CA VAL D 98 -15.35 -32.28 14.47
C VAL D 98 -16.12 -32.33 13.14
N THR D 99 -15.74 -31.49 12.19
CA THR D 99 -16.35 -31.49 10.81
C THR D 99 -16.25 -32.90 10.22
N ALA D 100 -15.06 -33.51 10.27
CA ALA D 100 -14.81 -34.87 9.77
C ALA D 100 -15.75 -35.88 10.47
N TYR D 101 -15.81 -35.82 11.80
CA TYR D 101 -16.70 -36.68 12.63
C TYR D 101 -18.14 -36.55 12.11
N ALA D 102 -18.62 -35.32 11.91
CA ALA D 102 -20.01 -35.08 11.45
C ALA D 102 -20.21 -35.68 10.07
N GLN D 103 -19.24 -35.53 9.16
CA GLN D 103 -19.36 -36.06 7.78
C GLN D 103 -19.42 -37.58 7.82
N ILE D 104 -18.65 -38.21 8.70
CA ILE D 104 -18.61 -39.70 8.76
C ILE D 104 -19.91 -40.20 9.40
N ARG D 105 -20.31 -39.63 10.54
CA ARG D 105 -21.53 -40.08 11.26
C ARG D 105 -22.78 -39.86 10.40
N SER D 106 -22.80 -38.84 9.54
CA SER D 106 -23.96 -38.49 8.70
C SER D 106 -23.96 -39.26 7.37
N GLY D 107 -22.89 -40.02 7.08
CA GLY D 107 -22.78 -40.86 5.87
C GLY D 107 -22.28 -40.11 4.65
N LEU D 108 -21.85 -38.84 4.79
CA LEU D 108 -21.32 -38.06 3.65
C LEU D 108 -19.91 -38.53 3.29
N SER D 109 -19.16 -39.05 4.26
CA SER D 109 -17.74 -39.46 4.10
C SER D 109 -17.50 -40.76 4.86
N ASN D 110 -16.50 -41.54 4.43
CA ASN D 110 -15.98 -42.71 5.18
C ASN D 110 -14.61 -42.40 5.78
N LEU D 111 -13.77 -41.61 5.12
CA LEU D 111 -12.42 -41.30 5.64
C LEU D 111 -12.06 -39.87 5.25
N VAL D 112 -11.63 -39.09 6.22
CA VAL D 112 -11.30 -37.65 6.03
C VAL D 112 -9.89 -37.41 6.56
N ILE D 113 -9.07 -36.66 5.82
CA ILE D 113 -7.82 -36.09 6.40
C ILE D 113 -8.17 -34.70 6.92
N ALA D 114 -8.00 -34.50 8.22
CA ALA D 114 -8.42 -33.27 8.92
C ALA D 114 -7.22 -32.67 9.64
N GLY D 115 -7.15 -31.35 9.68
CA GLY D 115 -6.15 -30.69 10.50
C GLY D 115 -6.24 -29.19 10.38
N GLY D 116 -5.10 -28.53 10.56
CA GLY D 116 -5.08 -27.07 10.46
C GLY D 116 -3.70 -26.56 10.13
N VAL D 117 -3.66 -25.34 9.62
CA VAL D 117 -2.42 -24.67 9.14
C VAL D 117 -2.49 -23.21 9.55
N GLU D 118 -1.36 -22.63 9.87
CA GLU D 118 -1.28 -21.16 10.08
C GLU D 118 0.16 -20.70 9.91
N ASN D 119 0.34 -19.52 9.38
CA ASN D 119 1.68 -18.88 9.34
C ASN D 119 1.47 -17.37 9.52
N MET D 120 1.76 -16.86 10.71
CA MET D 120 1.38 -15.48 11.07
C MET D 120 2.33 -14.49 10.36
N ASP D 121 3.60 -14.83 10.14
CA ASP D 121 4.50 -13.98 9.30
C ASP D 121 3.91 -13.81 7.91
N GLN D 122 3.34 -14.87 7.36
CA GLN D 122 2.83 -14.88 5.97
C GLN D 122 1.49 -14.15 5.87
N ALA D 123 0.86 -13.78 6.98
CA ALA D 123 -0.36 -12.94 6.92
C ALA D 123 0.04 -11.61 6.29
N PRO D 124 -0.68 -11.16 5.23
CA PRO D 124 -0.34 -9.91 4.58
C PRO D 124 -0.89 -8.70 5.35
N TYR D 125 -0.49 -7.51 4.94
CA TYR D 125 -1.19 -6.27 5.31
C TYR D 125 -2.36 -6.07 4.34
N LEU D 126 -3.40 -5.38 4.85
CA LEU D 126 -4.64 -5.09 4.11
C LEU D 126 -4.73 -3.59 3.86
N MET D 127 -5.18 -3.20 2.68
CA MET D 127 -5.44 -1.77 2.36
C MET D 127 -6.90 -1.62 1.97
N PRO D 128 -7.79 -1.39 2.97
CA PRO D 128 -9.23 -1.27 2.70
C PRO D 128 -9.58 -0.10 1.77
N SER D 129 -8.76 0.94 1.72
CA SER D 129 -9.08 2.16 0.92
C SER D 129 -8.48 2.09 -0.50
N LEU D 130 -7.71 1.04 -0.84
CA LEU D 130 -7.03 1.01 -2.16
C LEU D 130 -8.02 0.75 -3.29
N ARG D 131 -9.11 0.01 -3.09
CA ARG D 131 -10.00 -0.30 -4.24
C ARG D 131 -10.63 0.99 -4.78
N HIS D 132 -11.26 1.78 -3.90
CA HIS D 132 -12.07 2.94 -4.34
C HIS D 132 -11.46 4.26 -3.89
N GLY D 133 -10.33 4.22 -3.18
CA GLY D 133 -9.52 5.42 -2.93
C GLY D 133 -9.64 5.94 -1.52
N ALA D 134 -8.58 6.57 -1.02
CA ALA D 134 -8.55 7.28 0.27
C ALA D 134 -8.98 8.74 0.08
N ARG D 135 -8.94 9.24 -1.17
CA ARG D 135 -9.38 10.59 -1.61
C ARG D 135 -8.40 11.69 -1.12
N MET D 136 -8.32 11.91 0.19
CA MET D 136 -7.42 12.93 0.77
C MET D 136 -7.19 12.58 2.23
N GLY D 137 -5.96 12.72 2.69
CA GLY D 137 -5.61 12.47 4.10
C GLY D 137 -5.04 11.09 4.27
N HIS D 138 -4.27 10.92 5.33
CA HIS D 138 -3.53 9.65 5.60
C HIS D 138 -4.55 8.52 5.75
N THR D 139 -4.14 7.29 5.42
CA THR D 139 -5.02 6.10 5.49
C THR D 139 -4.20 4.96 6.12
N GLN D 140 -4.88 3.96 6.65
CA GLN D 140 -4.22 2.87 7.40
C GLN D 140 -4.07 1.64 6.49
N ALA D 141 -2.93 0.97 6.60
CA ALA D 141 -2.74 -0.42 6.15
C ALA D 141 -2.86 -1.31 7.39
N LEU D 142 -3.78 -2.26 7.40
CA LEU D 142 -4.06 -3.08 8.61
C LEU D 142 -3.22 -4.35 8.56
N ASP D 143 -2.66 -4.72 9.70
CA ASP D 143 -2.03 -6.04 9.87
C ASP D 143 -3.15 -7.08 9.92
N ALA D 144 -3.24 -7.97 8.93
CA ALA D 144 -4.33 -8.98 8.89
C ALA D 144 -4.28 -9.86 10.15
N LEU D 145 -3.11 -10.11 10.75
CA LEU D 145 -3.12 -11.05 11.91
C LEU D 145 -3.91 -10.39 13.06
N LEU D 146 -3.94 -9.06 13.16
CA LEU D 146 -4.76 -8.36 14.16
C LEU D 146 -6.21 -8.28 13.66
N ARG D 147 -6.42 -7.80 12.44
CA ARG D 147 -7.80 -7.52 11.96
C ARG D 147 -8.62 -8.81 11.88
N ASP D 148 -8.05 -9.91 11.39
CA ASP D 148 -8.82 -11.15 11.11
C ASP D 148 -8.53 -12.24 12.15
N GLY D 149 -7.54 -12.07 13.03
CA GLY D 149 -7.07 -13.16 13.90
C GLY D 149 -7.18 -12.87 15.38
N LEU D 150 -6.60 -11.76 15.86
CA LEU D 150 -6.39 -11.54 17.32
C LEU D 150 -7.27 -10.43 17.88
N ASN D 151 -7.71 -9.47 17.05
CA ASN D 151 -8.60 -8.40 17.56
C ASN D 151 -10.06 -8.90 17.52
N ASP D 152 -10.81 -8.61 18.57
CA ASP D 152 -12.25 -8.94 18.65
C ASP D 152 -12.97 -8.17 17.53
N ALA D 153 -13.89 -8.83 16.84
CA ALA D 153 -14.60 -8.23 15.68
C ALA D 153 -15.59 -7.15 16.16
N PHE D 154 -16.01 -7.17 17.42
CA PHE D 154 -17.06 -6.25 17.93
C PHE D 154 -16.41 -5.00 18.52
N SER D 155 -15.30 -5.14 19.24
CA SER D 155 -14.63 -4.02 19.95
C SER D 155 -13.41 -3.48 19.18
N ASP D 156 -12.80 -4.28 18.31
CA ASP D 156 -11.48 -4.03 17.67
C ASP D 156 -10.36 -3.99 18.72
N GLN D 157 -10.59 -4.45 19.95
CA GLN D 157 -9.54 -4.57 20.99
C GLN D 157 -8.85 -5.95 20.84
N HIS D 158 -7.57 -6.00 21.20
CA HIS D 158 -6.80 -7.26 21.20
C HIS D 158 -7.46 -8.27 22.15
N SER D 159 -7.44 -9.55 21.80
CA SER D 159 -7.84 -10.66 22.70
C SER D 159 -7.16 -10.51 24.07
N GLY D 160 -5.91 -10.06 24.11
CA GLY D 160 -5.16 -9.86 25.37
C GLY D 160 -5.75 -8.74 26.22
N TRP D 161 -6.24 -7.69 25.57
CA TRP D 161 -6.95 -6.56 26.25
C TRP D 161 -8.22 -7.10 26.92
N HIS D 162 -9.02 -7.88 26.19
CA HIS D 162 -10.27 -8.47 26.72
C HIS D 162 -9.95 -9.44 27.87
N THR D 163 -8.85 -10.19 27.77
CA THR D 163 -8.52 -11.22 28.77
C THR D 163 -8.17 -10.54 30.11
N GLU D 164 -7.79 -9.25 30.12
CA GLU D 164 -7.58 -8.52 31.40
C GLU D 164 -8.90 -8.44 32.18
N ASP D 165 -10.06 -8.49 31.52
CA ASP D 165 -11.37 -8.49 32.22
C ASP D 165 -11.64 -9.87 32.82
N LEU D 166 -11.17 -10.94 32.17
CA LEU D 166 -11.24 -12.31 32.72
C LEU D 166 -10.33 -12.38 33.96
N VAL D 167 -9.15 -11.80 33.85
CA VAL D 167 -8.17 -11.72 34.98
C VAL D 167 -8.84 -11.03 36.17
N ALA D 168 -9.48 -9.88 35.94
CA ALA D 168 -10.15 -9.08 37.00
C ALA D 168 -11.28 -9.91 37.62
N LYS D 169 -12.14 -10.51 36.80
CA LYS D 169 -13.34 -11.25 37.27
C LYS D 169 -12.92 -12.42 38.17
N TYR D 170 -11.89 -13.17 37.78
CA TYR D 170 -11.49 -14.42 38.47
C TYR D 170 -10.30 -14.16 39.40
N GLU D 171 -9.91 -12.89 39.59
CA GLU D 171 -8.84 -12.45 40.50
C GLU D 171 -7.59 -13.28 40.27
N VAL D 172 -7.14 -13.33 39.01
CA VAL D 172 -5.94 -14.10 38.60
C VAL D 172 -4.71 -13.21 38.77
N SER D 173 -3.89 -13.47 39.78
CA SER D 173 -2.73 -12.62 40.11
C SER D 173 -1.69 -12.70 38.99
N ARG D 174 -0.95 -11.62 38.81
CA ARG D 174 0.25 -11.58 37.94
C ARG D 174 1.19 -12.71 38.36
N GLU D 175 1.39 -12.91 39.66
CA GLU D 175 2.33 -13.93 40.20
C GLU D 175 1.87 -15.33 39.74
N ALA D 176 0.58 -15.63 39.82
CA ALA D 176 0.01 -16.94 39.40
C ALA D 176 0.22 -17.11 37.89
N GLN D 177 -0.01 -16.06 37.10
CA GLN D 177 0.15 -16.12 35.63
C GLN D 177 1.61 -16.45 35.30
N ASP D 178 2.56 -15.79 35.96
CA ASP D 178 4.00 -15.95 35.67
C ASP D 178 4.47 -17.34 36.14
N ARG D 179 3.92 -17.85 37.25
CA ARG D 179 4.25 -19.22 37.71
C ARG D 179 3.76 -20.23 36.67
N PHE D 180 2.54 -20.06 36.17
CA PHE D 180 1.93 -20.97 35.17
C PHE D 180 2.80 -20.95 33.91
N ALA D 181 3.23 -19.76 33.48
CA ALA D 181 4.01 -19.57 32.25
C ALA D 181 5.40 -20.20 32.41
N ALA D 182 6.06 -19.95 33.54
CA ALA D 182 7.40 -20.54 33.81
C ALA D 182 7.27 -22.07 33.84
N THR D 183 6.20 -22.59 34.44
CA THR D 183 5.95 -24.06 34.53
C THR D 183 5.70 -24.63 33.13
N SER D 184 4.96 -23.92 32.27
CA SER D 184 4.74 -24.36 30.88
C SER D 184 6.10 -24.49 30.17
N GLN D 185 6.98 -23.48 30.30
CA GLN D 185 8.32 -23.49 29.68
C GLN D 185 9.13 -24.68 30.22
N GLN D 186 9.11 -24.89 31.53
CA GLN D 186 9.93 -25.93 32.21
C GLN D 186 9.43 -27.32 31.77
N ARG D 187 8.12 -27.53 31.77
CA ARG D 187 7.52 -28.83 31.39
C ARG D 187 7.84 -29.12 29.92
N PHE D 188 7.65 -28.12 29.06
CA PHE D 188 7.88 -28.30 27.61
C PHE D 188 9.36 -28.61 27.36
N ALA D 189 10.28 -27.88 28.00
CA ALA D 189 11.73 -28.07 27.80
C ALA D 189 12.13 -29.49 28.21
N ALA D 190 11.62 -29.98 29.34
CA ALA D 190 11.96 -31.32 29.86
C ALA D 190 11.41 -32.39 28.90
N ALA D 191 10.17 -32.23 28.45
CA ALA D 191 9.53 -33.17 27.51
C ALA D 191 10.34 -33.19 26.20
N GLN D 192 10.71 -32.01 25.70
CA GLN D 192 11.48 -31.88 24.45
C GLN D 192 12.82 -32.60 24.60
N ALA D 193 13.53 -32.36 25.71
CA ALA D 193 14.86 -32.95 25.97
C ALA D 193 14.75 -34.48 26.09
N ALA D 194 13.63 -34.99 26.60
CA ALA D 194 13.36 -36.45 26.77
C ALA D 194 13.05 -37.10 25.42
N GLY D 195 12.88 -36.31 24.34
CA GLY D 195 12.59 -36.84 22.99
C GLY D 195 11.10 -37.14 22.80
N TRP D 196 10.24 -36.64 23.68
CA TRP D 196 8.80 -36.99 23.70
C TRP D 196 8.04 -36.44 22.49
N PHE D 197 8.60 -35.45 21.78
CA PHE D 197 7.94 -34.86 20.59
C PHE D 197 8.52 -35.42 19.30
N GLU D 198 9.57 -36.24 19.35
CA GLU D 198 10.22 -36.74 18.10
C GLU D 198 9.23 -37.54 17.26
N GLY D 199 8.41 -38.39 17.88
CA GLY D 199 7.51 -39.30 17.12
C GLY D 199 6.48 -38.55 16.31
N GLU D 200 5.98 -37.44 16.84
CA GLU D 200 4.82 -36.72 16.24
C GLU D 200 5.29 -35.68 15.23
N ILE D 201 6.58 -35.31 15.22
CA ILE D 201 7.09 -34.19 14.38
C ILE D 201 7.56 -34.72 13.03
N VAL D 202 7.12 -34.08 11.95
CA VAL D 202 7.65 -34.30 10.57
C VAL D 202 8.58 -33.14 10.26
N PRO D 203 9.89 -33.37 10.16
CA PRO D 203 10.82 -32.29 9.84
C PRO D 203 10.49 -31.70 8.46
N VAL D 204 10.78 -30.41 8.33
CA VAL D 204 10.49 -29.61 7.11
C VAL D 204 11.84 -29.15 6.56
N THR D 205 12.10 -29.38 5.29
CA THR D 205 13.32 -28.88 4.61
C THR D 205 13.05 -27.48 4.06
N ILE D 206 13.83 -26.51 4.47
CA ILE D 206 13.75 -25.09 4.02
C ILE D 206 14.91 -24.85 3.04
N THR D 207 14.61 -24.46 1.80
CA THR D 207 15.64 -24.13 0.77
C THR D 207 15.87 -22.63 0.83
N GLY D 211 21.77 -22.91 0.37
CA GLY D 211 21.69 -24.03 1.32
C GLY D 211 20.28 -24.54 1.53
N GLU D 212 20.22 -25.74 2.10
CA GLU D 212 19.00 -26.31 2.73
C GLU D 212 19.22 -26.36 4.25
N THR D 213 18.13 -26.14 4.99
CA THR D 213 18.04 -26.26 6.46
C THR D 213 16.98 -27.33 6.74
N VAL D 214 17.25 -28.30 7.59
CA VAL D 214 16.18 -29.22 8.05
C VAL D 214 15.68 -28.66 9.39
N PHE D 215 14.43 -28.22 9.41
CA PHE D 215 13.74 -27.73 10.63
C PHE D 215 13.01 -28.92 11.28
N ALA D 216 13.54 -29.38 12.42
CA ALA D 216 13.11 -30.65 13.04
C ALA D 216 12.65 -30.46 14.49
N LYS D 217 12.87 -29.30 15.09
CA LYS D 217 12.68 -29.08 16.55
C LYS D 217 11.89 -27.79 16.77
N ASP D 218 10.89 -27.83 17.65
CA ASP D 218 10.14 -26.61 18.07
C ASP D 218 11.15 -25.54 18.52
N GLU D 219 11.02 -24.31 18.02
CA GLU D 219 12.06 -23.27 18.22
C GLU D 219 11.56 -22.09 19.05
N ALA D 220 10.28 -22.02 19.40
CA ALA D 220 9.70 -20.80 20.00
C ALA D 220 9.87 -20.78 21.53
N ASN D 221 10.26 -21.90 22.13
CA ASN D 221 10.27 -22.05 23.61
C ASN D 221 11.54 -21.41 24.22
N ARG D 222 11.46 -21.08 25.50
CA ARG D 222 12.54 -20.45 26.29
C ARG D 222 12.78 -21.28 27.54
N PRO D 223 13.61 -22.33 27.46
CA PRO D 223 13.81 -23.27 28.58
C PRO D 223 14.31 -22.65 29.89
N ASP D 224 14.99 -21.50 29.84
CA ASP D 224 15.63 -20.90 31.04
C ASP D 224 14.63 -19.97 31.76
N THR D 225 13.38 -19.93 31.32
CA THR D 225 12.34 -19.05 31.91
C THR D 225 12.16 -19.36 33.40
N THR D 226 12.15 -18.33 34.23
CA THR D 226 11.80 -18.42 35.68
C THR D 226 10.68 -17.43 35.98
N GLU D 227 9.92 -17.70 37.04
CA GLU D 227 8.86 -16.78 37.49
C GLU D 227 9.51 -15.44 37.90
N ALA D 228 10.70 -15.45 38.49
CA ALA D 228 11.41 -14.21 38.88
C ALA D 228 11.73 -13.36 37.65
N GLY D 229 12.22 -13.99 36.57
CA GLY D 229 12.50 -13.28 35.31
C GLY D 229 11.22 -12.69 34.71
N LEU D 230 10.14 -13.47 34.74
CA LEU D 230 8.86 -13.02 34.14
C LEU D 230 8.29 -11.82 34.91
N ALA D 231 8.56 -11.73 36.22
CA ALA D 231 8.06 -10.62 37.06
C ALA D 231 8.61 -9.26 36.57
N LYS D 232 9.70 -9.25 35.79
CA LYS D 232 10.36 -7.99 35.33
C LYS D 232 9.65 -7.41 34.08
N LEU D 233 8.81 -8.18 33.40
CA LEU D 233 8.22 -7.75 32.09
C LEU D 233 7.11 -6.71 32.31
N ARG D 234 6.94 -5.82 31.35
CA ARG D 234 5.87 -4.78 31.35
C ARG D 234 4.58 -5.41 30.80
N PRO D 235 3.39 -4.98 31.30
CA PRO D 235 2.12 -5.38 30.71
C PRO D 235 2.06 -5.00 29.22
N ALA D 236 1.55 -5.90 28.38
CA ALA D 236 1.54 -5.76 26.91
C ALA D 236 0.25 -5.11 26.39
N PHE D 237 -0.86 -5.18 27.11
CA PHE D 237 -2.21 -4.85 26.54
C PHE D 237 -2.92 -3.71 27.28
N ARG D 238 -2.65 -3.53 28.56
CA ARG D 238 -3.21 -2.42 29.39
C ARG D 238 -2.13 -1.91 30.33
N LYS D 239 -2.11 -0.61 30.59
CA LYS D 239 -1.05 0.07 31.38
C LYS D 239 -0.94 -0.56 32.77
N ASP D 240 -2.07 -0.91 33.38
CA ASP D 240 -2.14 -1.49 34.75
C ASP D 240 -2.45 -2.98 34.65
N GLY D 241 -2.05 -3.64 33.56
CA GLY D 241 -2.42 -5.02 33.25
C GLY D 241 -1.52 -6.03 33.92
N THR D 242 -1.81 -7.30 33.67
CA THR D 242 -1.07 -8.47 34.21
C THR D 242 -0.50 -9.31 33.06
N ILE D 243 -1.06 -9.21 31.85
CA ILE D 243 -0.64 -10.05 30.70
C ILE D 243 0.55 -9.39 30.04
N THR D 244 1.59 -10.18 29.78
CA THR D 244 2.90 -9.75 29.22
C THR D 244 3.26 -10.66 28.04
N ALA D 245 4.32 -10.32 27.32
CA ALA D 245 4.90 -11.15 26.25
C ALA D 245 5.37 -12.50 26.83
N GLY D 246 5.61 -12.58 28.14
CA GLY D 246 6.15 -13.79 28.79
C GLY D 246 5.10 -14.75 29.32
N ASN D 247 3.87 -14.29 29.57
CA ASN D 247 2.79 -15.17 30.08
C ASN D 247 1.71 -15.31 29.00
N ALA D 248 2.08 -15.04 27.74
CA ALA D 248 1.27 -15.25 26.53
C ALA D 248 2.14 -15.93 25.49
N PRO D 249 1.54 -16.68 24.55
CA PRO D 249 2.29 -17.31 23.47
C PRO D 249 2.71 -16.27 22.42
N GLY D 250 3.45 -16.73 21.41
CA GLY D 250 3.94 -15.87 20.32
C GLY D 250 3.01 -15.87 19.13
N LEU D 251 3.55 -15.45 17.99
CA LEU D 251 2.85 -15.36 16.69
C LEU D 251 3.47 -16.40 15.75
N ASN D 252 2.95 -17.62 15.80
CA ASN D 252 3.68 -18.83 15.35
C ASN D 252 3.16 -19.39 14.04
N ALA D 253 3.90 -20.35 13.50
CA ALA D 253 3.61 -21.02 12.22
C ALA D 253 3.69 -22.53 12.44
N GLY D 254 2.79 -23.26 11.80
CA GLY D 254 2.86 -24.73 11.82
C GLY D 254 1.66 -25.36 11.17
N ALA D 255 1.68 -26.68 11.13
CA ALA D 255 0.57 -27.46 10.56
C ALA D 255 0.48 -28.79 11.29
N ALA D 256 -0.71 -29.36 11.32
CA ALA D 256 -0.92 -30.74 11.81
C ALA D 256 -2.08 -31.36 11.04
N ALA D 257 -2.06 -32.66 10.89
CA ALA D 257 -3.12 -33.39 10.17
C ALA D 257 -3.20 -34.81 10.71
N MET D 258 -4.36 -35.42 10.51
CA MET D 258 -4.61 -36.79 10.99
C MET D 258 -5.72 -37.40 10.15
N ILE D 259 -5.83 -38.73 10.21
CA ILE D 259 -6.93 -39.46 9.52
C ILE D 259 -8.07 -39.61 10.53
N VAL D 260 -9.28 -39.31 10.07
CA VAL D 260 -10.53 -39.55 10.84
C VAL D 260 -11.37 -40.55 10.04
N SER D 261 -11.82 -41.61 10.70
CA SER D 261 -12.60 -42.69 10.07
C SER D 261 -13.34 -43.45 11.16
N SER D 262 -14.27 -44.33 10.77
CA SER D 262 -14.77 -45.35 11.72
C SER D 262 -13.59 -46.23 12.13
N HIS D 263 -13.69 -46.85 13.29
CA HIS D 263 -12.71 -47.87 13.74
C HIS D 263 -12.63 -48.98 12.70
N ALA D 264 -13.77 -49.45 12.18
CA ALA D 264 -13.82 -50.56 11.20
C ALA D 264 -13.04 -50.17 9.94
N THR D 265 -13.24 -48.94 9.45
CA THR D 265 -12.54 -48.45 8.23
C THR D 265 -11.03 -48.41 8.49
N ALA D 266 -10.61 -47.94 9.66
CA ALA D 266 -9.17 -47.85 10.01
C ALA D 266 -8.57 -49.26 9.98
N THR D 267 -9.21 -50.23 10.63
CA THR D 267 -8.76 -51.65 10.66
C THR D 267 -8.69 -52.20 9.23
N GLU D 268 -9.75 -52.01 8.44
CA GLU D 268 -9.87 -52.48 7.04
C GLU D 268 -8.65 -52.01 6.23
N LEU D 269 -8.21 -50.76 6.43
CA LEU D 269 -7.17 -50.12 5.57
C LEU D 269 -5.79 -50.21 6.23
N GLY D 270 -5.64 -51.00 7.30
CA GLY D 270 -4.34 -51.28 7.93
C GLY D 270 -3.79 -50.09 8.68
N LEU D 271 -4.66 -49.18 9.12
CA LEU D 271 -4.23 -48.03 9.97
C LEU D 271 -4.19 -48.48 11.43
N GLN D 272 -3.44 -47.78 12.26
CA GLN D 272 -3.33 -48.03 13.72
C GLN D 272 -4.01 -46.86 14.43
N PRO D 273 -5.29 -46.99 14.83
CA PRO D 273 -5.96 -45.91 15.54
C PRO D 273 -5.24 -45.52 16.82
N GLN D 274 -5.21 -44.22 17.10
CA GLN D 274 -4.56 -43.63 18.30
C GLN D 274 -5.62 -43.27 19.34
N LEU D 275 -6.71 -42.63 18.91
CA LEU D 275 -7.74 -42.10 19.85
C LEU D 275 -9.13 -42.41 19.31
N VAL D 276 -10.07 -42.67 20.22
CA VAL D 276 -11.52 -42.70 19.90
C VAL D 276 -12.10 -41.38 20.38
N ILE D 277 -12.93 -40.75 19.55
CA ILE D 277 -13.71 -39.55 19.96
C ILE D 277 -14.91 -40.04 20.77
N ARG D 278 -14.89 -39.78 22.07
CA ARG D 278 -15.96 -40.19 23.03
C ARG D 278 -16.94 -39.04 23.25
N GLY D 279 -16.54 -37.80 23.01
CA GLY D 279 -17.44 -36.66 23.26
C GLY D 279 -16.95 -35.41 22.58
N ILE D 280 -17.89 -34.57 22.14
CA ILE D 280 -17.60 -33.28 21.46
C ILE D 280 -18.43 -32.21 22.14
N GLY D 281 -17.83 -31.08 22.44
CA GLY D 281 -18.52 -29.90 22.98
C GLY D 281 -18.16 -28.66 22.21
N VAL D 282 -19.16 -27.91 21.78
CA VAL D 282 -18.98 -26.57 21.18
C VAL D 282 -19.91 -25.62 21.92
N ALA D 283 -19.36 -24.58 22.54
CA ALA D 283 -20.13 -23.63 23.36
C ALA D 283 -19.72 -22.20 23.01
N ALA D 284 -20.53 -21.24 23.46
CA ALA D 284 -20.24 -19.81 23.21
C ALA D 284 -20.67 -19.02 24.44
N VAL D 285 -19.97 -17.90 24.65
CA VAL D 285 -20.06 -17.02 25.84
C VAL D 285 -19.94 -15.58 25.34
N GLU D 286 -20.00 -14.62 26.25
CA GLU D 286 -19.73 -13.19 25.93
C GLU D 286 -18.37 -13.09 25.24
N PRO D 287 -18.27 -12.43 24.05
CA PRO D 287 -16.98 -12.20 23.40
C PRO D 287 -15.89 -11.67 24.36
N GLY D 288 -16.26 -10.76 25.27
CA GLY D 288 -15.33 -10.13 26.22
C GLY D 288 -14.75 -11.12 27.23
N LEU D 289 -15.42 -12.24 27.47
CA LEU D 289 -14.97 -13.28 28.44
C LEU D 289 -14.67 -14.59 27.71
N PHE D 290 -14.12 -14.53 26.48
CA PHE D 290 -13.95 -15.71 25.60
C PHE D 290 -13.10 -16.79 26.29
N GLY D 291 -12.18 -16.38 27.17
CA GLY D 291 -11.27 -17.31 27.86
C GLY D 291 -12.01 -18.35 28.69
N PHE D 292 -13.26 -18.06 29.05
CA PHE D 292 -14.11 -18.98 29.85
C PHE D 292 -14.72 -20.06 28.95
N GLY D 293 -14.75 -19.84 27.63
CA GLY D 293 -15.40 -20.73 26.66
C GLY D 293 -15.14 -22.23 26.88
N PRO D 294 -13.89 -22.66 27.18
CA PRO D 294 -13.62 -24.09 27.35
C PRO D 294 -14.43 -24.75 28.47
N VAL D 295 -14.86 -23.97 29.47
CA VAL D 295 -15.55 -24.56 30.64
C VAL D 295 -16.87 -25.20 30.17
N PRO D 296 -17.83 -24.46 29.57
CA PRO D 296 -19.05 -25.09 29.06
C PRO D 296 -18.77 -26.13 27.97
N ALA D 297 -17.76 -25.91 27.12
CA ALA D 297 -17.43 -26.87 26.03
C ALA D 297 -16.96 -28.19 26.64
N ILE D 298 -16.09 -28.13 27.63
CA ILE D 298 -15.57 -29.37 28.28
C ILE D 298 -16.74 -30.11 28.95
N LYS D 299 -17.62 -29.38 29.62
CA LYS D 299 -18.78 -30.01 30.31
C LYS D 299 -19.63 -30.77 29.28
N LEU D 300 -19.84 -30.19 28.10
CA LEU D 300 -20.63 -30.86 27.03
C LEU D 300 -19.92 -32.13 26.55
N ALA D 301 -18.61 -32.06 26.32
CA ALA D 301 -17.83 -33.23 25.82
C ALA D 301 -17.84 -34.34 26.88
N LEU D 302 -17.64 -33.99 28.14
CA LEU D 302 -17.63 -34.96 29.27
C LEU D 302 -19.02 -35.59 29.40
N ALA D 303 -20.09 -34.81 29.24
CA ALA D 303 -21.47 -35.32 29.33
C ALA D 303 -21.70 -36.35 28.20
N GLN D 304 -21.25 -36.08 26.97
CA GLN D 304 -21.41 -37.04 25.84
C GLN D 304 -20.62 -38.32 26.17
N ALA D 305 -19.42 -38.19 26.73
CA ALA D 305 -18.54 -39.34 27.04
C ALA D 305 -19.02 -40.08 28.30
N GLN D 306 -19.92 -39.48 29.08
CA GLN D 306 -20.36 -39.98 30.41
C GLN D 306 -19.11 -40.12 31.30
N TRP D 307 -18.26 -39.10 31.30
CA TRP D 307 -17.06 -39.00 32.15
C TRP D 307 -17.24 -37.86 33.16
N GLN D 308 -16.60 -38.01 34.32
CA GLN D 308 -16.39 -36.94 35.32
C GLN D 308 -14.99 -36.37 35.10
N VAL D 309 -14.75 -35.14 35.54
CA VAL D 309 -13.41 -34.50 35.52
C VAL D 309 -12.37 -35.45 36.14
N GLN D 310 -12.69 -36.09 37.26
CA GLN D 310 -11.78 -36.99 38.02
C GLN D 310 -11.40 -38.22 37.21
N ASP D 311 -12.16 -38.57 36.17
CA ASP D 311 -11.91 -39.77 35.30
C ASP D 311 -10.80 -39.48 34.29
N VAL D 312 -10.44 -38.22 34.08
CA VAL D 312 -9.58 -37.82 32.93
C VAL D 312 -8.10 -37.83 33.37
N ASP D 313 -7.25 -38.54 32.62
CA ASP D 313 -5.80 -38.64 32.89
C ASP D 313 -5.10 -37.31 32.60
N ARG D 314 -5.43 -36.65 31.49
CA ARG D 314 -4.83 -35.33 31.17
C ARG D 314 -5.81 -34.44 30.43
N PHE D 315 -5.79 -33.17 30.79
CA PHE D 315 -6.43 -32.06 30.05
C PHE D 315 -5.35 -31.34 29.27
N GLU D 316 -5.59 -31.13 27.97
CA GLU D 316 -4.73 -30.34 27.06
C GLU D 316 -5.57 -29.14 26.61
N VAL D 317 -5.41 -28.01 27.30
CA VAL D 317 -6.23 -26.79 27.11
C VAL D 317 -5.31 -25.69 26.61
N ASN D 318 -5.67 -25.06 25.51
CA ASN D 318 -4.74 -24.12 24.84
C ASN D 318 -4.38 -22.97 25.78
N GLU D 319 -3.09 -22.64 25.85
CA GLU D 319 -2.57 -21.51 26.67
C GLU D 319 -2.59 -20.25 25.82
N ALA D 320 -3.77 -19.80 25.39
CA ALA D 320 -3.90 -18.54 24.64
C ALA D 320 -3.32 -17.42 25.50
N PHE D 321 -3.53 -17.50 26.81
CA PHE D 321 -2.87 -16.71 27.87
C PHE D 321 -2.74 -17.60 29.10
N ALA D 322 -1.70 -17.42 29.92
CA ALA D 322 -1.61 -18.14 31.21
C ALA D 322 -2.93 -17.96 31.96
N ALA D 323 -3.50 -16.76 31.95
CA ALA D 323 -4.74 -16.42 32.69
C ALA D 323 -5.87 -17.39 32.28
N VAL D 324 -5.98 -17.70 30.99
CA VAL D 324 -7.07 -18.60 30.50
C VAL D 324 -6.83 -20.01 31.03
N GLY D 325 -5.61 -20.52 30.95
CA GLY D 325 -5.28 -21.84 31.51
C GLY D 325 -5.68 -21.93 32.97
N LEU D 326 -5.32 -20.93 33.77
CA LEU D 326 -5.59 -20.92 35.23
C LEU D 326 -7.09 -20.90 35.48
N VAL D 327 -7.84 -20.07 34.74
CA VAL D 327 -9.30 -19.92 35.00
C VAL D 327 -9.95 -21.26 34.70
N VAL D 328 -9.63 -21.87 33.55
CA VAL D 328 -10.29 -23.13 33.12
C VAL D 328 -9.92 -24.25 34.11
N ARG D 329 -8.63 -24.39 34.39
CA ARG D 329 -8.13 -25.43 35.33
C ARG D 329 -8.86 -25.33 36.67
N ASP D 330 -8.88 -24.13 37.25
CA ASP D 330 -9.35 -23.93 38.65
C ASP D 330 -10.88 -23.99 38.68
N GLU D 331 -11.57 -23.51 37.64
CA GLU D 331 -13.05 -23.53 37.59
C GLU D 331 -13.51 -25.00 37.58
N LEU D 332 -12.80 -25.87 36.86
CA LEU D 332 -13.21 -27.29 36.71
C LEU D 332 -12.57 -28.16 37.82
N GLY D 333 -11.70 -27.59 38.64
CA GLY D 333 -11.04 -28.32 39.76
C GLY D 333 -10.09 -29.40 39.26
N ILE D 334 -9.41 -29.15 38.14
CA ILE D 334 -8.45 -30.10 37.53
C ILE D 334 -7.14 -30.03 38.32
N ALA D 335 -6.56 -31.20 38.60
CA ALA D 335 -5.26 -31.34 39.30
C ALA D 335 -4.20 -30.64 38.45
N PRO D 336 -3.41 -29.69 39.02
CA PRO D 336 -2.38 -29.00 38.26
C PRO D 336 -1.41 -29.92 37.50
N GLU D 337 -1.11 -31.11 38.05
CA GLU D 337 -0.17 -32.07 37.44
C GLU D 337 -0.82 -32.76 36.24
N ARG D 338 -2.14 -32.65 36.05
CA ARG D 338 -2.88 -33.30 34.94
C ARG D 338 -3.36 -32.24 33.93
N PHE D 339 -2.90 -31.00 34.05
CA PHE D 339 -3.29 -29.87 33.16
C PHE D 339 -2.06 -29.43 32.37
N ASN D 340 -2.09 -29.57 31.05
CA ASN D 340 -0.96 -29.25 30.12
C ASN D 340 0.33 -29.87 30.65
N VAL D 341 0.33 -31.19 30.71
CA VAL D 341 1.34 -32.02 31.43
C VAL D 341 2.73 -31.78 30.82
N ASP D 342 2.81 -31.67 29.50
CA ASP D 342 4.08 -31.55 28.75
C ASP D 342 4.28 -30.10 28.29
N GLY D 343 3.64 -29.14 28.95
CA GLY D 343 3.70 -27.73 28.59
C GLY D 343 2.72 -27.39 27.49
N GLY D 344 2.57 -26.11 27.19
CA GLY D 344 1.60 -25.65 26.19
C GLY D 344 2.10 -24.48 25.38
N ALA D 345 1.16 -23.76 24.77
CA ALA D 345 1.45 -22.76 23.73
C ALA D 345 2.36 -21.65 24.25
N ILE D 346 2.33 -21.31 25.53
CA ILE D 346 3.27 -20.27 26.05
C ILE D 346 4.70 -20.68 25.65
N ALA D 347 5.01 -21.96 25.77
CA ALA D 347 6.32 -22.53 25.40
C ALA D 347 6.39 -22.76 23.89
N HIS D 348 5.54 -23.63 23.33
CA HIS D 348 5.75 -24.14 21.94
C HIS D 348 5.17 -23.22 20.87
N GLY D 349 4.26 -22.31 21.22
CA GLY D 349 3.64 -21.40 20.24
C GLY D 349 2.20 -21.76 19.93
N HIS D 350 1.49 -20.78 19.35
CA HIS D 350 0.04 -20.80 19.06
C HIS D 350 -0.19 -20.43 17.59
N PRO D 351 0.10 -21.34 16.62
CA PRO D 351 -0.18 -21.06 15.20
C PRO D 351 -1.68 -21.23 14.96
N ILE D 352 -2.44 -20.15 15.13
CA ILE D 352 -3.91 -20.12 15.42
C ILE D 352 -4.65 -21.33 14.83
N GLY D 353 -4.80 -21.38 13.50
CA GLY D 353 -5.64 -22.37 12.83
C GLY D 353 -5.13 -23.80 12.94
N ALA D 354 -3.86 -23.99 13.29
CA ALA D 354 -3.23 -25.33 13.42
C ALA D 354 -3.32 -25.81 14.86
N THR D 355 -3.41 -24.91 15.84
CA THR D 355 -3.20 -25.25 17.27
C THR D 355 -4.11 -26.40 17.71
N GLY D 356 -5.41 -26.37 17.36
CA GLY D 356 -6.31 -27.46 17.81
C GLY D 356 -5.86 -28.82 17.28
N ALA D 357 -5.39 -28.86 16.04
CA ALA D 357 -4.90 -30.11 15.41
C ALA D 357 -3.57 -30.51 16.09
N ILE D 358 -2.74 -29.53 16.45
CA ILE D 358 -1.47 -29.79 17.18
C ILE D 358 -1.81 -30.41 18.56
N LEU D 359 -2.80 -29.88 19.26
CA LEU D 359 -3.10 -30.38 20.62
C LEU D 359 -3.62 -31.81 20.52
N LEU D 360 -4.45 -32.12 19.52
CA LEU D 360 -4.92 -33.50 19.29
C LEU D 360 -3.74 -34.41 19.00
N THR D 361 -2.79 -33.94 18.20
CA THR D 361 -1.57 -34.70 17.83
C THR D 361 -0.77 -34.99 19.10
N LYS D 362 -0.54 -33.97 19.93
CA LYS D 362 0.25 -34.14 21.18
C LYS D 362 -0.40 -35.23 22.04
N VAL D 363 -1.72 -35.14 22.22
CA VAL D 363 -2.44 -36.08 23.11
C VAL D 363 -2.39 -37.49 22.52
N ALA D 364 -2.54 -37.65 21.20
CA ALA D 364 -2.49 -38.97 20.54
C ALA D 364 -1.18 -39.66 20.92
N HIS D 365 -0.07 -38.92 20.85
CA HIS D 365 1.29 -39.49 21.05
C HIS D 365 1.56 -39.64 22.56
N ALA D 366 1.09 -38.70 23.39
CA ALA D 366 1.34 -38.75 24.85
C ALA D 366 0.61 -39.94 25.47
N LEU D 367 -0.64 -40.20 25.08
CA LEU D 367 -1.39 -41.34 25.66
C LEU D 367 -0.70 -42.64 25.25
N ARG D 368 -0.21 -42.73 24.01
CA ARG D 368 0.49 -43.97 23.56
C ARG D 368 1.74 -44.19 24.41
N ARG D 369 2.49 -43.13 24.69
CA ARG D 369 3.76 -43.22 25.46
C ARG D 369 3.48 -43.61 26.92
N THR D 370 2.47 -43.00 27.53
CA THR D 370 2.21 -43.10 29.00
C THR D 370 1.24 -44.25 29.33
N SER D 371 0.51 -44.77 28.35
CA SER D 371 -0.62 -45.72 28.53
C SER D 371 -1.76 -45.09 29.34
N GLU D 372 -1.78 -43.76 29.51
CA GLU D 372 -2.97 -43.05 30.01
C GLU D 372 -4.15 -43.41 29.07
N ARG D 373 -5.36 -43.44 29.61
CA ARG D 373 -6.55 -43.93 28.86
C ARG D 373 -7.38 -42.77 28.33
N ARG D 374 -7.53 -41.69 29.09
CA ARG D 374 -8.59 -40.67 28.84
C ARG D 374 -7.99 -39.27 28.83
N ALA D 375 -8.33 -38.48 27.81
CA ALA D 375 -7.85 -37.09 27.71
C ALA D 375 -8.99 -36.19 27.24
N VAL D 376 -8.85 -34.91 27.54
CA VAL D 376 -9.71 -33.86 26.94
C VAL D 376 -8.78 -32.83 26.28
N VAL D 377 -9.07 -32.50 25.03
CA VAL D 377 -8.45 -31.36 24.31
C VAL D 377 -9.49 -30.23 24.25
N SER D 378 -9.13 -29.03 24.62
CA SER D 378 -10.07 -27.89 24.55
C SER D 378 -9.32 -26.60 24.19
N LEU D 379 -9.97 -25.73 23.46
CA LEU D 379 -9.43 -24.39 23.11
C LEU D 379 -10.50 -23.32 23.35
N CYS D 380 -10.09 -22.20 23.94
CA CYS D 380 -10.88 -20.95 23.94
C CYS D 380 -10.81 -20.35 22.54
N ILE D 381 -11.80 -19.53 22.22
CA ILE D 381 -12.00 -19.05 20.83
C ILE D 381 -12.37 -17.57 20.89
N GLY D 382 -11.54 -16.76 20.23
CA GLY D 382 -11.84 -15.32 20.09
C GLY D 382 -13.26 -15.15 19.58
N GLY D 383 -13.95 -14.12 20.06
CA GLY D 383 -15.36 -13.91 19.75
C GLY D 383 -16.26 -14.61 20.74
N GLY D 384 -15.70 -15.37 21.69
CA GLY D 384 -16.47 -15.97 22.80
C GLY D 384 -16.96 -17.36 22.48
N GLN D 385 -16.06 -18.28 22.12
CA GLN D 385 -16.47 -19.69 21.91
C GLN D 385 -15.49 -20.62 22.61
N GLY D 386 -15.84 -21.90 22.64
CA GLY D 386 -15.00 -22.96 23.18
C GLY D 386 -15.27 -24.23 22.43
N ILE D 387 -14.24 -25.04 22.23
CA ILE D 387 -14.38 -26.38 21.60
C ILE D 387 -13.64 -27.39 22.50
N ALA D 388 -14.19 -28.57 22.65
CA ALA D 388 -13.60 -29.65 23.47
C ALA D 388 -13.88 -31.00 22.81
N LEU D 389 -12.89 -31.90 22.87
CA LEU D 389 -13.07 -33.31 22.51
C LEU D 389 -12.61 -34.17 23.67
N ALA D 390 -13.46 -35.11 24.07
CA ALA D 390 -13.13 -36.18 25.02
C ALA D 390 -12.62 -37.37 24.19
N LEU D 391 -11.42 -37.86 24.55
CA LEU D 391 -10.62 -38.78 23.69
C LEU D 391 -10.14 -39.96 24.54
N GLU D 392 -10.23 -41.16 23.98
CA GLU D 392 -9.80 -42.38 24.70
C GLU D 392 -8.72 -43.08 23.85
N ARG D 393 -7.67 -43.53 24.50
CA ARG D 393 -6.60 -44.30 23.82
C ARG D 393 -7.21 -45.57 23.24
N VAL D 394 -6.85 -45.90 22.01
CA VAL D 394 -7.15 -47.21 21.37
C VAL D 394 -5.92 -48.10 21.57
N LYS D 395 -6.09 -49.32 22.09
CA LYS D 395 -5.00 -50.33 22.23
C LYS D 395 -4.54 -50.78 20.84
N LEU D 396 -3.27 -51.20 20.70
CA LEU D 396 -2.60 -51.49 19.40
C LEU D 396 -3.17 -52.77 18.75
#